data_5YTV
# 
_entry.id   5YTV 
# 
_audit_conform.dict_name       mmcif_pdbx.dic 
_audit_conform.dict_version    5.380 
_audit_conform.dict_location   http://mmcif.pdb.org/dictionaries/ascii/mmcif_pdbx.dic 
# 
loop_
_database_2.database_id 
_database_2.database_code 
_database_2.pdbx_database_accession 
_database_2.pdbx_DOI 
PDB   5YTV         pdb_00005ytv 10.2210/pdb5ytv/pdb 
WWPDB D_1300005401 ?            ?                   
# 
loop_
_pdbx_database_related.db_name 
_pdbx_database_related.details 
_pdbx_database_related.db_id 
_pdbx_database_related.content_type 
PDB . 5YTS unspecified 
PDB . 5YTT unspecified 
PDB . 5YTX unspecified 
# 
_pdbx_database_status.status_code                     REL 
_pdbx_database_status.status_code_sf                  REL 
_pdbx_database_status.status_code_mr                  ? 
_pdbx_database_status.entry_id                        5YTV 
_pdbx_database_status.recvd_initial_deposition_date   2017-11-20 
_pdbx_database_status.SG_entry                        N 
_pdbx_database_status.deposit_site                    PDBJ 
_pdbx_database_status.process_site                    PDBJ 
_pdbx_database_status.status_code_cs                  ? 
_pdbx_database_status.methods_development_category    ? 
_pdbx_database_status.pdb_format_compatible           Y 
_pdbx_database_status.status_code_nmr_data            ? 
# 
loop_
_audit_author.name 
_audit_author.pdbx_ordinal 
_audit_author.identifier_ORCID 
'Yang, X.'  1 ? 
'Huang, Y.' 2 ? 
# 
_citation.abstract                  ? 
_citation.abstract_id_CAS           ? 
_citation.book_id_ISBN              ? 
_citation.book_publisher            ? 
_citation.book_publisher_city       ? 
_citation.book_title                ? 
_citation.coordinate_linkage        ? 
_citation.country                   US 
_citation.database_id_Medline       ? 
_citation.details                   ? 
_citation.id                        primary 
_citation.journal_abbrev            J.Biol.Chem. 
_citation.journal_id_ASTM           JBCHA3 
_citation.journal_id_CSD            0071 
_citation.journal_id_ISSN           1083-351X 
_citation.journal_full              ? 
_citation.journal_issue             ? 
_citation.journal_volume            294 
_citation.language                  ? 
_citation.page_first                10998 
_citation.page_last                 11010 
_citation.title                     
'Crystal structure of a Y-box binding protein 1 (YB-1)-RNA complex reveals key features and residues interacting with RNA.' 
_citation.year                      2019 
_citation.database_id_CSD           ? 
_citation.pdbx_database_id_DOI      10.1074/jbc.RA119.007545 
_citation.pdbx_database_id_PubMed   31160337 
_citation.unpublished_flag          ? 
# 
loop_
_citation_author.citation_id 
_citation_author.name 
_citation_author.ordinal 
_citation_author.identifier_ORCID 
primary 'Yang, X.J.' 1 ?                   
primary 'Zhu, H.'    2 ?                   
primary 'Mu, S.R.'   3 ?                   
primary 'Wei, W.J.'  4 ?                   
primary 'Yuan, X.'   5 ?                   
primary 'Wang, M.'   6 ?                   
primary 'Liu, Y.'    7 0000-0002-6647-8491 
primary 'Hui, J.'    8 0000-0002-1999-4776 
primary 'Huang, Y.'  9 0000-0002-2806-2874 
# 
_cell.angle_alpha                  90.00 
_cell.angle_alpha_esd              ? 
_cell.angle_beta                   90.00 
_cell.angle_beta_esd               ? 
_cell.angle_gamma                  120.00 
_cell.angle_gamma_esd              ? 
_cell.entry_id                     5YTV 
_cell.details                      ? 
_cell.formula_units_Z              ? 
_cell.length_a                     66.275 
_cell.length_a_esd                 ? 
_cell.length_b                     66.275 
_cell.length_b_esd                 ? 
_cell.length_c                     35.195 
_cell.length_c_esd                 ? 
_cell.volume                       ? 
_cell.volume_esd                   ? 
_cell.Z_PDB                        6 
_cell.reciprocal_angle_alpha       ? 
_cell.reciprocal_angle_beta        ? 
_cell.reciprocal_angle_gamma       ? 
_cell.reciprocal_angle_alpha_esd   ? 
_cell.reciprocal_angle_beta_esd    ? 
_cell.reciprocal_angle_gamma_esd   ? 
_cell.reciprocal_length_a          ? 
_cell.reciprocal_length_b          ? 
_cell.reciprocal_length_c          ? 
_cell.reciprocal_length_a_esd      ? 
_cell.reciprocal_length_b_esd      ? 
_cell.reciprocal_length_c_esd      ? 
_cell.pdbx_unique_axis             ? 
# 
_symmetry.entry_id                         5YTV 
_symmetry.cell_setting                     ? 
_symmetry.Int_Tables_number                171 
_symmetry.space_group_name_Hall            ? 
_symmetry.space_group_name_H-M             'P 62' 
_symmetry.pdbx_full_space_group_name_H-M   ? 
# 
loop_
_entity.id 
_entity.type 
_entity.src_method 
_entity.pdbx_description 
_entity.formula_weight 
_entity.pdbx_number_of_molecules 
_entity.pdbx_ec 
_entity.pdbx_mutation 
_entity.pdbx_fragment 
_entity.details 
1 polymer man 'Nuclease-sensitive element-binding protein 1' 8997.026 1  ? ? ? ? 
2 polymer syn 
;RNA (5'-R(P*UP*CP*AP*UP*CP*U)-3')
;
1813.109 1  ? ? ? ? 
3 water   nat water                                          18.015   53 ? ? ? ? 
# 
_entity_name_com.entity_id   1 
_entity_name_com.name        
;CCAAT-binding transcription factor I subunit A,CBF-A,DNA-binding protein B,DBPB,Enhancer factor I subunit A,EFI-A,Y-box transcription factor,Y-box-binding protein 1,YB-1
;
# 
loop_
_entity_poly.entity_id 
_entity_poly.type 
_entity_poly.nstd_linkage 
_entity_poly.nstd_monomer 
_entity_poly.pdbx_seq_one_letter_code 
_entity_poly.pdbx_seq_one_letter_code_can 
_entity_poly.pdbx_strand_id 
_entity_poly.pdbx_target_identifier 
1 'polypeptide(L)'   no no 
;GSGDKKVIATKVLGTVKWFNVRNGYGFINRNDTKEDVFVHQTAIKKNNPRKYLRSVGDGETVEFDVVEGEKGAEAANVTG
PGG
;
;GSGDKKVIATKVLGTVKWFNVRNGYGFINRNDTKEDVFVHQTAIKKNNPRKYLRSVGDGETVEFDVVEGEKGAEAANVTG
PGG
;
A ? 
2 polyribonucleotide no no UCAUCU                                                                                 UCAUCU B ? 
# 
loop_
_entity_poly_seq.entity_id 
_entity_poly_seq.num 
_entity_poly_seq.mon_id 
_entity_poly_seq.hetero 
1 1  GLY n 
1 2  SER n 
1 3  GLY n 
1 4  ASP n 
1 5  LYS n 
1 6  LYS n 
1 7  VAL n 
1 8  ILE n 
1 9  ALA n 
1 10 THR n 
1 11 LYS n 
1 12 VAL n 
1 13 LEU n 
1 14 GLY n 
1 15 THR n 
1 16 VAL n 
1 17 LYS n 
1 18 TRP n 
1 19 PHE n 
1 20 ASN n 
1 21 VAL n 
1 22 ARG n 
1 23 ASN n 
1 24 GLY n 
1 25 TYR n 
1 26 GLY n 
1 27 PHE n 
1 28 ILE n 
1 29 ASN n 
1 30 ARG n 
1 31 ASN n 
1 32 ASP n 
1 33 THR n 
1 34 LYS n 
1 35 GLU n 
1 36 ASP n 
1 37 VAL n 
1 38 PHE n 
1 39 VAL n 
1 40 HIS n 
1 41 GLN n 
1 42 THR n 
1 43 ALA n 
1 44 ILE n 
1 45 LYS n 
1 46 LYS n 
1 47 ASN n 
1 48 ASN n 
1 49 PRO n 
1 50 ARG n 
1 51 LYS n 
1 52 TYR n 
1 53 LEU n 
1 54 ARG n 
1 55 SER n 
1 56 VAL n 
1 57 GLY n 
1 58 ASP n 
1 59 GLY n 
1 60 GLU n 
1 61 THR n 
1 62 VAL n 
1 63 GLU n 
1 64 PHE n 
1 65 ASP n 
1 66 VAL n 
1 67 VAL n 
1 68 GLU n 
1 69 GLY n 
1 70 GLU n 
1 71 LYS n 
1 72 GLY n 
1 73 ALA n 
1 74 GLU n 
1 75 ALA n 
1 76 ALA n 
1 77 ASN n 
1 78 VAL n 
1 79 THR n 
1 80 GLY n 
1 81 PRO n 
1 82 GLY n 
1 83 GLY n 
2 1  U   n 
2 2  C   n 
2 3  A   n 
2 4  U   n 
2 5  C   n 
2 6  U   n 
# 
_entity_src_gen.entity_id                          1 
_entity_src_gen.pdbx_src_id                        1 
_entity_src_gen.pdbx_alt_source_flag               sample 
_entity_src_gen.pdbx_seq_type                      'Biological sequence' 
_entity_src_gen.pdbx_beg_seq_num                   1 
_entity_src_gen.pdbx_end_seq_num                   83 
_entity_src_gen.gene_src_common_name               Human 
_entity_src_gen.gene_src_genus                     ? 
_entity_src_gen.pdbx_gene_src_gene                 'YBX1, NSEP1, YB1' 
_entity_src_gen.gene_src_species                   ? 
_entity_src_gen.gene_src_strain                    ? 
_entity_src_gen.gene_src_tissue                    ? 
_entity_src_gen.gene_src_tissue_fraction           ? 
_entity_src_gen.gene_src_details                   ? 
_entity_src_gen.pdbx_gene_src_fragment             ? 
_entity_src_gen.pdbx_gene_src_scientific_name      'Homo sapiens' 
_entity_src_gen.pdbx_gene_src_ncbi_taxonomy_id     9606 
_entity_src_gen.pdbx_gene_src_variant              ? 
_entity_src_gen.pdbx_gene_src_cell_line            ? 
_entity_src_gen.pdbx_gene_src_atcc                 ? 
_entity_src_gen.pdbx_gene_src_organ                ? 
_entity_src_gen.pdbx_gene_src_organelle            ? 
_entity_src_gen.pdbx_gene_src_cell                 ? 
_entity_src_gen.pdbx_gene_src_cellular_location    ? 
_entity_src_gen.host_org_common_name               ? 
_entity_src_gen.pdbx_host_org_scientific_name      'Escherichia coli' 
_entity_src_gen.pdbx_host_org_ncbi_taxonomy_id     562 
_entity_src_gen.host_org_genus                     ? 
_entity_src_gen.pdbx_host_org_gene                 ? 
_entity_src_gen.pdbx_host_org_organ                ? 
_entity_src_gen.host_org_species                   ? 
_entity_src_gen.pdbx_host_org_tissue               ? 
_entity_src_gen.pdbx_host_org_tissue_fraction      ? 
_entity_src_gen.pdbx_host_org_strain               ? 
_entity_src_gen.pdbx_host_org_variant              ? 
_entity_src_gen.pdbx_host_org_cell_line            ? 
_entity_src_gen.pdbx_host_org_atcc                 ? 
_entity_src_gen.pdbx_host_org_culture_collection   ? 
_entity_src_gen.pdbx_host_org_cell                 ? 
_entity_src_gen.pdbx_host_org_organelle            ? 
_entity_src_gen.pdbx_host_org_cellular_location    ? 
_entity_src_gen.pdbx_host_org_vector_type          ? 
_entity_src_gen.pdbx_host_org_vector               ? 
_entity_src_gen.host_org_details                   ? 
_entity_src_gen.expression_system_id               ? 
_entity_src_gen.plasmid_name                       ? 
_entity_src_gen.plasmid_details                    ? 
_entity_src_gen.pdbx_description                   ? 
# 
_pdbx_entity_src_syn.entity_id              2 
_pdbx_entity_src_syn.pdbx_src_id            1 
_pdbx_entity_src_syn.pdbx_alt_source_flag   sample 
_pdbx_entity_src_syn.pdbx_beg_seq_num       1 
_pdbx_entity_src_syn.pdbx_end_seq_num       6 
_pdbx_entity_src_syn.organism_scientific    'synthetic construct' 
_pdbx_entity_src_syn.organism_common_name   ? 
_pdbx_entity_src_syn.ncbi_taxonomy_id       32630 
_pdbx_entity_src_syn.details                ? 
# 
loop_
_struct_ref.id 
_struct_ref.db_name 
_struct_ref.db_code 
_struct_ref.pdbx_db_accession 
_struct_ref.pdbx_db_isoform 
_struct_ref.entity_id 
_struct_ref.pdbx_seq_one_letter_code 
_struct_ref.pdbx_align_begin 
1 UNP YBOX1_HUMAN P67809 ? 1 
;GDKKVIATKVLGTVKWFNVRNGYGFINRNDTKEDVFVHQTAIKKNNPRKYLRSVGDGETVEFDVVEGEKGAEAANVTGPG
G
;
50 
2 PDB 5YTV        5YTV   ? 2 ?                                                                                    1  
# 
loop_
_struct_ref_seq.align_id 
_struct_ref_seq.ref_id 
_struct_ref_seq.pdbx_PDB_id_code 
_struct_ref_seq.pdbx_strand_id 
_struct_ref_seq.seq_align_beg 
_struct_ref_seq.pdbx_seq_align_beg_ins_code 
_struct_ref_seq.seq_align_end 
_struct_ref_seq.pdbx_seq_align_end_ins_code 
_struct_ref_seq.pdbx_db_accession 
_struct_ref_seq.db_align_beg 
_struct_ref_seq.pdbx_db_align_beg_ins_code 
_struct_ref_seq.db_align_end 
_struct_ref_seq.pdbx_db_align_end_ins_code 
_struct_ref_seq.pdbx_auth_seq_align_beg 
_struct_ref_seq.pdbx_auth_seq_align_end 
1 1 5YTV A 3 ? 83 ? P67809 50 ? 130 ? 50 130 
2 2 5YTV B 1 ? 6  ? 5YTV   1  ? 6   ? 1  6   
# 
loop_
_struct_ref_seq_dif.align_id 
_struct_ref_seq_dif.pdbx_pdb_id_code 
_struct_ref_seq_dif.mon_id 
_struct_ref_seq_dif.pdbx_pdb_strand_id 
_struct_ref_seq_dif.seq_num 
_struct_ref_seq_dif.pdbx_pdb_ins_code 
_struct_ref_seq_dif.pdbx_seq_db_name 
_struct_ref_seq_dif.pdbx_seq_db_accession_code 
_struct_ref_seq_dif.db_mon_id 
_struct_ref_seq_dif.pdbx_seq_db_seq_num 
_struct_ref_seq_dif.details 
_struct_ref_seq_dif.pdbx_auth_seq_num 
_struct_ref_seq_dif.pdbx_ordinal 
1 5YTV GLY A 1 ? UNP P67809 ? ? 'expression tag' 48 1 
1 5YTV SER A 2 ? UNP P67809 ? ? 'expression tag' 49 2 
# 
loop_
_chem_comp.id 
_chem_comp.type 
_chem_comp.mon_nstd_flag 
_chem_comp.name 
_chem_comp.pdbx_synonyms 
_chem_comp.formula 
_chem_comp.formula_weight 
A   'RNA linking'       y "ADENOSINE-5'-MONOPHOSPHATE" ? 'C10 H14 N5 O7 P' 347.221 
ALA 'L-peptide linking' y ALANINE                      ? 'C3 H7 N O2'      89.093  
ARG 'L-peptide linking' y ARGININE                     ? 'C6 H15 N4 O2 1'  175.209 
ASN 'L-peptide linking' y ASPARAGINE                   ? 'C4 H8 N2 O3'     132.118 
ASP 'L-peptide linking' y 'ASPARTIC ACID'              ? 'C4 H7 N O4'      133.103 
C   'RNA linking'       y "CYTIDINE-5'-MONOPHOSPHATE"  ? 'C9 H14 N3 O8 P'  323.197 
GLN 'L-peptide linking' y GLUTAMINE                    ? 'C5 H10 N2 O3'    146.144 
GLU 'L-peptide linking' y 'GLUTAMIC ACID'              ? 'C5 H9 N O4'      147.129 
GLY 'peptide linking'   y GLYCINE                      ? 'C2 H5 N O2'      75.067  
HIS 'L-peptide linking' y HISTIDINE                    ? 'C6 H10 N3 O2 1'  156.162 
HOH non-polymer         . WATER                        ? 'H2 O'            18.015  
ILE 'L-peptide linking' y ISOLEUCINE                   ? 'C6 H13 N O2'     131.173 
LEU 'L-peptide linking' y LEUCINE                      ? 'C6 H13 N O2'     131.173 
LYS 'L-peptide linking' y LYSINE                       ? 'C6 H15 N2 O2 1'  147.195 
PHE 'L-peptide linking' y PHENYLALANINE                ? 'C9 H11 N O2'     165.189 
PRO 'L-peptide linking' y PROLINE                      ? 'C5 H9 N O2'      115.130 
SER 'L-peptide linking' y SERINE                       ? 'C3 H7 N O3'      105.093 
THR 'L-peptide linking' y THREONINE                    ? 'C4 H9 N O3'      119.119 
TRP 'L-peptide linking' y TRYPTOPHAN                   ? 'C11 H12 N2 O2'   204.225 
TYR 'L-peptide linking' y TYROSINE                     ? 'C9 H11 N O3'     181.189 
U   'RNA linking'       y "URIDINE-5'-MONOPHOSPHATE"   ? 'C9 H13 N2 O9 P'  324.181 
VAL 'L-peptide linking' y VALINE                       ? 'C5 H11 N O2'     117.146 
# 
_exptl.absorpt_coefficient_mu     ? 
_exptl.absorpt_correction_T_max   ? 
_exptl.absorpt_correction_T_min   ? 
_exptl.absorpt_correction_type    ? 
_exptl.absorpt_process_details    ? 
_exptl.entry_id                   5YTV 
_exptl.crystals_number            1 
_exptl.details                    ? 
_exptl.method                     'X-RAY DIFFRACTION' 
_exptl.method_details             ? 
# 
_exptl_crystal.colour                      ? 
_exptl_crystal.density_diffrn              ? 
_exptl_crystal.density_Matthews            2.06 
_exptl_crystal.density_method              ? 
_exptl_crystal.density_percent_sol         40.41 
_exptl_crystal.description                 ? 
_exptl_crystal.F_000                       ? 
_exptl_crystal.id                          1 
_exptl_crystal.preparation                 ? 
_exptl_crystal.size_max                    ? 
_exptl_crystal.size_mid                    ? 
_exptl_crystal.size_min                    ? 
_exptl_crystal.size_rad                    ? 
_exptl_crystal.colour_lustre               ? 
_exptl_crystal.colour_modifier             ? 
_exptl_crystal.colour_primary              ? 
_exptl_crystal.density_meas                ? 
_exptl_crystal.density_meas_esd            ? 
_exptl_crystal.density_meas_gt             ? 
_exptl_crystal.density_meas_lt             ? 
_exptl_crystal.density_meas_temp           ? 
_exptl_crystal.density_meas_temp_esd       ? 
_exptl_crystal.density_meas_temp_gt        ? 
_exptl_crystal.density_meas_temp_lt        ? 
_exptl_crystal.pdbx_crystal_image_url      ? 
_exptl_crystal.pdbx_crystal_image_format   ? 
_exptl_crystal.pdbx_mosaicity              ? 
_exptl_crystal.pdbx_mosaicity_esd          ? 
# 
_exptl_crystal_grow.apparatus       ? 
_exptl_crystal_grow.atmosphere      ? 
_exptl_crystal_grow.crystal_id      1 
_exptl_crystal_grow.details         ? 
_exptl_crystal_grow.method          'VAPOR DIFFUSION, HANGING DROP' 
_exptl_crystal_grow.method_ref      ? 
_exptl_crystal_grow.pH              4.5 
_exptl_crystal_grow.pressure        ? 
_exptl_crystal_grow.pressure_esd    ? 
_exptl_crystal_grow.seeding         ? 
_exptl_crystal_grow.seeding_ref     ? 
_exptl_crystal_grow.temp            290 
_exptl_crystal_grow.temp_details    ? 
_exptl_crystal_grow.temp_esd        ? 
_exptl_crystal_grow.time            ? 
_exptl_crystal_grow.pdbx_details    '30 % (v/v) 2-methyl-2,4-pentanediol, 0.1 M sodium acetate, pH 4.5, 25 % (w/v) PEG 1500' 
_exptl_crystal_grow.pdbx_pH_range   ? 
# 
_diffrn.ambient_environment    ? 
_diffrn.ambient_temp           100 
_diffrn.ambient_temp_details   ? 
_diffrn.ambient_temp_esd       ? 
_diffrn.crystal_id             1 
_diffrn.crystal_support        ? 
_diffrn.crystal_treatment      ? 
_diffrn.details                ? 
_diffrn.id                     1 
_diffrn.ambient_pressure       ? 
_diffrn.ambient_pressure_esd   ? 
_diffrn.ambient_pressure_gt    ? 
_diffrn.ambient_pressure_lt    ? 
_diffrn.ambient_temp_gt        ? 
_diffrn.ambient_temp_lt        ? 
# 
_diffrn_detector.details                      ? 
_diffrn_detector.detector                     CCD 
_diffrn_detector.diffrn_id                    1 
_diffrn_detector.type                         'ADSC QUANTUM 315' 
_diffrn_detector.area_resol_mean              ? 
_diffrn_detector.dtime                        ? 
_diffrn_detector.pdbx_frames_total            ? 
_diffrn_detector.pdbx_collection_time_total   ? 
_diffrn_detector.pdbx_collection_date         2011-03-06 
# 
_diffrn_radiation.collimation                      ? 
_diffrn_radiation.diffrn_id                        1 
_diffrn_radiation.filter_edge                      ? 
_diffrn_radiation.inhomogeneity                    ? 
_diffrn_radiation.monochromator                    ? 
_diffrn_radiation.polarisn_norm                    ? 
_diffrn_radiation.polarisn_ratio                   ? 
_diffrn_radiation.probe                            ? 
_diffrn_radiation.type                             ? 
_diffrn_radiation.xray_symbol                      ? 
_diffrn_radiation.wavelength_id                    1 
_diffrn_radiation.pdbx_monochromatic_or_laue_m_l   M 
_diffrn_radiation.pdbx_wavelength_list             ? 
_diffrn_radiation.pdbx_wavelength                  ? 
_diffrn_radiation.pdbx_diffrn_protocol             'SINGLE WAVELENGTH' 
_diffrn_radiation.pdbx_analyzer                    ? 
_diffrn_radiation.pdbx_scattering_type             x-ray 
# 
_diffrn_radiation_wavelength.id           1 
_diffrn_radiation_wavelength.wavelength   0.979 
_diffrn_radiation_wavelength.wt           1.0 
# 
_diffrn_source.current                     ? 
_diffrn_source.details                     ? 
_diffrn_source.diffrn_id                   1 
_diffrn_source.power                       ? 
_diffrn_source.size                        ? 
_diffrn_source.source                      SYNCHROTRON 
_diffrn_source.target                      ? 
_diffrn_source.type                        'SSRF BEAMLINE BL17U1' 
_diffrn_source.voltage                     ? 
_diffrn_source.take-off_angle              ? 
_diffrn_source.pdbx_wavelength_list        0.979 
_diffrn_source.pdbx_wavelength             ? 
_diffrn_source.pdbx_synchrotron_beamline   BL17U1 
_diffrn_source.pdbx_synchrotron_site       SSRF 
# 
_reflns.B_iso_Wilson_estimate            ? 
_reflns.entry_id                         5YTV 
_reflns.data_reduction_details           ? 
_reflns.data_reduction_method            ? 
_reflns.d_resolution_high                1.7 
_reflns.d_resolution_low                 30.003 
_reflns.details                          ? 
_reflns.limit_h_max                      ? 
_reflns.limit_h_min                      ? 
_reflns.limit_k_max                      ? 
_reflns.limit_k_min                      ? 
_reflns.limit_l_max                      ? 
_reflns.limit_l_min                      ? 
_reflns.number_all                       ? 
_reflns.number_obs                       9693 
_reflns.observed_criterion               ? 
_reflns.observed_criterion_F_max         ? 
_reflns.observed_criterion_F_min         ? 
_reflns.observed_criterion_I_max         ? 
_reflns.observed_criterion_I_min         ? 
_reflns.observed_criterion_sigma_F       ? 
_reflns.observed_criterion_sigma_I       ? 
_reflns.percent_possible_obs             100.00 
_reflns.R_free_details                   ? 
_reflns.Rmerge_F_all                     ? 
_reflns.Rmerge_F_obs                     ? 
_reflns.Friedel_coverage                 ? 
_reflns.number_gt                        ? 
_reflns.threshold_expression             ? 
_reflns.pdbx_redundancy                  16.6 
_reflns.pdbx_Rmerge_I_obs                ? 
_reflns.pdbx_Rmerge_I_all                ? 
_reflns.pdbx_Rsym_value                  ? 
_reflns.pdbx_netI_over_av_sigmaI         ? 
_reflns.pdbx_netI_over_sigmaI            30.0 
_reflns.pdbx_res_netI_over_av_sigmaI_2   ? 
_reflns.pdbx_res_netI_over_sigmaI_2      ? 
_reflns.pdbx_chi_squared                 ? 
_reflns.pdbx_scaling_rejects             ? 
_reflns.pdbx_d_res_high_opt              ? 
_reflns.pdbx_d_res_low_opt               ? 
_reflns.pdbx_d_res_opt_method            ? 
_reflns.phase_calculation_details        ? 
_reflns.pdbx_Rrim_I_all                  ? 
_reflns.pdbx_Rpim_I_all                  ? 
_reflns.pdbx_d_opt                       ? 
_reflns.pdbx_number_measured_all         ? 
_reflns.pdbx_diffrn_id                   1 
_reflns.pdbx_ordinal                     1 
_reflns.pdbx_CC_half                     ? 
_reflns.pdbx_R_split                     ? 
# 
_reflns_shell.d_res_high                  1.70 
_reflns_shell.d_res_low                   1.76 
_reflns_shell.meanI_over_sigI_all         ? 
_reflns_shell.meanI_over_sigI_obs         ? 
_reflns_shell.number_measured_all         ? 
_reflns_shell.number_measured_obs         ? 
_reflns_shell.number_possible             ? 
_reflns_shell.number_unique_all           ? 
_reflns_shell.number_unique_obs           ? 
_reflns_shell.percent_possible_all        ? 
_reflns_shell.percent_possible_obs        ? 
_reflns_shell.Rmerge_F_all                ? 
_reflns_shell.Rmerge_F_obs                ? 
_reflns_shell.Rmerge_I_all                ? 
_reflns_shell.Rmerge_I_obs                ? 
_reflns_shell.meanI_over_sigI_gt          ? 
_reflns_shell.meanI_over_uI_all           ? 
_reflns_shell.meanI_over_uI_gt            ? 
_reflns_shell.number_measured_gt          ? 
_reflns_shell.number_unique_gt            ? 
_reflns_shell.percent_possible_gt         ? 
_reflns_shell.Rmerge_F_gt                 ? 
_reflns_shell.Rmerge_I_gt                 ? 
_reflns_shell.pdbx_redundancy             ? 
_reflns_shell.pdbx_Rsym_value             ? 
_reflns_shell.pdbx_chi_squared            ? 
_reflns_shell.pdbx_netI_over_sigmaI_all   ? 
_reflns_shell.pdbx_netI_over_sigmaI_obs   ? 
_reflns_shell.pdbx_Rrim_I_all             ? 
_reflns_shell.pdbx_Rpim_I_all             ? 
_reflns_shell.pdbx_rejects                ? 
_reflns_shell.pdbx_ordinal                1 
_reflns_shell.pdbx_diffrn_id              1 
_reflns_shell.pdbx_CC_half                ? 
_reflns_shell.pdbx_R_split                ? 
# 
_refine.aniso_B[1][1]                            ? 
_refine.aniso_B[1][2]                            ? 
_refine.aniso_B[1][3]                            ? 
_refine.aniso_B[2][2]                            ? 
_refine.aniso_B[2][3]                            ? 
_refine.aniso_B[3][3]                            ? 
_refine.B_iso_max                                ? 
_refine.B_iso_mean                               ? 
_refine.B_iso_min                                ? 
_refine.correlation_coeff_Fo_to_Fc               ? 
_refine.correlation_coeff_Fo_to_Fc_free          ? 
_refine.details                                  ? 
_refine.diff_density_max                         ? 
_refine.diff_density_max_esd                     ? 
_refine.diff_density_min                         ? 
_refine.diff_density_min_esd                     ? 
_refine.diff_density_rms                         ? 
_refine.diff_density_rms_esd                     ? 
_refine.entry_id                                 5YTV 
_refine.pdbx_refine_id                           'X-RAY DIFFRACTION' 
_refine.ls_abs_structure_details                 ? 
_refine.ls_abs_structure_Flack                   ? 
_refine.ls_abs_structure_Flack_esd               ? 
_refine.ls_abs_structure_Rogers                  ? 
_refine.ls_abs_structure_Rogers_esd              ? 
_refine.ls_d_res_high                            1.700 
_refine.ls_d_res_low                             30.003 
_refine.ls_extinction_coef                       ? 
_refine.ls_extinction_coef_esd                   ? 
_refine.ls_extinction_expression                 ? 
_refine.ls_extinction_method                     ? 
_refine.ls_goodness_of_fit_all                   ? 
_refine.ls_goodness_of_fit_all_esd               ? 
_refine.ls_goodness_of_fit_obs                   ? 
_refine.ls_goodness_of_fit_obs_esd               ? 
_refine.ls_hydrogen_treatment                    ? 
_refine.ls_matrix_type                           ? 
_refine.ls_number_constraints                    ? 
_refine.ls_number_parameters                     ? 
_refine.ls_number_reflns_all                     ? 
_refine.ls_number_reflns_obs                     9677 
_refine.ls_number_reflns_R_free                  976 
_refine.ls_number_reflns_R_work                  ? 
_refine.ls_number_restraints                     ? 
_refine.ls_percent_reflns_obs                    98.28 
_refine.ls_percent_reflns_R_free                 10.09 
_refine.ls_R_factor_all                          ? 
_refine.ls_R_factor_obs                          0.1992 
_refine.ls_R_factor_R_free                       0.2276 
_refine.ls_R_factor_R_free_error                 ? 
_refine.ls_R_factor_R_free_error_details         ? 
_refine.ls_R_factor_R_work                       0.1961 
_refine.ls_R_Fsqd_factor_obs                     ? 
_refine.ls_R_I_factor_obs                        ? 
_refine.ls_redundancy_reflns_all                 ? 
_refine.ls_redundancy_reflns_obs                 ? 
_refine.ls_restrained_S_all                      ? 
_refine.ls_restrained_S_obs                      ? 
_refine.ls_shift_over_esd_max                    ? 
_refine.ls_shift_over_esd_mean                   ? 
_refine.ls_structure_factor_coef                 ? 
_refine.ls_weighting_details                     ? 
_refine.ls_weighting_scheme                      ? 
_refine.ls_wR_factor_all                         ? 
_refine.ls_wR_factor_obs                         ? 
_refine.ls_wR_factor_R_free                      ? 
_refine.ls_wR_factor_R_work                      ? 
_refine.occupancy_max                            ? 
_refine.occupancy_min                            ? 
_refine.solvent_model_details                    ? 
_refine.solvent_model_param_bsol                 ? 
_refine.solvent_model_param_ksol                 ? 
_refine.ls_R_factor_gt                           ? 
_refine.ls_goodness_of_fit_gt                    ? 
_refine.ls_goodness_of_fit_ref                   ? 
_refine.ls_shift_over_su_max                     ? 
_refine.ls_shift_over_su_max_lt                  ? 
_refine.ls_shift_over_su_mean                    ? 
_refine.ls_shift_over_su_mean_lt                 ? 
_refine.pdbx_ls_sigma_I                          ? 
_refine.pdbx_ls_sigma_F                          1.66 
_refine.pdbx_ls_sigma_Fsqd                       ? 
_refine.pdbx_data_cutoff_high_absF               ? 
_refine.pdbx_data_cutoff_high_rms_absF           ? 
_refine.pdbx_data_cutoff_low_absF                ? 
_refine.pdbx_isotropic_thermal_model             ? 
_refine.pdbx_ls_cross_valid_method               'FREE R-VALUE' 
_refine.pdbx_method_to_determine_struct          'MOLECULAR REPLACEMENT' 
_refine.pdbx_starting_model                      3PF5 
_refine.pdbx_stereochemistry_target_values       ? 
_refine.pdbx_R_Free_selection_details            ? 
_refine.pdbx_stereochem_target_val_spec_case     ? 
_refine.pdbx_overall_ESU_R                       ? 
_refine.pdbx_overall_ESU_R_Free                  ? 
_refine.pdbx_solvent_vdw_probe_radii             1.11 
_refine.pdbx_solvent_ion_probe_radii             ? 
_refine.pdbx_solvent_shrinkage_radii             0.90 
_refine.pdbx_real_space_R                        ? 
_refine.pdbx_density_correlation                 ? 
_refine.pdbx_pd_number_of_powder_patterns        ? 
_refine.pdbx_pd_number_of_points                 ? 
_refine.pdbx_pd_meas_number_of_points            ? 
_refine.pdbx_pd_proc_ls_prof_R_factor            ? 
_refine.pdbx_pd_proc_ls_prof_wR_factor           ? 
_refine.pdbx_pd_Marquardt_correlation_coeff      ? 
_refine.pdbx_pd_Fsqrd_R_factor                   ? 
_refine.pdbx_pd_ls_matrix_band_width             ? 
_refine.pdbx_overall_phase_error                 24.65 
_refine.pdbx_overall_SU_R_free_Cruickshank_DPI   ? 
_refine.pdbx_overall_SU_R_free_Blow_DPI          ? 
_refine.pdbx_overall_SU_R_Blow_DPI               ? 
_refine.pdbx_TLS_residual_ADP_flag               ? 
_refine.pdbx_diffrn_id                           1 
_refine.overall_SU_B                             ? 
_refine.overall_SU_ML                            0.17 
_refine.overall_SU_R_Cruickshank_DPI             ? 
_refine.overall_SU_R_free                        ? 
_refine.overall_FOM_free_R_set                   ? 
_refine.overall_FOM_work_R_set                   ? 
_refine.pdbx_average_fsc_overall                 ? 
_refine.pdbx_average_fsc_work                    ? 
_refine.pdbx_average_fsc_free                    ? 
# 
_refine_hist.pdbx_refine_id                   'X-RAY DIFFRACTION' 
_refine_hist.cycle_id                         LAST 
_refine_hist.pdbx_number_atoms_protein        582 
_refine_hist.pdbx_number_atoms_nucleic_acid   82 
_refine_hist.pdbx_number_atoms_ligand         0 
_refine_hist.number_atoms_solvent             53 
_refine_hist.number_atoms_total               717 
_refine_hist.d_res_high                       1.700 
_refine_hist.d_res_low                        30.003 
# 
loop_
_refine_ls_restr.pdbx_refine_id 
_refine_ls_restr.criterion 
_refine_ls_restr.dev_ideal 
_refine_ls_restr.dev_ideal_target 
_refine_ls_restr.number 
_refine_ls_restr.rejects 
_refine_ls_restr.type 
_refine_ls_restr.weight 
_refine_ls_restr.pdbx_restraint_function 
'X-RAY DIFFRACTION' ? 0.007  ? 680 ? f_bond_d           ? ? 
'X-RAY DIFFRACTION' ? 1.071  ? 929 ? f_angle_d          ? ? 
'X-RAY DIFFRACTION' ? 12.701 ? 259 ? f_dihedral_angle_d ? ? 
'X-RAY DIFFRACTION' ? 0.060  ? 108 ? f_chiral_restr     ? ? 
'X-RAY DIFFRACTION' ? 0.004  ? 106 ? f_plane_restr      ? ? 
# 
loop_
_refine_ls_shell.pdbx_refine_id 
_refine_ls_shell.d_res_high 
_refine_ls_shell.d_res_low 
_refine_ls_shell.number_reflns_all 
_refine_ls_shell.number_reflns_obs 
_refine_ls_shell.number_reflns_R_free 
_refine_ls_shell.number_reflns_R_work 
_refine_ls_shell.percent_reflns_obs 
_refine_ls_shell.percent_reflns_R_free 
_refine_ls_shell.R_factor_all 
_refine_ls_shell.R_factor_obs 
_refine_ls_shell.R_factor_R_free 
_refine_ls_shell.R_factor_R_free_error 
_refine_ls_shell.R_factor_R_work 
_refine_ls_shell.redundancy_reflns_all 
_refine_ls_shell.redundancy_reflns_obs 
_refine_ls_shell.wR_factor_all 
_refine_ls_shell.wR_factor_obs 
_refine_ls_shell.wR_factor_R_free 
_refine_ls_shell.wR_factor_R_work 
_refine_ls_shell.pdbx_total_number_of_bins_used 
_refine_ls_shell.pdbx_phase_error 
_refine_ls_shell.pdbx_fsc_work 
_refine_ls_shell.pdbx_fsc_free 
'X-RAY DIFFRACTION' 1.7002 1.7898  . . 123 1111 88.00  . . . 0.2823 . 0.2315 . . . . . . . . . . 
'X-RAY DIFFRACTION' 1.7898 1.9019  . . 137 1240 100.00 . . . 0.2269 . 0.2008 . . . . . . . . . . 
'X-RAY DIFFRACTION' 1.9019 2.0487  . . 139 1257 100.00 . . . 0.2517 . 0.1885 . . . . . . . . . . 
'X-RAY DIFFRACTION' 2.0487 2.2548  . . 143 1254 100.00 . . . 0.2135 . 0.1811 . . . . . . . . . . 
'X-RAY DIFFRACTION' 2.2548 2.5810  . . 142 1258 100.00 . . . 0.2268 . 0.1894 . . . . . . . . . . 
'X-RAY DIFFRACTION' 2.5810 3.2511  . . 145 1276 100.00 . . . 0.2182 . 0.2096 . . . . . . . . . . 
'X-RAY DIFFRACTION' 3.2511 30.0080 . . 147 1305 100.00 . . . 0.2258 . 0.1923 . . . . . . . . . . 
# 
_struct.entry_id                     5YTV 
_struct.title                        'Crystal structure of YB1 cold-shock domain in complex with UCAUCU' 
_struct.pdbx_model_details           ? 
_struct.pdbx_formula_weight          ? 
_struct.pdbx_formula_weight_method   ? 
_struct.pdbx_model_type_details      ? 
_struct.pdbx_CASP_flag               N 
# 
_struct_keywords.entry_id        5YTV 
_struct_keywords.text            'YB1, cold-shock domain, CAUC, RNA BINDING PROTEIN, RNA BINDING PROTEIN-RNA complex' 
_struct_keywords.pdbx_keywords   'RNA BINDING PROTEIN/RNA' 
# 
loop_
_struct_asym.id 
_struct_asym.pdbx_blank_PDB_chainid_flag 
_struct_asym.pdbx_modified 
_struct_asym.entity_id 
_struct_asym.details 
A N N 1 ? 
B N N 2 ? 
C N N 3 ? 
D N N 3 ? 
# 
_struct_conf.conf_type_id            HELX_P 
_struct_conf.id                      HELX_P1 
_struct_conf.pdbx_PDB_helix_id       AA1 
_struct_conf.beg_label_comp_id       THR 
_struct_conf.beg_label_asym_id       A 
_struct_conf.beg_label_seq_id        42 
_struct_conf.pdbx_beg_PDB_ins_code   ? 
_struct_conf.end_label_comp_id       ILE 
_struct_conf.end_label_asym_id       A 
_struct_conf.end_label_seq_id        44 
_struct_conf.pdbx_end_PDB_ins_code   ? 
_struct_conf.beg_auth_comp_id        THR 
_struct_conf.beg_auth_asym_id        A 
_struct_conf.beg_auth_seq_id         89 
_struct_conf.end_auth_comp_id        ILE 
_struct_conf.end_auth_asym_id        A 
_struct_conf.end_auth_seq_id         91 
_struct_conf.pdbx_PDB_helix_class    5 
_struct_conf.details                 ? 
_struct_conf.pdbx_PDB_helix_length   3 
# 
_struct_conf_type.id          HELX_P 
_struct_conf_type.criteria    ? 
_struct_conf_type.reference   ? 
# 
_struct_sheet.id               AA1 
_struct_sheet.type             ? 
_struct_sheet.number_strands   6 
_struct_sheet.details          ? 
# 
loop_
_struct_sheet_order.sheet_id 
_struct_sheet_order.range_id_1 
_struct_sheet_order.range_id_2 
_struct_sheet_order.offset 
_struct_sheet_order.sense 
AA1 1 2 ? anti-parallel 
AA1 2 3 ? anti-parallel 
AA1 3 4 ? parallel      
AA1 4 5 ? anti-parallel 
AA1 5 6 ? anti-parallel 
# 
loop_
_struct_sheet_range.sheet_id 
_struct_sheet_range.id 
_struct_sheet_range.beg_label_comp_id 
_struct_sheet_range.beg_label_asym_id 
_struct_sheet_range.beg_label_seq_id 
_struct_sheet_range.pdbx_beg_PDB_ins_code 
_struct_sheet_range.end_label_comp_id 
_struct_sheet_range.end_label_asym_id 
_struct_sheet_range.end_label_seq_id 
_struct_sheet_range.pdbx_end_PDB_ins_code 
_struct_sheet_range.beg_auth_comp_id 
_struct_sheet_range.beg_auth_asym_id 
_struct_sheet_range.beg_auth_seq_id 
_struct_sheet_range.end_auth_comp_id 
_struct_sheet_range.end_auth_asym_id 
_struct_sheet_range.end_auth_seq_id 
AA1 1 VAL A 7  ? ASN A 20 ? VAL A 54  ASN A 67  
AA1 2 TYR A 25 ? ARG A 30 ? TYR A 72  ARG A 77  
AA1 3 ASP A 36 ? HIS A 40 ? ASP A 83  HIS A 87  
AA1 4 GLY A 72 ? THR A 79 ? GLY A 119 THR A 126 
AA1 5 THR A 61 ? GLY A 69 ? THR A 108 GLY A 116 
AA1 6 VAL A 7  ? ASN A 20 ? VAL A 54  ASN A 67  
# 
loop_
_pdbx_struct_sheet_hbond.sheet_id 
_pdbx_struct_sheet_hbond.range_id_1 
_pdbx_struct_sheet_hbond.range_id_2 
_pdbx_struct_sheet_hbond.range_1_label_atom_id 
_pdbx_struct_sheet_hbond.range_1_label_comp_id 
_pdbx_struct_sheet_hbond.range_1_label_asym_id 
_pdbx_struct_sheet_hbond.range_1_label_seq_id 
_pdbx_struct_sheet_hbond.range_1_PDB_ins_code 
_pdbx_struct_sheet_hbond.range_1_auth_atom_id 
_pdbx_struct_sheet_hbond.range_1_auth_comp_id 
_pdbx_struct_sheet_hbond.range_1_auth_asym_id 
_pdbx_struct_sheet_hbond.range_1_auth_seq_id 
_pdbx_struct_sheet_hbond.range_2_label_atom_id 
_pdbx_struct_sheet_hbond.range_2_label_comp_id 
_pdbx_struct_sheet_hbond.range_2_label_asym_id 
_pdbx_struct_sheet_hbond.range_2_label_seq_id 
_pdbx_struct_sheet_hbond.range_2_PDB_ins_code 
_pdbx_struct_sheet_hbond.range_2_auth_atom_id 
_pdbx_struct_sheet_hbond.range_2_auth_comp_id 
_pdbx_struct_sheet_hbond.range_2_auth_asym_id 
_pdbx_struct_sheet_hbond.range_2_auth_seq_id 
AA1 1 2 N THR A 15 ? N THR A 62  O ASN A 29 ? O ASN A 76  
AA1 2 3 N ILE A 28 ? N ILE A 75  O VAL A 37 ? O VAL A 84  
AA1 3 4 N PHE A 38 ? N PHE A 85  O ALA A 75 ? O ALA A 122 
AA1 4 5 O GLU A 74 ? O GLU A 121 N VAL A 67 ? N VAL A 114 
AA1 5 6 O VAL A 66 ? O VAL A 113 N ILE A 8  ? N ILE A 55  
# 
_atom_sites.entry_id                    5YTV 
_atom_sites.fract_transf_matrix[1][1]   -0.01238509 
_atom_sites.fract_transf_matrix[1][2]   -0.00406756 
_atom_sites.fract_transf_matrix[1][3]   0.01155958 
_atom_sites.fract_transf_matrix[2][1]   -0.01181808 
_atom_sites.fract_transf_matrix[2][2]   0.01192276 
_atom_sites.fract_transf_matrix[2][3]   0.00466282 
_atom_sites.fract_transf_matrix[3][1]   -0.01694523 
_atom_sites.fract_transf_matrix[3][2]   -0.00852323 
_atom_sites.fract_transf_matrix[3][3]   -0.02115449 
_atom_sites.fract_transf_vector[1]      0.281479 
_atom_sites.fract_transf_vector[2]      0.856314 
_atom_sites.fract_transf_vector[3]      1.105040 
# 
loop_
_atom_type.symbol 
C 
N 
O 
P 
# 
loop_
_atom_site.group_PDB 
_atom_site.id 
_atom_site.type_symbol 
_atom_site.label_atom_id 
_atom_site.label_alt_id 
_atom_site.label_comp_id 
_atom_site.label_asym_id 
_atom_site.label_entity_id 
_atom_site.label_seq_id 
_atom_site.pdbx_PDB_ins_code 
_atom_site.Cartn_x 
_atom_site.Cartn_y 
_atom_site.Cartn_z 
_atom_site.occupancy 
_atom_site.B_iso_or_equiv 
_atom_site.pdbx_formal_charge 
_atom_site.auth_seq_id 
_atom_site.auth_comp_id 
_atom_site.auth_asym_id 
_atom_site.auth_atom_id 
_atom_site.pdbx_PDB_model_num 
ATOM   1   N N     . LYS A 1 5  ? 7.364   8.552   -9.116  1.00 43.27 ? 52  LYS A N     1 
ATOM   2   C CA    . LYS A 1 5  ? 6.779   7.682   -10.135 1.00 40.87 ? 52  LYS A CA    1 
ATOM   3   C C     . LYS A 1 5  ? 7.766   6.591   -10.546 1.00 36.75 ? 52  LYS A C     1 
ATOM   4   O O     . LYS A 1 5  ? 7.367   5.565   -11.109 1.00 39.01 ? 52  LYS A O     1 
ATOM   5   C CB    . LYS A 1 5  ? 6.325   8.502   -11.351 1.00 44.18 ? 52  LYS A CB    1 
ATOM   6   C CG    . LYS A 1 5  ? 6.752   7.958   -12.709 1.00 44.65 ? 52  LYS A CG    1 
ATOM   7   C CD    . LYS A 1 5  ? 6.210   8.805   -13.838 1.00 42.97 ? 52  LYS A CD    1 
ATOM   8   C CE    . LYS A 1 5  ? 4.693   8.794   -13.833 1.00 44.33 ? 52  LYS A CE    1 
ATOM   9   N NZ    . LYS A 1 5  ? 4.137   9.491   -15.020 1.00 51.76 ? 52  LYS A NZ    1 
ATOM   10  N N     . LYS A 1 6  ? 9.046   6.785   -10.240 1.00 34.65 ? 53  LYS A N     1 
ATOM   11  C CA    . LYS A 1 6  ? 10.019  5.722   -10.509 1.00 32.72 ? 53  LYS A CA    1 
ATOM   12  C C     . LYS A 1 6  ? 9.768   4.511   -9.616  1.00 28.32 ? 53  LYS A C     1 
ATOM   13  O O     . LYS A 1 6  ? 9.618   4.628   -8.406  1.00 26.07 ? 53  LYS A O     1 
ATOM   14  C CB    . LYS A 1 6  ? 11.456  6.200   -10.326 1.00 35.14 ? 53  LYS A CB    1 
ATOM   15  C CG    . LYS A 1 6  ? 11.678  7.640   -10.708 1.00 40.43 ? 53  LYS A CG    1 
ATOM   16  C CD    . LYS A 1 6  ? 13.152  7.957   -10.728 1.00 40.96 ? 53  LYS A CD    1 
ATOM   17  C CE    . LYS A 1 6  ? 13.928  6.906   -11.493 1.00 39.86 ? 53  LYS A CE    1 
ATOM   18  N NZ    . LYS A 1 6  ? 15.335  7.340   -11.730 1.00 47.26 ? 53  LYS A NZ    1 
ATOM   19  N N     . VAL A 1 7  ? 9.725   3.348   -10.241 1.00 26.45 ? 54  VAL A N     1 
ATOM   20  C CA    . VAL A 1 7  ? 9.507   2.097   -9.532  1.00 22.28 ? 54  VAL A CA    1 
ATOM   21  C C     . VAL A 1 7  ? 10.787  1.637   -8.834  1.00 25.89 ? 54  VAL A C     1 
ATOM   22  O O     . VAL A 1 7  ? 11.831  1.476   -9.477  1.00 23.41 ? 54  VAL A O     1 
ATOM   23  C CB    . VAL A 1 7  ? 9.012   1.017   -10.503 1.00 26.56 ? 54  VAL A CB    1 
ATOM   24  C CG1   . VAL A 1 7  ? 8.735   -0.288  -9.768  1.00 25.58 ? 54  VAL A CG1   1 
ATOM   25  C CG2   . VAL A 1 7  ? 7.770   1.510   -11.237 1.00 25.48 ? 54  VAL A CG2   1 
ATOM   26  N N     . ILE A 1 8  ? 10.700  1.427   -7.523  1.00 21.19 ? 55  ILE A N     1 
ATOM   27  C CA    . ILE A 1 8  ? 11.837  1.018   -6.702  1.00 23.18 ? 55  ILE A CA    1 
ATOM   28  C C     . ILE A 1 8  ? 11.856  -0.494  -6.503  1.00 27.02 ? 55  ILE A C     1 
ATOM   29  O O     . ILE A 1 8  ? 12.914  -1.141  -6.573  1.00 25.83 ? 55  ILE A O     1 
ATOM   30  C CB    . ILE A 1 8  ? 11.796  1.715   -5.332  1.00 25.53 ? 55  ILE A CB    1 
ATOM   31  C CG1   . ILE A 1 8  ? 11.838  3.230   -5.512  1.00 29.51 ? 55  ILE A CG1   1 
ATOM   32  C CG2   . ILE A 1 8  ? 12.936  1.255   -4.454  1.00 28.02 ? 55  ILE A CG2   1 
ATOM   33  C CD1   . ILE A 1 8  ? 12.972  3.679   -6.361  1.00 30.86 ? 55  ILE A CD1   1 
ATOM   34  N N     . ALA A 1 9  ? 10.676  -1.055  -6.255  1.00 20.81 ? 56  ALA A N     1 
ATOM   35  C CA    . ALA A 1 9  ? 10.521  -2.498  -6.081  1.00 19.80 ? 56  ALA A CA    1 
ATOM   36  C C     . ALA A 1 9  ? 9.157   -2.960  -6.584  1.00 20.68 ? 56  ALA A C     1 
ATOM   37  O O     . ALA A 1 9  ? 8.194   -2.187  -6.577  1.00 20.97 ? 56  ALA A O     1 
ATOM   38  C CB    . ALA A 1 9  ? 10.704  -2.873  -4.624  1.00 23.42 ? 56  ALA A CB    1 
ATOM   39  N N     . THR A 1 10 ? 9.072   -4.203  -7.047  1.00 19.17 ? 57  THR A N     1 
ATOM   40  C CA    . THR A 1 10 ? 7.782   -4.770  -7.464  1.00 20.93 ? 57  THR A CA    1 
ATOM   41  C C     . THR A 1 10 ? 7.461   -6.059  -6.725  1.00 21.08 ? 57  THR A C     1 
ATOM   42  O O     . THR A 1 10 ? 8.350   -6.725  -6.193  1.00 17.95 ? 57  THR A O     1 
ATOM   43  C CB    . THR A 1 10 ? 7.744   -5.067  -8.982  1.00 24.75 ? 57  THR A CB    1 
ATOM   44  O OG1   . THR A 1 10 ? 8.732   -6.062  -9.302  1.00 24.59 ? 57  THR A OG1   1 
ATOM   45  C CG2   . THR A 1 10 ? 8.016   -3.809  -9.779  1.00 24.72 ? 57  THR A CG2   1 
ATOM   46  N N     . LYS A 1 11 ? 6.172   -6.397  -6.698  1.00 18.67 ? 58  LYS A N     1 
ATOM   47  C CA    . LYS A 1 11 ? 5.679   -7.625  -6.079  1.00 17.95 ? 58  LYS A CA    1 
ATOM   48  C C     . LYS A 1 11 ? 6.162   -7.785  -4.647  1.00 20.96 ? 58  LYS A C     1 
ATOM   49  O O     . LYS A 1 11 ? 6.584   -8.874  -4.228  1.00 22.17 ? 58  LYS A O     1 
ATOM   50  C CB    . LYS A 1 11 ? 6.084   -8.838  -6.927  1.00 26.49 ? 58  LYS A CB    1 
ATOM   51  C CG    . LYS A 1 11 ? 5.498   -8.791  -8.335  1.00 29.81 ? 58  LYS A CG    1 
ATOM   52  C CD    . LYS A 1 11 ? 5.890   -9.999  -9.167  1.00 34.62 ? 58  LYS A CD    1 
ATOM   53  C CE    . LYS A 1 11 ? 5.509   -9.790  -10.631 1.00 43.69 ? 58  LYS A CE    1 
ATOM   54  N NZ    . LYS A 1 11 ? 5.905   -10.928 -11.506 1.00 47.16 ? 58  LYS A NZ    1 
ATOM   55  N N     . VAL A 1 12 ? 6.088   -6.689  -3.902  1.00 16.98 ? 59  VAL A N     1 
ATOM   56  C CA    . VAL A 1 12 ? 6.444   -6.655  -2.495  1.00 17.12 ? 59  VAL A CA    1 
ATOM   57  C C     . VAL A 1 12 ? 5.253   -7.120  -1.657  1.00 18.52 ? 59  VAL A C     1 
ATOM   58  O O     . VAL A 1 12 ? 4.127   -6.689  -1.907  1.00 16.96 ? 59  VAL A O     1 
ATOM   59  C CB    . VAL A 1 12 ? 6.854   -5.223  -2.068  1.00 19.44 ? 59  VAL A CB    1 
ATOM   60  C CG1   . VAL A 1 12 ? 7.291   -5.207  -0.618  1.00 20.26 ? 59  VAL A CG1   1 
ATOM   61  C CG2   . VAL A 1 12 ? 7.972   -4.691  -2.981  1.00 19.88 ? 59  VAL A CG2   1 
ATOM   62  N N     . LEU A 1 13 ? 5.476   -8.005  -0.692  1.00 16.25 ? 60  LEU A N     1 
ATOM   63  C CA    . LEU A 1 13 ? 4.384   -8.384  0.226   1.00 18.16 ? 60  LEU A CA    1 
ATOM   64  C C     . LEU A 1 13 ? 4.472   -7.577  1.499   1.00 16.66 ? 60  LEU A C     1 
ATOM   65  O O     . LEU A 1 13 ? 5.566   -7.293  1.991   1.00 17.05 ? 60  LEU A O     1 
ATOM   66  C CB    . LEU A 1 13 ? 4.433   -9.879  0.552   1.00 19.11 ? 60  LEU A CB    1 
ATOM   67  C CG    . LEU A 1 13 ? 4.141   -10.771 -0.653  1.00 19.96 ? 60  LEU A CG    1 
ATOM   68  C CD1   . LEU A 1 13 ? 4.551   -12.208 -0.346  1.00 24.59 ? 60  LEU A CD1   1 
ATOM   69  C CD2   . LEU A 1 13 ? 2.666   -10.677 -1.038  1.00 19.92 ? 60  LEU A CD2   1 
ATOM   70  N N     . GLY A 1 14 ? 3.321   -7.186  2.045   1.00 15.45 ? 61  GLY A N     1 
ATOM   71  C CA    . GLY A 1 14 ? 3.331   -6.487  3.306   1.00 13.18 ? 61  GLY A CA    1 
ATOM   72  C C     . GLY A 1 14 ? 2.033   -6.641  4.062   1.00 15.74 ? 61  GLY A C     1 
ATOM   73  O O     . GLY A 1 14 ? 1.050   -7.185  3.552   1.00 15.12 ? 61  GLY A O     1 
ATOM   74  N N     . THR A 1 15 ? 2.045   -6.133  5.282   1.00 14.77 ? 62  THR A N     1 
ATOM   75  C CA    . THR A 1 15 ? 0.880   -6.194  6.153   1.00 14.20 ? 62  THR A CA    1 
ATOM   76  C C     . THR A 1 15 ? 0.329   -4.804  6.381   1.00 15.31 ? 62  THR A C     1 
ATOM   77  O O     . THR A 1 15 ? 1.077   -3.904  6.742   1.00 17.93 ? 62  THR A O     1 
ATOM   78  C CB    . THR A 1 15 ? 1.229   -6.810  7.504   1.00 15.07 ? 62  THR A CB    1 
ATOM   79  O OG1   . THR A 1 15 ? 1.781   -8.125  7.301   1.00 24.91 ? 62  THR A OG1   1 
ATOM   80  C CG2   . THR A 1 15 ? -0.026  -6.932  8.344   1.00 22.37 ? 62  THR A CG2   1 
ATOM   81  N N     . VAL A 1 16 ? -0.981  -4.626  6.209   1.00 13.97 ? 63  VAL A N     1 
ATOM   82  C CA    . VAL A 1 16 ? -1.568  -3.318  6.448   1.00 15.84 ? 63  VAL A CA    1 
ATOM   83  C C     . VAL A 1 16 ? -1.513  -2.979  7.930   1.00 16.76 ? 63  VAL A C     1 
ATOM   84  O O     . VAL A 1 16 ? -2.069  -3.693  8.752   1.00 18.07 ? 63  VAL A O     1 
ATOM   85  C CB    . VAL A 1 16 ? -3.033  -3.249  5.975   1.00 15.41 ? 63  VAL A CB    1 
ATOM   86  C CG1   . VAL A 1 16 ? -3.642  -1.858  6.303   1.00 13.57 ? 63  VAL A CG1   1 
ATOM   87  C CG2   . VAL A 1 16 ? -3.130  -3.530  4.494   1.00 17.67 ? 63  VAL A CG2   1 
ATOM   88  N N     . LYS A 1 17 ? -0.850  -1.871  8.251   1.00 17.52 ? 64  LYS A N     1 
ATOM   89  C CA    . LYS A 1 17 ? -0.752  -1.395  9.625   1.00 16.57 ? 64  LYS A CA    1 
ATOM   90  C C     . LYS A 1 17 ? -2.075  -0.766  10.040  1.00 18.81 ? 64  LYS A C     1 
ATOM   91  O O     . LYS A 1 17 ? -2.736  -1.221  10.984  1.00 17.63 ? 64  LYS A O     1 
ATOM   92  C CB    . LYS A 1 17 ? 0.386   -0.388  9.737   1.00 19.11 ? 64  LYS A CB    1 
ATOM   93  C CG    . LYS A 1 17 ? 0.700   0.106   11.127  1.00 27.99 ? 64  LYS A CG    1 
ATOM   94  C CD    . LYS A 1 17 ? 1.799   1.159   11.022  1.00 28.30 ? 64  LYS A CD    1 
ATOM   95  C CE    . LYS A 1 17 ? 2.197   1.735   12.368  1.00 36.06 ? 64  LYS A CE    1 
ATOM   96  N NZ    . LYS A 1 17 ? 3.367   2.642   12.197  1.00 35.32 ? 64  LYS A NZ    1 
ATOM   97  N N     . TRP A 1 18 ? -2.451  0.281   9.325   1.00 16.69 ? 65  TRP A N     1 
ATOM   98  C CA    . TRP A 1 18 ? -3.808  0.823   9.431   1.00 17.81 ? 65  TRP A CA    1 
ATOM   99  C C     . TRP A 1 18 ? -4.156  1.519   8.145   1.00 14.39 ? 65  TRP A C     1 
ATOM   100 O O     . TRP A 1 18 ? -3.277  1.922   7.391   1.00 17.29 ? 65  TRP A O     1 
ATOM   101 C CB    . TRP A 1 18 ? -3.962  1.770   10.627  1.00 20.45 ? 65  TRP A CB    1 
ATOM   102 C CG    . TRP A 1 18 ? -2.971  2.881   10.723  1.00 21.77 ? 65  TRP A CG    1 
ATOM   103 C CD1   . TRP A 1 18 ? -1.803  2.862   11.419  1.00 26.80 ? 65  TRP A CD1   1 
ATOM   104 C CD2   . TRP A 1 18 ? -3.067  4.188   10.138  1.00 22.99 ? 65  TRP A CD2   1 
ATOM   105 N NE1   . TRP A 1 18 ? -1.153  4.063   11.290  1.00 28.17 ? 65  TRP A NE1   1 
ATOM   106 C CE2   . TRP A 1 18 ? -1.915  4.900   10.512  1.00 28.22 ? 65  TRP A CE2   1 
ATOM   107 C CE3   . TRP A 1 18 ? -4.019  4.822   9.328   1.00 22.94 ? 65  TRP A CE3   1 
ATOM   108 C CZ2   . TRP A 1 18 ? -1.678  6.214   10.107  1.00 29.44 ? 65  TRP A CZ2   1 
ATOM   109 C CZ3   . TRP A 1 18 ? -3.790  6.130   8.931   1.00 23.65 ? 65  TRP A CZ3   1 
ATOM   110 C CH2   . TRP A 1 18 ? -2.626  6.811   9.317   1.00 26.96 ? 65  TRP A CH2   1 
ATOM   111 N N     . PHE A 1 19 ? -5.449  1.637   7.870   1.00 15.02 ? 66  PHE A N     1 
ATOM   112 C CA    . PHE A 1 19 ? -5.885  2.400   6.727   1.00 14.83 ? 66  PHE A CA    1 
ATOM   113 C C     . PHE A 1 19 ? -7.131  3.175   7.132   1.00 17.07 ? 66  PHE A C     1 
ATOM   114 O O     . PHE A 1 19 ? -8.120  2.584   7.546   1.00 17.03 ? 66  PHE A O     1 
ATOM   115 C CB    . PHE A 1 19 ? -6.184  1.502   5.526   1.00 16.32 ? 66  PHE A CB    1 
ATOM   116 C CG    . PHE A 1 19 ? -6.569  2.283   4.313   1.00 16.05 ? 66  PHE A CG    1 
ATOM   117 C CD1   . PHE A 1 19 ? -5.595  2.846   3.509   1.00 16.62 ? 66  PHE A CD1   1 
ATOM   118 C CD2   . PHE A 1 19 ? -7.906  2.492   4.000   1.00 18.30 ? 66  PHE A CD2   1 
ATOM   119 C CE1   . PHE A 1 19 ? -5.939  3.612   2.401   1.00 18.66 ? 66  PHE A CE1   1 
ATOM   120 C CE2   . PHE A 1 19 ? -8.261  3.251   2.888   1.00 16.91 ? 66  PHE A CE2   1 
ATOM   121 C CZ    . PHE A 1 19 ? -7.278  3.802   2.090   1.00 18.57 ? 66  PHE A CZ    1 
ATOM   122 N N     . ASN A 1 20 ? -7.065  4.486   7.018   1.00 15.52 ? 67  ASN A N     1 
ATOM   123 C CA    . ASN A 1 20 ? -8.173  5.313   7.479   1.00 16.66 ? 67  ASN A CA    1 
ATOM   124 C C     . ASN A 1 20 ? -9.005  5.790   6.291   1.00 15.51 ? 67  ASN A C     1 
ATOM   125 O O     . ASN A 1 20 ? -8.510  6.491   5.418   1.00 17.40 ? 67  ASN A O     1 
ATOM   126 C CB    . ASN A 1 20 ? -7.637  6.473   8.300   1.00 18.57 ? 67  ASN A CB    1 
ATOM   127 C CG    . ASN A 1 20 ? -8.744  7.286   8.940   1.00 20.98 ? 67  ASN A CG    1 
ATOM   128 O OD1   . ASN A 1 20 ? -9.554  7.862   8.242   1.00 21.31 ? 67  ASN A OD1   1 
ATOM   129 N ND2   . ASN A 1 20 ? -8.776  7.332   10.267  1.00 24.62 ? 67  ASN A ND2   1 
ATOM   130 N N     . VAL A 1 21 ? -10.274 5.374   6.250   1.00 15.96 ? 68  VAL A N     1 
ATOM   131 C CA    . VAL A 1 21 ? -11.128 5.688   5.105   1.00 18.26 ? 68  VAL A CA    1 
ATOM   132 C C     . VAL A 1 21 ? -11.621 7.134   5.117   1.00 17.50 ? 68  VAL A C     1 
ATOM   133 O O     . VAL A 1 21 ? -12.029 7.656   4.082   1.00 17.64 ? 68  VAL A O     1 
ATOM   134 C CB    . VAL A 1 21 ? -12.349 4.738   5.018   1.00 20.41 ? 68  VAL A CB    1 
ATOM   135 C CG1   . VAL A 1 21 ? -11.875 3.283   4.794   1.00 19.71 ? 68  VAL A CG1   1 
ATOM   136 C CG2   . VAL A 1 21 ? -13.227 4.832   6.271   1.00 19.69 ? 68  VAL A CG2   1 
ATOM   137 N N     . ARG A 1 22 ? -11.570 7.784   6.273   1.00 17.45 ? 69  ARG A N     1 
ATOM   138 C CA    . ARG A 1 22 ? -11.951 9.197   6.339   1.00 20.11 ? 69  ARG A CA    1 
ATOM   139 C C     . ARG A 1 22 ? -10.881 10.067  5.670   1.00 23.92 ? 69  ARG A C     1 
ATOM   140 O O     . ARG A 1 22 ? -11.192 10.926  4.838   1.00 22.43 ? 69  ARG A O     1 
ATOM   141 C CB    . ARG A 1 22 ? -12.187 9.617   7.796   1.00 23.39 ? 69  ARG A CB    1 
ATOM   142 C CG    . ARG A 1 22 ? -12.374 11.100  7.998   1.00 26.58 ? 69  ARG A CG    1 
ATOM   143 C CD    . ARG A 1 22 ? -12.882 11.378  9.412   1.00 28.75 ? 69  ARG A CD    1 
ATOM   144 N NE    . ARG A 1 22 ? -12.613 12.760  9.817   1.00 36.09 ? 69  ARG A NE    1 
ATOM   145 C CZ    . ARG A 1 22 ? -13.495 13.755  9.770   1.00 38.13 ? 69  ARG A CZ    1 
ATOM   146 N NH1   . ARG A 1 22 ? -14.732 13.549  9.334   1.00 34.59 ? 69  ARG A NH1   1 
ATOM   147 N NH2   . ARG A 1 22 ? -13.134 14.970  10.163  1.00 44.79 ? 69  ARG A NH2   1 
ATOM   148 N N     . ASN A 1 23 ? -9.617  9.806   5.998   1.00 21.04 ? 70  ASN A N     1 
ATOM   149 C CA    . ASN A 1 23 ? -8.502  10.592  5.483   1.00 23.05 ? 70  ASN A CA    1 
ATOM   150 C C     . ASN A 1 23 ? -7.957  10.051  4.156   1.00 24.15 ? 70  ASN A C     1 
ATOM   151 O O     . ASN A 1 23 ? -7.286  10.764  3.413   1.00 23.38 ? 70  ASN A O     1 
ATOM   152 C CB    . ASN A 1 23 ? -7.387  10.651  6.530   1.00 28.14 ? 70  ASN A CB    1 
ATOM   153 C CG    . ASN A 1 23 ? -7.828  11.347  7.809   1.00 33.08 ? 70  ASN A CG    1 
ATOM   154 O OD1   . ASN A 1 23 ? -8.534  12.356  7.762   1.00 39.15 ? 70  ASN A OD1   1 
ATOM   155 N ND2   . ASN A 1 23 ? -7.420  10.809  8.954   1.00 39.41 ? 70  ASN A ND2   1 
ATOM   156 N N     . GLY A 1 24 ? -8.247  8.785   3.875   1.00 17.59 ? 71  GLY A N     1 
ATOM   157 C CA    . GLY A 1 24 ? -7.965  8.204   2.577   1.00 19.09 ? 71  GLY A CA    1 
ATOM   158 C C     . GLY A 1 24 ? -6.532  7.750   2.406   1.00 19.32 ? 71  GLY A C     1 
ATOM   159 O O     . GLY A 1 24 ? -6.019  7.703   1.287   1.00 17.83 ? 71  GLY A O     1 
ATOM   160 N N     . TYR A 1 25 ? -5.878  7.447   3.518   1.00 15.81 ? 72  TYR A N     1 
ATOM   161 C CA    . TYR A 1 25 ? -4.526  6.903   3.470   1.00 17.90 ? 72  TYR A CA    1 
ATOM   162 C C     . TYR A 1 25 ? -4.219  6.031   4.688   1.00 18.97 ? 72  TYR A C     1 
ATOM   163 O O     . TYR A 1 25 ? -4.992  5.961   5.645   1.00 16.74 ? 72  TYR A O     1 
ATOM   164 C CB    . TYR A 1 25 ? -3.505  8.052   3.350   1.00 19.70 ? 72  TYR A CB    1 
ATOM   165 C CG    . TYR A 1 25 ? -3.171  8.730   4.656   1.00 20.23 ? 72  TYR A CG    1 
ATOM   166 C CD1   . TYR A 1 25 ? -2.135  8.270   5.452   1.00 24.13 ? 72  TYR A CD1   1 
ATOM   167 C CD2   . TYR A 1 25 ? -3.887  9.840   5.094   1.00 26.86 ? 72  TYR A CD2   1 
ATOM   168 C CE1   . TYR A 1 25 ? -1.827  8.880   6.653   1.00 25.81 ? 72  TYR A CE1   1 
ATOM   169 C CE2   . TYR A 1 25 ? -3.585  10.459  6.291   1.00 29.84 ? 72  TYR A CE2   1 
ATOM   170 C CZ    . TYR A 1 25 ? -2.557  9.976   7.068   1.00 31.08 ? 72  TYR A CZ    1 
ATOM   171 O OH    . TYR A 1 25 ? -2.248  10.590  8.265   1.00 35.96 ? 72  TYR A OH    1 
ATOM   172 N N     . GLY A 1 26 ? -3.082  5.346   4.636   1.00 15.42 ? 73  GLY A N     1 
ATOM   173 C CA    . GLY A 1 26 ? -2.639  4.528   5.744   1.00 15.57 ? 73  GLY A CA    1 
ATOM   174 C C     . GLY A 1 26 ? -1.203  4.112   5.503   1.00 16.19 ? 73  GLY A C     1 
ATOM   175 O O     . GLY A 1 26 ? -0.496  4.739   4.720   1.00 16.31 ? 73  GLY A O     1 
ATOM   176 N N     . PHE A 1 27 ? -0.787  3.053   6.183   1.00 15.54 ? 74  PHE A N     1 
ATOM   177 C CA    . PHE A 1 27 ? 0.569   2.534   6.009   1.00 15.60 ? 74  PHE A CA    1 
ATOM   178 C C     . PHE A 1 27 ? 0.561   1.030   5.940   1.00 15.03 ? 74  PHE A C     1 
ATOM   179 O O     . PHE A 1 27 ? -0.215  0.369   6.628   1.00 15.31 ? 74  PHE A O     1 
ATOM   180 C CB    . PHE A 1 27 ? 1.467   2.988   7.147   1.00 17.64 ? 74  PHE A CB    1 
ATOM   181 C CG    . PHE A 1 27 ? 1.753   4.453   7.118   1.00 20.94 ? 74  PHE A CG    1 
ATOM   182 C CD1   . PHE A 1 27 ? 2.837   4.940   6.416   1.00 22.33 ? 74  PHE A CD1   1 
ATOM   183 C CD2   . PHE A 1 27 ? 0.911   5.344   7.764   1.00 26.42 ? 74  PHE A CD2   1 
ATOM   184 C CE1   . PHE A 1 27 ? 3.093   6.304   6.368   1.00 27.63 ? 74  PHE A CE1   1 
ATOM   185 C CE2   . PHE A 1 27 ? 1.161   6.702   7.723   1.00 24.40 ? 74  PHE A CE2   1 
ATOM   186 C CZ    . PHE A 1 27 ? 2.259   7.177   7.023   1.00 26.06 ? 74  PHE A CZ    1 
ATOM   187 N N     . ILE A 1 28 ? 1.474   0.514   5.122   1.00 16.17 ? 75  ILE A N     1 
ATOM   188 C CA    . ILE A 1 28 ? 1.701   -0.910  4.965   1.00 14.73 ? 75  ILE A CA    1 
ATOM   189 C C     . ILE A 1 28 ? 3.107   -1.205  5.447   1.00 17.07 ? 75  ILE A C     1 
ATOM   190 O O     . ILE A 1 28 ? 4.044   -0.507  5.064   1.00 17.32 ? 75  ILE A O     1 
ATOM   191 C CB    . ILE A 1 28 ? 1.574   -1.336  3.498   1.00 16.30 ? 75  ILE A CB    1 
ATOM   192 C CG1   . ILE A 1 28 ? 0.166   -1.042  2.966   1.00 18.73 ? 75  ILE A CG1   1 
ATOM   193 C CG2   . ILE A 1 28 ? 1.954   -2.818  3.335   1.00 16.45 ? 75  ILE A CG2   1 
ATOM   194 C CD1   . ILE A 1 28 ? 0.105   -1.044  1.438   1.00 18.99 ? 75  ILE A CD1   1 
ATOM   195 N N     . ASN A 1 29 ? 3.268   -2.211  6.297   1.00 15.79 ? 76  ASN A N     1 
ATOM   196 C CA    . ASN A 1 29 ? 4.608   -2.575  6.709   1.00 17.91 ? 76  ASN A CA    1 
ATOM   197 C C     . ASN A 1 29 ? 5.167   -3.651  5.782   1.00 16.61 ? 76  ASN A C     1 
ATOM   198 O O     . ASN A 1 29 ? 4.584   -4.731  5.679   1.00 14.64 ? 76  ASN A O     1 
ATOM   199 C CB    . ASN A 1 29 ? 4.618   -3.062  8.158   1.00 20.42 ? 76  ASN A CB    1 
ATOM   200 C CG    . ASN A 1 29 ? 6.022   -3.261  8.683   1.00 19.73 ? 76  ASN A CG    1 
ATOM   201 O OD1   . ASN A 1 29 ? 6.536   -4.381  8.710   1.00 21.21 ? 76  ASN A OD1   1 
ATOM   202 N ND2   . ASN A 1 29 ? 6.668   -2.163  9.061   1.00 22.78 ? 76  ASN A ND2   1 
ATOM   203 N N     . ARG A 1 30 ? 6.293   -3.366  5.118   1.00 14.72 ? 77  ARG A N     1 
ATOM   204 C CA    . ARG A 1 30 ? 6.909   -4.323  4.193   1.00 15.39 ? 77  ARG A CA    1 
ATOM   205 C C     . ARG A 1 30 ? 7.423   -5.547  4.926   1.00 17.00 ? 77  ARG A C     1 
ATOM   206 O O     . ARG A 1 30 ? 8.074   -5.434  5.954   1.00 18.64 ? 77  ARG A O     1 
ATOM   207 C CB    . ARG A 1 30 ? 8.078   -3.674  3.418   1.00 13.85 ? 77  ARG A CB    1 
ATOM   208 C CG    . ARG A 1 30 ? 7.649   -2.606  2.437   1.00 16.74 ? 77  ARG A CG    1 
ATOM   209 C CD    . ARG A 1 30 ? 8.883   -1.952  1.841   1.00 16.69 ? 77  ARG A CD    1 
ATOM   210 N NE    . ARG A 1 30 ? 9.666   -2.910  1.077   1.00 18.75 ? 77  ARG A NE    1 
ATOM   211 C CZ    . ARG A 1 30 ? 10.559  -2.565  0.153   1.00 21.64 ? 77  ARG A CZ    1 
ATOM   212 N NH1   . ARG A 1 30 ? 10.754  -1.284  -0.133  1.00 22.52 ? 77  ARG A NH1   1 
ATOM   213 N NH2   . ARG A 1 30 ? 11.237  -3.497  -0.500  1.00 23.79 ? 77  ARG A NH2   1 
ATOM   214 N N     . ASN A 1 31 ? 7.109   -6.727  4.407   1.00 15.78 ? 78  ASN A N     1 
ATOM   215 C CA    . ASN A 1 31 ? 7.539   -7.946  5.072   1.00 16.44 ? 78  ASN A CA    1 
ATOM   216 C C     . ASN A 1 31 ? 9.028   -8.189  4.875   1.00 19.30 ? 78  ASN A C     1 
ATOM   217 O O     . ASN A 1 31 ? 9.667   -8.847  5.698   1.00 22.87 ? 78  ASN A O     1 
ATOM   218 C CB    . ASN A 1 31 ? 6.738   -9.147  4.570   1.00 18.72 ? 78  ASN A CB    1 
ATOM   219 C CG    . ASN A 1 31 ? 5.287   -9.111  5.020   1.00 19.30 ? 78  ASN A CG    1 
ATOM   220 O OD1   . ASN A 1 31 ? 4.903   -8.311  5.879   1.00 19.39 ? 78  ASN A OD1   1 
ATOM   221 N ND2   . ASN A 1 31 ? 4.476   -9.981  4.441   1.00 20.00 ? 78  ASN A ND2   1 
ATOM   222 N N     . ASP A 1 32 ? 9.576   -7.627  3.804   1.00 18.55 ? 79  ASP A N     1 
ATOM   223 C CA    . ASP A 1 32 ? 10.975  -7.882  3.451   1.00 21.70 ? 79  ASP A CA    1 
ATOM   224 C C     . ASP A 1 32 ? 11.959  -6.951  4.159   1.00 20.03 ? 79  ASP A C     1 
ATOM   225 O O     . ASP A 1 32 ? 13.110  -7.326  4.404   1.00 22.48 ? 79  ASP A O     1 
ATOM   226 C CB    . ASP A 1 32 ? 11.162  -7.811  1.931   1.00 22.26 ? 79  ASP A CB    1 
ATOM   227 C CG    . ASP A 1 32 ? 10.816  -6.443  1.328   1.00 22.18 ? 79  ASP A CG    1 
ATOM   228 O OD1   . ASP A 1 32 ? 10.218  -5.579  2.003   1.00 20.59 ? 79  ASP A OD1   1 
ATOM   229 O OD2   . ASP A 1 32 ? 11.154  -6.235  0.148   1.00 25.39 ? 79  ASP A OD2   1 
ATOM   230 N N     . THR A 1 33 ? 11.518  -5.751  4.510   1.00 18.34 ? 80  THR A N     1 
ATOM   231 C CA    . THR A 1 33 ? 12.417  -4.798  5.160   1.00 20.31 ? 80  THR A CA    1 
ATOM   232 C C     . THR A 1 33 ? 11.900  -4.311  6.499   1.00 21.29 ? 80  THR A C     1 
ATOM   233 O O     . THR A 1 33 ? 12.620  -3.638  7.231   1.00 20.48 ? 80  THR A O     1 
ATOM   234 C CB    . THR A 1 33 ? 12.678  -3.566  4.275   1.00 20.15 ? 80  THR A CB    1 
ATOM   235 O OG1   . THR A 1 33 ? 11.441  -2.887  4.027   1.00 20.17 ? 80  THR A OG1   1 
ATOM   236 C CG2   . THR A 1 33 ? 13.325  -3.960  2.944   1.00 20.17 ? 80  THR A CG2   1 
ATOM   237 N N     . LYS A 1 34 ? 10.635  -4.615  6.790   1.00 18.89 ? 81  LYS A N     1 
ATOM   238 C CA    . LYS A 1 34 ? 9.981   -4.196  8.034   1.00 21.46 ? 81  LYS A CA    1 
ATOM   239 C C     . LYS A 1 34 ? 9.825   -2.675  8.143   1.00 22.07 ? 81  LYS A C     1 
ATOM   240 O O     . LYS A 1 34 ? 9.630   -2.143  9.236   1.00 25.64 ? 81  LYS A O     1 
ATOM   241 C CB    . LYS A 1 34 ? 10.737  -4.731  9.256   1.00 23.22 ? 81  LYS A CB    1 
ATOM   242 C CG    . LYS A 1 34 ? 10.994  -6.232  9.236   1.00 22.19 ? 81  LYS A CG    1 
ATOM   243 C CD    . LYS A 1 34 ? 9.777   -7.038  8.809   1.00 25.68 ? 81  LYS A CD    1 
ATOM   244 C CE    . LYS A 1 34 ? 10.031  -8.535  8.932   1.00 29.01 ? 81  LYS A CE    1 
ATOM   245 N NZ    . LYS A 1 34 ? 8.944   -9.407  8.339   1.00 25.74 ? 81  LYS A NZ    1 
ATOM   246 N N     . GLU A 1 35 ? 9.893   -1.984  7.010   1.00 19.70 ? 82  GLU A N     1 
ATOM   247 C CA    . GLU A 1 35 ? 9.652   -0.544  6.964   1.00 22.24 ? 82  GLU A CA    1 
ATOM   248 C C     . GLU A 1 35 ? 8.224   -0.242  6.553   1.00 20.45 ? 82  GLU A C     1 
ATOM   249 O O     . GLU A 1 35 ? 7.669   -0.913  5.685   1.00 18.33 ? 82  GLU A O     1 
ATOM   250 C CB    . GLU A 1 35 ? 10.607  0.140   5.977   1.00 23.61 ? 82  GLU A CB    1 
ATOM   251 C CG    . GLU A 1 35 ? 12.059  0.128   6.403   1.00 25.34 ? 82  GLU A CG    1 
ATOM   252 C CD    . GLU A 1 35 ? 12.350  1.147   7.481   1.00 32.93 ? 82  GLU A CD    1 
ATOM   253 O OE1   . GLU A 1 35 ? 11.514  2.046   7.696   1.00 35.45 ? 82  GLU A OE1   1 
ATOM   254 O OE2   . GLU A 1 35 ? 13.413  1.048   8.121   1.00 39.69 ? 82  GLU A OE2   1 
ATOM   255 N N     . ASP A 1 36 ? 7.640   0.789   7.159   1.00 21.99 ? 83  ASP A N     1 
ATOM   256 C CA    . ASP A 1 36 ? 6.334   1.274   6.729   1.00 22.01 ? 83  ASP A CA    1 
ATOM   257 C C     . ASP A 1 36 ? 6.419   1.977   5.381   1.00 23.88 ? 83  ASP A C     1 
ATOM   258 O O     . ASP A 1 36 ? 7.365   2.726   5.102   1.00 22.59 ? 83  ASP A O     1 
ATOM   259 C CB    . ASP A 1 36 ? 5.739   2.243   7.760   1.00 25.31 ? 83  ASP A CB    1 
ATOM   260 C CG    . ASP A 1 36 ? 5.277   1.554   9.019   1.00 28.38 ? 83  ASP A CG    1 
ATOM   261 O OD1   . ASP A 1 36 ? 5.197   0.302   9.050   1.00 24.49 ? 83  ASP A OD1   1 
ATOM   262 O OD2   . ASP A 1 36 ? 4.975   2.284   9.983   1.00 31.30 ? 83  ASP A OD2   1 
ATOM   263 N N     . VAL A 1 37 ? 5.426   1.735   4.536   1.00 18.24 ? 84  VAL A N     1 
ATOM   264 C CA    . VAL A 1 37 ? 5.300   2.478   3.302   1.00 19.43 ? 84  VAL A CA    1 
ATOM   265 C C     . VAL A 1 37 ? 3.929   3.150   3.287   1.00 18.48 ? 84  VAL A C     1 
ATOM   266 O O     . VAL A 1 37 ? 2.930   2.551   3.674   1.00 17.42 ? 84  VAL A O     1 
ATOM   267 C CB    . VAL A 1 37 ? 5.493   1.591   2.051   1.00 22.99 ? 84  VAL A CB    1 
ATOM   268 C CG1   . VAL A 1 37 ? 6.913   1.020   2.013   1.00 24.38 ? 84  VAL A CG1   1 
ATOM   269 C CG2   . VAL A 1 37 ? 4.493   0.459   2.013   1.00 23.96 ? 84  VAL A CG2   1 
ATOM   270 N N     . PHE A 1 38 ? 3.908   4.413   2.876   1.00 18.32 ? 85  PHE A N     1 
ATOM   271 C CA    . PHE A 1 38 ? 2.675   5.191   2.767   1.00 18.25 ? 85  PHE A CA    1 
ATOM   272 C C     . PHE A 1 38 ? 1.783   4.622   1.677   1.00 16.70 ? 85  PHE A C     1 
ATOM   273 O O     . PHE A 1 38 ? 2.265   4.279   0.611   1.00 19.29 ? 85  PHE A O     1 
ATOM   274 C CB    . PHE A 1 38 ? 3.027   6.657   2.467   1.00 19.92 ? 85  PHE A CB    1 
ATOM   275 C CG    . PHE A 1 38 ? 1.845   7.539   2.168   1.00 23.28 ? 85  PHE A CG    1 
ATOM   276 C CD1   . PHE A 1 38 ? 1.119   8.109   3.196   1.00 25.33 ? 85  PHE A CD1   1 
ATOM   277 C CD2   . PHE A 1 38 ? 1.506   7.846   0.859   1.00 21.07 ? 85  PHE A CD2   1 
ATOM   278 C CE1   . PHE A 1 38 ? 0.054   8.941   2.928   1.00 26.22 ? 85  PHE A CE1   1 
ATOM   279 C CE2   . PHE A 1 38 ? 0.440   8.678   0.581   1.00 26.17 ? 85  PHE A CE2   1 
ATOM   280 C CZ    . PHE A 1 38 ? -0.287  9.226   1.617   1.00 23.66 ? 85  PHE A CZ    1 
ATOM   281 N N     . VAL A 1 39 ? 0.481   4.512   1.933   1.00 15.68 ? 86  VAL A N     1 
ATOM   282 C CA    . VAL A 1 39 ? -0.421  4.113   0.867   1.00 15.65 ? 86  VAL A CA    1 
ATOM   283 C C     . VAL A 1 39 ? -1.622  5.057   0.814   1.00 16.14 ? 86  VAL A C     1 
ATOM   284 O O     . VAL A 1 39 ? -2.289  5.286   1.823   1.00 18.30 ? 86  VAL A O     1 
ATOM   285 C CB    . VAL A 1 39 ? -0.886  2.631   1.017   1.00 19.17 ? 86  VAL A CB    1 
ATOM   286 C CG1   . VAL A 1 39 ? -1.503  2.355   2.403   1.00 16.68 ? 86  VAL A CG1   1 
ATOM   287 C CG2   . VAL A 1 39 ? -1.828  2.249   -0.112  1.00 16.59 ? 86  VAL A CG2   1 
ATOM   288 N N     . HIS A 1 40 ? -1.846  5.653   -0.355  1.00 17.37 ? 87  HIS A N     1 
ATOM   289 C CA    . HIS A 1 40 ? -3.014  6.502   -0.568  1.00 18.22 ? 87  HIS A CA    1 
ATOM   290 C C     . HIS A 1 40 ? -4.089  5.679   -1.258  1.00 18.69 ? 87  HIS A C     1 
ATOM   291 O O     . HIS A 1 40 ? -3.785  4.724   -1.958  1.00 17.22 ? 87  HIS A O     1 
ATOM   292 C CB    . HIS A 1 40 ? -2.663  7.745   -1.398  1.00 24.44 ? 87  HIS A CB    1 
ATOM   293 C CG    . HIS A 1 40 ? -3.804  8.707   -1.523  1.00 27.45 ? 87  HIS A CG    1 
ATOM   294 N ND1   . HIS A 1 40 ? -4.598  8.772   -2.643  1.00 27.90 ? 87  HIS A ND1   1 
ATOM   295 C CD2   . HIS A 1 40 ? -4.298  9.614   -0.650  1.00 28.63 ? 87  HIS A CD2   1 
ATOM   296 C CE1   . HIS A 1 40 ? -5.534  9.691   -2.462  1.00 27.44 ? 87  HIS A CE1   1 
ATOM   297 N NE2   . HIS A 1 40 ? -5.368  10.217  -1.261  1.00 30.26 ? 87  HIS A NE2   1 
ATOM   298 N N     . GLN A 1 41 ? -5.352  6.052   -1.067  1.00 17.81 ? 88  GLN A N     1 
ATOM   299 C CA    . GLN A 1 41 ? -6.458  5.257   -1.568  1.00 19.96 ? 88  GLN A CA    1 
ATOM   300 C C     . GLN A 1 41 ? -6.425  5.069   -3.084  1.00 18.20 ? 88  GLN A C     1 
ATOM   301 O O     . GLN A 1 41 ? -6.816  4.012   -3.567  1.00 20.61 ? 88  GLN A O     1 
ATOM   302 C CB    . GLN A 1 41 ? -7.807  5.877   -1.129  1.00 18.12 ? 88  GLN A CB    1 
ATOM   303 C CG    . GLN A 1 41 ? -7.974  7.328   -1.553  1.00 22.29 ? 88  GLN A CG    1 
ATOM   304 C CD    . GLN A 1 41 ? -9.126  7.997   -0.824  1.00 21.03 ? 88  GLN A CD    1 
ATOM   305 O OE1   . GLN A 1 41 ? -9.882  7.335   -0.107  1.00 21.49 ? 88  GLN A OE1   1 
ATOM   306 N NE2   . GLN A 1 41 ? -9.262  9.310   -1.001  1.00 27.87 ? 88  GLN A NE2   1 
ATOM   307 N N     . THR A 1 42 ? -5.938  6.061   -3.829  1.00 20.53 ? 89  THR A N     1 
ATOM   308 C CA    . THR A 1 42 ? -5.873  5.961   -5.291  1.00 21.38 ? 89  THR A CA    1 
ATOM   309 C C     . THR A 1 42 ? -4.874  4.896   -5.781  1.00 25.30 ? 89  THR A C     1 
ATOM   310 O O     . THR A 1 42 ? -4.915  4.471   -6.938  1.00 22.39 ? 89  THR A O     1 
ATOM   311 C CB    . THR A 1 42 ? -5.505  7.321   -5.935  1.00 23.07 ? 89  THR A CB    1 
ATOM   312 O OG1   . THR A 1 42 ? -4.283  7.828   -5.374  1.00 25.60 ? 89  THR A OG1   1 
ATOM   313 C CG2   . THR A 1 42 ? -6.596  8.329   -5.684  1.00 28.66 ? 89  THR A CG2   1 
ATOM   314 N N     . ALA A 1 43 ? -3.990  4.474   -4.889  1.00 20.26 ? 90  ALA A N     1 
ATOM   315 C CA    . ALA A 1 43 ? -2.973  3.463   -5.218  1.00 20.59 ? 90  ALA A CA    1 
ATOM   316 C C     . ALA A 1 43 ? -3.478  2.029   -5.101  1.00 24.32 ? 90  ALA A C     1 
ATOM   317 O O     . ALA A 1 43 ? -2.786  1.089   -5.487  1.00 21.96 ? 90  ALA A O     1 
ATOM   318 C CB    . ALA A 1 43 ? -1.749  3.658   -4.322  1.00 21.48 ? 90  ALA A CB    1 
ATOM   319 N N     . ILE A 1 44 ? -4.681  1.862   -4.557  1.00 19.58 ? 91  ILE A N     1 
ATOM   320 C CA    . ILE A 1 44 ? -5.271  0.541   -4.345  1.00 18.24 ? 91  ILE A CA    1 
ATOM   321 C C     . ILE A 1 44 ? -6.147  0.188   -5.543  1.00 26.33 ? 91  ILE A C     1 
ATOM   322 O O     . ILE A 1 44 ? -6.955  1.015   -5.984  1.00 27.03 ? 91  ILE A O     1 
ATOM   323 C CB    . ILE A 1 44 ? -6.116  0.530   -3.048  1.00 21.74 ? 91  ILE A CB    1 
ATOM   324 C CG1   . ILE A 1 44 ? -5.276  1.023   -1.870  1.00 17.70 ? 91  ILE A CG1   1 
ATOM   325 C CG2   . ILE A 1 44 ? -6.709  -0.841  -2.780  1.00 17.45 ? 91  ILE A CG2   1 
ATOM   326 C CD1   . ILE A 1 44 ? -6.126  1.338   -0.591  1.00 18.34 ? 91  ILE A CD1   1 
ATOM   327 N N     . LYS A 1 45 ? -5.996  -1.009  -6.109  1.00 21.98 ? 92  LYS A N     1 
ATOM   328 C CA    . LYS A 1 45 ? -6.857  -1.309  -7.256  1.00 31.12 ? 92  LYS A CA    1 
ATOM   329 C C     . LYS A 1 45 ? -8.229  -1.811  -6.815  1.00 33.54 ? 92  LYS A C     1 
ATOM   330 O O     . LYS A 1 45 ? -8.375  -2.362  -5.719  1.00 34.62 ? 92  LYS A O     1 
ATOM   331 C CB    . LYS A 1 45 ? -6.195  -2.292  -8.218  1.00 31.73 ? 92  LYS A CB    1 
ATOM   332 C CG    . LYS A 1 45 ? -5.051  -3.045  -7.627  1.00 33.30 ? 92  LYS A CG    1 
ATOM   333 C CD    . LYS A 1 45 ? -3.984  -3.291  -8.687  1.00 36.35 ? 92  LYS A CD    1 
ATOM   334 C CE    . LYS A 1 45 ? -2.883  -4.122  -8.074  1.00 37.01 ? 92  LYS A CE    1 
ATOM   335 N NZ    . LYS A 1 45 ? -1.603  -4.139  -8.785  1.00 42.44 ? 92  LYS A NZ    1 
ATOM   336 N N     . LYS A 1 46 ? -9.230  -1.585  -7.674  1.00 40.58 ? 93  LYS A N     1 
ATOM   337 C CA    . LYS A 1 46 ? -10.659 -1.737  -7.334  1.00 41.10 ? 93  LYS A CA    1 
ATOM   338 C C     . LYS A 1 46 ? -11.045 -3.117  -6.792  1.00 43.36 ? 93  LYS A C     1 
ATOM   339 O O     . LYS A 1 46 ? -10.545 -4.142  -7.256  1.00 46.97 ? 93  LYS A O     1 
ATOM   340 C CB    . LYS A 1 46 ? -11.530 -1.419  -8.559  1.00 42.32 ? 93  LYS A CB    1 
ATOM   341 C CG    . LYS A 1 46 ? -11.541 0.056   -8.944  1.00 42.31 ? 93  LYS A CG    1 
ATOM   342 C CD    . LYS A 1 46 ? -12.456 0.330   -10.134 1.00 41.58 ? 93  LYS A CD    1 
ATOM   343 C CE    . LYS A 1 46 ? -11.926 -0.295  -11.411 1.00 46.99 ? 93  LYS A CE    1 
ATOM   344 N NZ    . LYS A 1 46 ? -10.632 0.320   -11.816 1.00 52.44 ? 93  LYS A NZ    1 
ATOM   345 N N     . ASN A 1 47 ? -11.938 -3.116  -5.804  1.00 44.89 ? 94  ASN A N     1 
ATOM   346 C CA    . ASN A 1 47 ? -12.396 -4.331  -5.137  1.00 44.72 ? 94  ASN A CA    1 
ATOM   347 C C     . ASN A 1 47 ? -13.344 -5.156  -6.004  1.00 47.88 ? 94  ASN A C     1 
ATOM   348 O O     . ASN A 1 47 ? -13.485 -6.366  -5.815  1.00 46.41 ? 94  ASN A O     1 
ATOM   349 C CB    . ASN A 1 47 ? -13.076 -3.978  -3.811  1.00 46.40 ? 94  ASN A CB    1 
ATOM   350 C CG    . ASN A 1 47 ? -12.081 -3.664  -2.706  1.00 44.23 ? 94  ASN A CG    1 
ATOM   351 O OD1   . ASN A 1 47 ? -10.895 -3.967  -2.824  1.00 47.32 ? 94  ASN A OD1   1 
ATOM   352 N ND2   . ASN A 1 47 ? -12.561 -3.060  -1.624  1.00 39.94 ? 94  ASN A ND2   1 
ATOM   353 N N     . LYS A 1 51 ? -18.791 -0.374  -1.378  1.00 40.75 ? 98  LYS A N     1 
ATOM   354 C CA    . LYS A 1 51 ? -18.780 1.087   -1.331  1.00 36.28 ? 98  LYS A CA    1 
ATOM   355 C C     . LYS A 1 51 ? -17.374 1.680   -1.421  1.00 33.74 ? 98  LYS A C     1 
ATOM   356 O O     . LYS A 1 51 ? -17.076 2.479   -2.327  1.00 27.04 ? 98  LYS A O     1 
ATOM   357 C CB    . LYS A 1 51 ? -19.444 1.577   -0.049  1.00 38.12 ? 98  LYS A CB    1 
ATOM   358 C CG    . LYS A 1 51 ? -19.653 3.071   -0.023  1.00 38.35 ? 98  LYS A CG    1 
ATOM   359 C CD    . LYS A 1 51 ? -19.893 3.543   1.394   1.00 37.73 ? 98  LYS A CD    1 
ATOM   360 C CE    . LYS A 1 51 ? -20.420 4.949   1.401   1.00 32.34 ? 98  LYS A CE    1 
ATOM   361 N NZ    . LYS A 1 51 ? -21.236 5.216   2.619   1.00 39.57 ? 98  LYS A NZ    1 
ATOM   362 N N     . TYR A 1 52 ? -16.526 1.303   -0.462  1.00 34.18 ? 99  TYR A N     1 
ATOM   363 C CA    . TYR A 1 52 ? -15.144 1.776   -0.407  1.00 26.73 ? 99  TYR A CA    1 
ATOM   364 C C     . TYR A 1 52 ? -14.324 0.994   -1.411  1.00 32.64 ? 99  TYR A C     1 
ATOM   365 O O     . TYR A 1 52 ? -13.413 0.225   -1.057  1.00 30.89 ? 99  TYR A O     1 
ATOM   366 C CB    . TYR A 1 52 ? -14.570 1.641   1.003   1.00 28.33 ? 99  TYR A CB    1 
ATOM   367 C CG    . TYR A 1 52 ? -15.332 2.429   2.046   1.00 31.26 ? 99  TYR A CG    1 
ATOM   368 C CD1   . TYR A 1 52 ? -16.072 1.782   3.028   1.00 32.26 ? 99  TYR A CD1   1 
ATOM   369 C CD2   . TYR A 1 52 ? -15.323 3.826   2.038   1.00 30.02 ? 99  TYR A CD2   1 
ATOM   370 C CE1   . TYR A 1 52 ? -16.777 2.500   3.985   1.00 31.35 ? 99  TYR A CE1   1 
ATOM   371 C CE2   . TYR A 1 52 ? -16.026 4.557   2.999   1.00 28.52 ? 99  TYR A CE2   1 
ATOM   372 C CZ    . TYR A 1 52 ? -16.749 3.881   3.965   1.00 31.26 ? 99  TYR A CZ    1 
ATOM   373 O OH    . TYR A 1 52 ? -17.446 4.582   4.919   1.00 31.94 ? 99  TYR A OH    1 
ATOM   374 N N     . LEU A 1 53 ? -14.681 1.215   -2.671  1.00 32.13 ? 100 LEU A N     1 
ATOM   375 C CA    . LEU A 1 53 ? -14.090 0.566   -3.831  1.00 33.02 ? 100 LEU A CA    1 
ATOM   376 C C     . LEU A 1 53 ? -12.570 0.477   -3.748  1.00 36.60 ? 100 LEU A C     1 
ATOM   377 O O     . LEU A 1 53 ? -11.978 -0.537  -4.128  1.00 37.45 ? 100 LEU A O     1 
ATOM   378 C CB    . LEU A 1 53 ? -14.516 1.316   -5.095  1.00 33.67 ? 100 LEU A CB    1 
ATOM   379 C CG    . LEU A 1 53 ? -14.038 0.771   -6.434  1.00 39.26 ? 100 LEU A CG    1 
ATOM   380 C CD1   . LEU A 1 53 ? -14.479 -0.675  -6.607  1.00 43.53 ? 100 LEU A CD1   1 
ATOM   381 C CD2   . LEU A 1 53 ? -14.571 1.639   -7.558  1.00 40.04 ? 100 LEU A CD2   1 
ATOM   382 N N     . ARG A 1 54 ? -11.934 1.527   -3.238  1.00 30.15 ? 101 ARG A N     1 
ATOM   383 C CA    . ARG A 1 54 ? -10.495 1.490   -3.056  1.00 30.70 ? 101 ARG A CA    1 
ATOM   384 C C     . ARG A 1 54 ? -10.133 1.617   -1.578  1.00 28.53 ? 101 ARG A C     1 
ATOM   385 O O     . ARG A 1 54 ? -10.032 2.714   -1.037  1.00 31.51 ? 101 ARG A O     1 
ATOM   386 C CB    . ARG A 1 54 ? -9.820  2.577   -3.891  1.00 27.02 ? 101 ARG A CB    1 
ATOM   387 C CG    . ARG A 1 54 ? -9.952  2.352   -5.386  1.00 28.45 ? 101 ARG A CG    1 
ATOM   388 C CD    . ARG A 1 54 ? -9.287  3.446   -6.189  1.00 25.92 ? 101 ARG A CD    1 
ATOM   389 N NE    . ARG A 1 54 ? -9.660  3.406   -7.602  1.00 28.59 ? 101 ARG A NE    1 
ATOM   390 C CZ    . ARG A 1 54 ? -8.946  2.803   -8.546  1.00 37.21 ? 101 ARG A CZ    1 
ATOM   391 N NH1   . ARG A 1 54 ? -7.816  2.177   -8.227  1.00 34.01 ? 101 ARG A NH1   1 
ATOM   392 N NH2   . ARG A 1 54 ? -9.360  2.822   -9.808  1.00 37.50 ? 101 ARG A NH2   1 
ATOM   393 N N     . SER A 1 55 ? -9.919  0.473   -0.936  1.00 20.82 ? 102 SER A N     1 
ATOM   394 C CA    . SER A 1 55 ? -9.552  0.442   0.470   1.00 19.63 ? 102 SER A CA    1 
ATOM   395 C C     . SER A 1 55 ? -8.855  -0.877  0.788   1.00 21.36 ? 102 SER A C     1 
ATOM   396 O O     . SER A 1 55 ? -8.983  -1.831  0.035   1.00 23.02 ? 102 SER A O     1 
ATOM   397 C CB    . SER A 1 55 ? -10.788 0.594   1.351   1.00 21.82 ? 102 SER A CB    1 
ATOM   398 O OG    . SER A 1 55 ? -11.647 -0.525  1.175   1.00 24.78 ? 102 SER A OG    1 
ATOM   399 N N     . VAL A 1 56 ? -8.123  -0.917  1.892   1.00 18.36 ? 103 VAL A N     1 
ATOM   400 C CA    . VAL A 1 56 ? -7.592  -2.180  2.409   1.00 16.61 ? 103 VAL A CA    1 
ATOM   401 C C     . VAL A 1 56 ? -7.939  -2.249  3.880   1.00 19.49 ? 103 VAL A C     1 
ATOM   402 O O     . VAL A 1 56 ? -8.293  -1.221  4.485   1.00 19.02 ? 103 VAL A O     1 
ATOM   403 C CB    . VAL A 1 56 ? -6.067  -2.313  2.211   1.00 17.42 ? 103 VAL A CB    1 
ATOM   404 C CG1   . VAL A 1 56 ? -5.741  -2.536  0.730   1.00 18.29 ? 103 VAL A CG1   1 
ATOM   405 C CG2   . VAL A 1 56 ? -5.339  -1.110  2.787   1.00 15.77 ? 103 VAL A CG2   1 
ATOM   406 N N     . GLY A 1 57 ? -7.879  -3.449  4.448   1.00 16.58 ? 104 GLY A N     1 
ATOM   407 C CA    . GLY A 1 57 ? -8.268  -3.635  5.835   1.00 15.79 ? 104 GLY A CA    1 
ATOM   408 C C     . GLY A 1 57 ? -7.073  -3.798  6.742   1.00 16.74 ? 104 GLY A C     1 
ATOM   409 O O     . GLY A 1 57 ? -6.093  -4.439  6.363   1.00 16.43 ? 104 GLY A O     1 
ATOM   410 N N     . ASP A 1 58 ? -7.146  -3.232  7.941   1.00 15.54 ? 105 ASP A N     1 
ATOM   411 C CA    . ASP A 1 58 ? -6.079  -3.411  8.924   1.00 15.15 ? 105 ASP A CA    1 
ATOM   412 C C     . ASP A 1 58 ? -5.744  -4.876  9.167   1.00 17.63 ? 105 ASP A C     1 
ATOM   413 O O     . ASP A 1 58 ? -6.620  -5.679  9.473   1.00 17.10 ? 105 ASP A O     1 
ATOM   414 C CB    . ASP A 1 58 ? -6.461  -2.796  10.258  1.00 16.60 ? 105 ASP A CB    1 
ATOM   415 C CG    . ASP A 1 58 ? -6.708  -1.314  10.179  1.00 17.45 ? 105 ASP A CG    1 
ATOM   416 O OD1   . ASP A 1 58 ? -6.750  -0.738  9.073   1.00 18.14 ? 105 ASP A OD1   1 
ATOM   417 O OD2   . ASP A 1 58 ? -6.868  -0.737  11.274  1.00 18.38 ? 105 ASP A OD2   1 
ATOM   418 N N     . GLY A 1 59 ? -4.460  -5.204  9.047   1.00 16.28 ? 106 GLY A N     1 
ATOM   419 C CA    . GLY A 1 59 ? -3.971  -6.542  9.342   1.00 19.50 ? 106 GLY A CA    1 
ATOM   420 C C     . GLY A 1 59 ? -3.923  -7.461  8.135   1.00 19.85 ? 106 GLY A C     1 
ATOM   421 O O     . GLY A 1 59 ? -3.385  -8.562  8.204   1.00 18.58 ? 106 GLY A O     1 
ATOM   422 N N     . GLU A 1 60 ? -4.489  -6.998  7.027   1.00 14.64 ? 107 GLU A N     1 
ATOM   423 C CA    . GLU A 1 60 ? -4.527  -7.748  5.774   1.00 16.02 ? 107 GLU A CA    1 
ATOM   424 C C     . GLU A 1 60 ? -3.136  -7.844  5.139   1.00 14.94 ? 107 GLU A C     1 
ATOM   425 O O     . GLU A 1 60 ? -2.359  -6.898  5.228   1.00 15.25 ? 107 GLU A O     1 
ATOM   426 C CB    . GLU A 1 60 ? -5.509  -7.049  4.822   1.00 20.71 ? 107 GLU A CB    1 
ATOM   427 C CG    . GLU A 1 60 ? -5.643  -7.622  3.455   1.00 26.09 ? 107 GLU A CG    1 
ATOM   428 C CD    . GLU A 1 60 ? -6.699  -6.926  2.608   1.00 26.36 ? 107 GLU A CD    1 
ATOM   429 O OE1   . GLU A 1 60 ? -7.107  -5.777  2.915   1.00 26.82 ? 107 GLU A OE1   1 
ATOM   430 O OE2   . GLU A 1 60 ? -7.121  -7.532  1.605   1.00 33.41 ? 107 GLU A OE2   1 
ATOM   431 N N     . THR A 1 61 ? -2.833  -8.975  4.503   1.00 14.39 ? 108 THR A N     1 
ATOM   432 C CA    . THR A 1 61 ? -1.629  -9.104  3.681   1.00 15.53 ? 108 THR A CA    1 
ATOM   433 C C     . THR A 1 61 ? -1.921  -8.623  2.268   1.00 16.90 ? 108 THR A C     1 
ATOM   434 O O     . THR A 1 61 ? -2.909  -9.031  1.659   1.00 17.16 ? 108 THR A O     1 
ATOM   435 C CB    . THR A 1 61 ? -1.120  -10.568 3.631   1.00 15.28 ? 108 THR A CB    1 
ATOM   436 O OG1   . THR A 1 61 ? -0.603  -10.945 4.912   1.00 17.76 ? 108 THR A OG1   1 
ATOM   437 C CG2   . THR A 1 61 ? -0.005  -10.704 2.588   1.00 18.13 ? 108 THR A CG2   1 
ATOM   438 N N     . VAL A 1 62 ? -1.071  -7.742  1.742   1.00 14.59 ? 109 VAL A N     1 
ATOM   439 C CA    . VAL A 1 62 ? -1.279  -7.233  0.399   1.00 13.76 ? 109 VAL A CA    1 
ATOM   440 C C     . VAL A 1 62 ? 0.016   -7.290  -0.394  1.00 16.55 ? 109 VAL A C     1 
ATOM   441 O O     . VAL A 1 62 ? 1.097   -7.435  0.180   1.00 17.13 ? 109 VAL A O     1 
ATOM   442 C CB    . VAL A 1 62 ? -1.796  -5.776  0.389   1.00 18.31 ? 109 VAL A CB    1 
ATOM   443 C CG1   . VAL A 1 62 ? -3.215  -5.709  0.939   1.00 15.78 ? 109 VAL A CG1   1 
ATOM   444 C CG2   . VAL A 1 62 ? -0.864  -4.889  1.181   1.00 17.42 ? 109 VAL A CG2   1 
ATOM   445 N N     . GLU A 1 63 ? -0.117  -7.199  -1.710  1.00 16.12 ? 110 GLU A N     1 
ATOM   446 C CA    . GLU A 1 63 ? 1.026   -7.161  -2.616  1.00 17.52 ? 110 GLU A CA    1 
ATOM   447 C C     . GLU A 1 63 ? 1.033   -5.825  -3.348  1.00 19.13 ? 110 GLU A C     1 
ATOM   448 O O     . GLU A 1 63 ? -0.015  -5.302  -3.724  1.00 18.69 ? 110 GLU A O     1 
ATOM   449 C CB    . GLU A 1 63 ? 0.966   -8.330  -3.603  1.00 19.70 ? 110 GLU A CB    1 
ATOM   450 C CG    . GLU A 1 63 ? 2.185   -8.449  -4.524  1.00 20.87 ? 110 GLU A CG    1 
ATOM   451 C CD    . GLU A 1 63 ? 2.224   -9.785  -5.235  1.00 29.68 ? 110 GLU A CD    1 
ATOM   452 O OE1   . GLU A 1 63 ? 1.426   -10.674 -4.860  1.00 32.14 ? 110 GLU A OE1   1 
ATOM   453 O OE2   . GLU A 1 63 ? 3.063   -9.961  -6.147  1.00 30.51 ? 110 GLU A OE2   1 
ATOM   454 N N     . PHE A 1 64 ? 2.211   -5.253  -3.546  1.00 17.63 ? 111 PHE A N     1 
ATOM   455 C CA    . PHE A 1 64 ? 2.273   -3.910  -4.096  1.00 17.75 ? 111 PHE A CA    1 
ATOM   456 C C     . PHE A 1 64 ? 3.637   -3.609  -4.688  1.00 18.41 ? 111 PHE A C     1 
ATOM   457 O O     . PHE A 1 64 ? 4.614   -4.332  -4.443  1.00 16.62 ? 111 PHE A O     1 
ATOM   458 C CB    . PHE A 1 64 ? 1.937   -2.879  -3.008  1.00 18.32 ? 111 PHE A CB    1 
ATOM   459 C CG    . PHE A 1 64 ? 2.773   -3.019  -1.765  1.00 17.66 ? 111 PHE A CG    1 
ATOM   460 C CD1   . PHE A 1 64 ? 3.878   -2.211  -1.552  1.00 19.04 ? 111 PHE A CD1   1 
ATOM   461 C CD2   . PHE A 1 64 ? 2.455   -3.962  -0.812  1.00 16.64 ? 111 PHE A CD2   1 
ATOM   462 C CE1   . PHE A 1 64 ? 4.646   -2.352  -0.390  1.00 20.84 ? 111 PHE A CE1   1 
ATOM   463 C CE2   . PHE A 1 64 ? 3.214   -4.105  0.343   1.00 19.91 ? 111 PHE A CE2   1 
ATOM   464 C CZ    . PHE A 1 64 ? 4.310   -3.301  0.549   1.00 18.68 ? 111 PHE A CZ    1 
ATOM   465 N N     . ASP A 1 65 ? 3.688   -2.548  -5.486  1.00 18.27 ? 112 ASP A N     1 
ATOM   466 C CA    . ASP A 1 65 ? 4.952   -2.015  -5.956  1.00 18.41 ? 112 ASP A CA    1 
ATOM   467 C C     . ASP A 1 65 ? 5.317   -0.871  -5.032  1.00 20.12 ? 112 ASP A C     1 
ATOM   468 O O     . ASP A 1 65 ? 4.451   -0.274  -4.412  1.00 19.59 ? 112 ASP A O     1 
ATOM   469 C CB    . ASP A 1 65 ? 4.847   -1.533  -7.401  1.00 20.91 ? 112 ASP A CB    1 
ATOM   470 C CG    . ASP A 1 65 ? 4.386   -2.621  -8.346  1.00 23.05 ? 112 ASP A CG    1 
ATOM   471 O OD1   . ASP A 1 65 ? 4.682   -3.804  -8.081  1.00 23.02 ? 112 ASP A OD1   1 
ATOM   472 O OD2   . ASP A 1 65 ? 3.736   -2.288  -9.364  1.00 27.44 ? 112 ASP A OD2   1 
ATOM   473 N N     . VAL A 1 66 ? 6.599   -0.569  -4.930  1.00 18.41 ? 113 VAL A N     1 
ATOM   474 C CA    . VAL A 1 66 ? 7.032   0.580   -4.153  1.00 17.85 ? 113 VAL A CA    1 
ATOM   475 C C     . VAL A 1 66 ? 7.593   1.591   -5.139  1.00 21.46 ? 113 VAL A C     1 
ATOM   476 O O     . VAL A 1 66 ? 8.471   1.257   -5.929  1.00 19.13 ? 113 VAL A O     1 
ATOM   477 C CB    . VAL A 1 66 ? 8.092   0.189   -3.087  1.00 22.69 ? 113 VAL A CB    1 
ATOM   478 C CG1   . VAL A 1 66 ? 8.548   1.401   -2.297  1.00 25.01 ? 113 VAL A CG1   1 
ATOM   479 C CG2   . VAL A 1 66 ? 7.538   -0.879  -2.144  1.00 22.55 ? 113 VAL A CG2   1 
ATOM   480 N N     . VAL A 1 67 ? 7.057   2.807   -5.114  1.00 18.94 ? 114 VAL A N     1 
ATOM   481 C CA    . VAL A 1 67 ? 7.502   3.849   -6.038  1.00 23.78 ? 114 VAL A CA    1 
ATOM   482 C C     . VAL A 1 67 ? 7.970   5.082   -5.288  1.00 27.02 ? 114 VAL A C     1 
ATOM   483 O O     . VAL A 1 67 ? 7.705   5.245   -4.100  1.00 24.18 ? 114 VAL A O     1 
ATOM   484 C CB    . VAL A 1 67 ? 6.402   4.266   -7.045  1.00 25.12 ? 114 VAL A CB    1 
ATOM   485 C CG1   . VAL A 1 67 ? 5.975   3.088   -7.912  1.00 25.76 ? 114 VAL A CG1   1 
ATOM   486 C CG2   . VAL A 1 67 ? 5.206   4.905   -6.330  1.00 24.76 ? 114 VAL A CG2   1 
ATOM   487 N N     . GLU A 1 68 ? 8.688   5.943   -6.001  1.00 28.52 ? 115 GLU A N     1 
ATOM   488 C CA    . GLU A 1 68 ? 9.172   7.198   -5.444  1.00 33.67 ? 115 GLU A CA    1 
ATOM   489 C C     . GLU A 1 68 ? 8.158   8.317   -5.628  1.00 36.68 ? 115 GLU A C     1 
ATOM   490 O O     . GLU A 1 68 ? 8.028   8.884   -6.720  1.00 40.98 ? 115 GLU A O     1 
ATOM   491 C CB    . GLU A 1 68 ? 10.499  7.603   -6.091  1.00 33.32 ? 115 GLU A CB    1 
ATOM   492 C CG    . GLU A 1 68 ? 11.164  8.816   -5.447  1.00 33.97 ? 115 GLU A CG    1 
ATOM   493 C CD    . GLU A 1 68 ? 11.386  8.649   -3.954  1.00 40.83 ? 115 GLU A CD    1 
ATOM   494 O OE1   . GLU A 1 68 ? 11.576  7.501   -3.502  1.00 39.60 ? 115 GLU A OE1   1 
ATOM   495 O OE2   . GLU A 1 68 ? 11.379  9.673   -3.229  1.00 48.18 ? 115 GLU A OE2   1 
ATOM   496 N N     . GLY A 1 69 ? 7.440   8.624   -4.556  1.00 39.88 ? 116 GLY A N     1 
ATOM   497 C CA    . GLY A 1 69 ? 6.467   9.695   -4.579  1.00 41.23 ? 116 GLY A CA    1 
ATOM   498 C C     . GLY A 1 69 ? 7.118   11.022  -4.251  1.00 46.79 ? 116 GLY A C     1 
ATOM   499 O O     . GLY A 1 69 ? 8.349   11.142  -4.229  1.00 42.69 ? 116 GLY A O     1 
ATOM   500 N N     . GLU A 1 70 ? 6.280   12.021  -3.996  1.00 48.60 ? 117 GLU A N     1 
ATOM   501 C CA    . GLU A 1 70 ? 6.750   13.356  -3.674  1.00 51.92 ? 117 GLU A CA    1 
ATOM   502 C C     . GLU A 1 70 ? 7.551   13.337  -2.377  1.00 48.70 ? 117 GLU A C     1 
ATOM   503 O O     . GLU A 1 70 ? 8.708   13.769  -2.346  1.00 52.06 ? 117 GLU A O     1 
ATOM   504 C CB    . GLU A 1 70 ? 5.566   14.327  -3.570  1.00 57.07 ? 117 GLU A CB    1 
ATOM   505 C CG    . GLU A 1 70 ? 4.693   14.377  -4.823  1.00 61.22 ? 117 GLU A CG    1 
ATOM   506 C CD    . GLU A 1 70 ? 3.858   15.646  -4.913  1.00 67.37 ? 117 GLU A CD    1 
ATOM   507 O OE1   . GLU A 1 70 ? 4.384   16.669  -5.403  1.00 69.51 ? 117 GLU A OE1   1 
ATOM   508 O OE2   . GLU A 1 70 ? 2.674   15.622  -4.505  1.00 70.63 ? 117 GLU A OE2   1 
ATOM   509 N N     . LYS A 1 71 ? 6.939   12.814  -1.317  1.00 46.21 ? 118 LYS A N     1 
ATOM   510 C CA    . LYS A 1 71 ? 7.543   12.852  0.007   1.00 43.26 ? 118 LYS A CA    1 
ATOM   511 C C     . LYS A 1 71 ? 8.145   11.508  0.404   1.00 45.77 ? 118 LYS A C     1 
ATOM   512 O O     . LYS A 1 71 ? 8.157   11.144  1.580   1.00 45.74 ? 118 LYS A O     1 
ATOM   513 C CB    . LYS A 1 71 ? 6.505   13.291  1.034   1.00 45.04 ? 118 LYS A CB    1 
ATOM   514 C CG    . LYS A 1 71 ? 5.627   14.422  0.542   1.00 44.33 ? 118 LYS A CG    1 
ATOM   515 C CD    . LYS A 1 71 ? 4.237   14.333  1.138   1.00 44.50 ? 118 LYS A CD    1 
ATOM   516 C CE    . LYS A 1 71 ? 3.236   15.098  0.296   1.00 47.14 ? 118 LYS A CE    1 
ATOM   517 N NZ    . LYS A 1 71 ? 1.846   14.908  0.806   1.00 44.98 ? 118 LYS A NZ    1 
ATOM   518 N N     . GLY A 1 72 ? 8.656   10.776  -0.579  1.00 44.14 ? 119 GLY A N     1 
ATOM   519 C CA    . GLY A 1 72 ? 9.354   9.540   -0.296  1.00 45.25 ? 119 GLY A CA    1 
ATOM   520 C C     . GLY A 1 72 ? 8.691   8.319   -0.894  1.00 38.12 ? 119 GLY A C     1 
ATOM   521 O O     . GLY A 1 72 ? 7.938   8.422   -1.868  1.00 34.13 ? 119 GLY A O     1 
ATOM   522 N N     . ALA A 1 73 ? 8.977   7.163   -0.297  1.00 39.51 ? 120 ALA A N     1 
ATOM   523 C CA    . ALA A 1 73 ? 8.490   5.882   -0.792  1.00 35.52 ? 120 ALA A CA    1 
ATOM   524 C C     . ALA A 1 73 ? 7.002   5.719   -0.551  1.00 30.45 ? 120 ALA A C     1 
ATOM   525 O O     . ALA A 1 73 ? 6.493   6.053   0.523   1.00 37.10 ? 120 ALA A O     1 
ATOM   526 C CB    . ALA A 1 73 ? 9.252   4.742   -0.137  1.00 35.71 ? 120 ALA A CB    1 
ATOM   527 N N     . GLU A 1 74 ? 6.290   5.210   -1.547  1.00 22.66 ? 121 GLU A N     1 
ATOM   528 C CA    . GLU A 1 74 ? 4.879   4.913   -1.340  1.00 24.49 ? 121 GLU A CA    1 
ATOM   529 C C     . GLU A 1 74 ? 4.463   3.691   -2.130  1.00 23.06 ? 121 GLU A C     1 
ATOM   530 O O     . GLU A 1 74 ? 5.132   3.290   -3.082  1.00 22.81 ? 121 GLU A O     1 
ATOM   531 C CB    . GLU A 1 74 ? 4.007   6.110   -1.727  1.00 23.99 ? 121 GLU A CB    1 
ATOM   532 C CG    . GLU A 1 74 ? 4.090   6.502   -3.171  1.00 25.65 ? 121 GLU A CG    1 
ATOM   533 C CD    . GLU A 1 74 ? 3.122   7.625   -3.506  1.00 30.98 ? 121 GLU A CD    1 
ATOM   534 O OE1   . GLU A 1 74 ? 1.976   7.598   -3.016  1.00 34.73 ? 121 GLU A OE1   1 
ATOM   535 O OE2   . GLU A 1 74 ? 3.517   8.536   -4.245  1.00 36.31 ? 121 GLU A OE2   1 
ATOM   536 N N     . ALA A 1 75 ? 3.356   3.089   -1.726  1.00 18.55 ? 122 ALA A N     1 
ATOM   537 C CA    . ALA A 1 75 ? 2.873   1.905   -2.404  1.00 18.70 ? 122 ALA A CA    1 
ATOM   538 C C     . ALA A 1 75 ? 2.135   2.277   -3.678  1.00 20.60 ? 122 ALA A C     1 
ATOM   539 O O     . ALA A 1 75 ? 1.576   3.381   -3.807  1.00 24.34 ? 122 ALA A O     1 
ATOM   540 C CB    . ALA A 1 75 ? 1.968   1.090   -1.476  1.00 19.04 ? 122 ALA A CB    1 
ATOM   541 N N     . ALA A 1 76 ? 2.157   1.353   -4.628  1.00 17.13 ? 123 ALA A N     1 
ATOM   542 C CA    . ALA A 1 76 ? 1.432   1.505   -5.873  1.00 20.27 ? 123 ALA A CA    1 
ATOM   543 C C     . ALA A 1 76 ? 0.848   0.158   -6.232  1.00 17.76 ? 123 ALA A C     1 
ATOM   544 O O     . ALA A 1 76 ? 1.370   -0.873  -5.808  1.00 20.62 ? 123 ALA A O     1 
ATOM   545 C CB    . ALA A 1 76 ? 2.358   2.011   -6.992  1.00 21.69 ? 123 ALA A CB    1 
ATOM   546 N N     . ASN A 1 77 ? -0.226  0.167   -7.015  1.00 19.62 ? 124 ASN A N     1 
ATOM   547 C CA    . ASN A 1 77 ? -0.789  -1.071  -7.525  1.00 18.57 ? 124 ASN A CA    1 
ATOM   548 C C     . ASN A 1 77 ? -1.042  -2.081  -6.406  1.00 20.46 ? 124 ASN A C     1 
ATOM   549 O O     . ASN A 1 77 ? -0.568  -3.206  -6.460  1.00 20.55 ? 124 ASN A O     1 
ATOM   550 C CB    . ASN A 1 77 ? 0.145   -1.686  -8.577  1.00 24.30 ? 124 ASN A CB    1 
ATOM   551 C CG    . ASN A 1 77 ? 0.330   -0.795  -9.775  1.00 27.99 ? 124 ASN A CG    1 
ATOM   552 O OD1   . ASN A 1 77 ? -0.613  -0.144  -10.230 1.00 30.11 ? 124 ASN A OD1   1 
ATOM   553 N ND2   . ASN A 1 77 ? 1.548   -0.757  -10.300 1.00 29.58 ? 124 ASN A ND2   1 
ATOM   554 N N     . VAL A 1 78 ? -1.770  -1.672  -5.377  1.00 17.91 ? 125 VAL A N     1 
ATOM   555 C CA    . VAL A 1 78 ? -1.975  -2.537  -4.223  1.00 18.06 ? 125 VAL A CA    1 
ATOM   556 C C     . VAL A 1 78 ? -3.111  -3.537  -4.468  1.00 21.14 ? 125 VAL A C     1 
ATOM   557 O O     . VAL A 1 78 ? -4.253  -3.130  -4.692  1.00 21.81 ? 125 VAL A O     1 
ATOM   558 C CB    . VAL A 1 78 ? -2.283  -1.706  -2.949  1.00 17.44 ? 125 VAL A CB    1 
ATOM   559 C CG1   . VAL A 1 78 ? -2.362  -2.627  -1.728  1.00 18.96 ? 125 VAL A CG1   1 
ATOM   560 C CG2   . VAL A 1 78 ? -1.230  -0.606  -2.749  1.00 16.97 ? 125 VAL A CG2   1 
ATOM   561 N N     . THR A 1 79 ? -2.771  -4.828  -4.431  1.00 20.90 ? 126 THR A N     1 
ATOM   562 C CA    . THR A 1 79 ? -3.696  -5.976  -4.498  1.00 22.95 ? 126 THR A CA    1 
ATOM   563 C C     . THR A 1 79 ? -3.609  -6.894  -3.328  1.00 20.97 ? 126 THR A C     1 
ATOM   564 O O     . THR A 1 79 ? -2.745  -6.759  -2.473  1.00 19.97 ? 126 THR A O     1 
ATOM   565 C CB    . THR A 1 79 ? -3.429  -6.982  -5.669  1.00 27.91 ? 126 THR A CB    1 
ATOM   566 O OG1   . THR A 1 79 ? -2.022  -7.191  -5.833  1.00 26.53 ? 126 THR A OG1   1 
ATOM   567 C CG2   . THR A 1 79 ? -4.182  -6.691  -6.927  1.00 39.50 ? 126 THR A CG2   1 
ATOM   568 N N     . GLY A 1 80 ? -4.451  -7.913  -3.377  1.00 23.22 ? 127 GLY A N     1 
ATOM   569 C CA    . GLY A 1 80 ? -4.228  -9.073  -2.549  1.00 22.01 ? 127 GLY A CA    1 
ATOM   570 C C     . GLY A 1 80 ? -3.026  -9.847  -3.052  1.00 25.58 ? 127 GLY A C     1 
ATOM   571 O O     . GLY A 1 80 ? -2.525  -9.613  -4.156  1.00 25.24 ? 127 GLY A O     1 
ATOM   572 N N     . PRO A 1 81 ? -2.537  -10.779 -2.234  1.00 25.39 ? 128 PRO A N     1 
ATOM   573 C CA    . PRO A 1 81 ? -1.382  -11.583 -2.641  1.00 27.84 ? 128 PRO A CA    1 
ATOM   574 C C     . PRO A 1 81 ? -1.754  -12.449 -3.842  1.00 31.40 ? 128 PRO A C     1 
ATOM   575 O O     . PRO A 1 81 ? -2.781  -13.124 -3.819  1.00 37.33 ? 128 PRO A O     1 
ATOM   576 C CB    . PRO A 1 81 ? -1.072  -12.414 -1.392  1.00 30.18 ? 128 PRO A CB    1 
ATOM   577 C CG    . PRO A 1 81 ? -2.337  -12.452 -0.634  1.00 26.89 ? 128 PRO A CG    1 
ATOM   578 C CD    . PRO A 1 81 ? -3.033  -11.143 -0.895  1.00 24.82 ? 128 PRO A CD    1 
ATOM   579 N N     . GLY A 1 82 ? -0.941  -12.397 -4.893  1.00 39.93 ? 129 GLY A N     1 
ATOM   580 C CA    . GLY A 1 82 ? -1.272  -13.062 -6.143  1.00 40.44 ? 129 GLY A CA    1 
ATOM   581 C C     . GLY A 1 82 ? -2.154  -12.208 -7.036  1.00 44.09 ? 129 GLY A C     1 
ATOM   582 O O     . GLY A 1 82 ? -2.371  -11.022 -6.766  1.00 41.44 ? 129 GLY A O     1 
ATOM   583 P P     . C   B 2 2  ? -5.733  15.269  2.358   1.00 60.87 ? 2   C   B P     1 
ATOM   584 O OP1   . C   B 2 2  ? -6.932  14.558  1.834   1.00 55.80 ? 2   C   B OP1   1 
ATOM   585 O OP2   . C   B 2 2  ? -4.987  16.207  1.476   1.00 48.98 ? 2   C   B OP2   1 
ATOM   586 O "O5'" . C   B 2 2  ? -4.709  14.184  2.926   1.00 51.66 ? 2   C   B "O5'" 1 
ATOM   587 C "C5'" . C   B 2 2  ? -4.560  12.912  2.299   1.00 39.57 ? 2   C   B "C5'" 1 
ATOM   588 C "C4'" . C   B 2 2  ? -3.109  12.509  2.218   1.00 38.37 ? 2   C   B "C4'" 1 
ATOM   589 O "O4'" . C   B 2 2  ? -2.891  11.743  1.000   1.00 37.60 ? 2   C   B "O4'" 1 
ATOM   590 C "C3'" . C   B 2 2  ? -2.123  13.674  2.163   1.00 42.73 ? 2   C   B "C3'" 1 
ATOM   591 O "O3'" . C   B 2 2  ? -0.911  13.270  2.789   1.00 46.30 ? 2   C   B "O3'" 1 
ATOM   592 C "C2'" . C   B 2 2  ? -1.883  13.832  0.665   1.00 43.57 ? 2   C   B "C2'" 1 
ATOM   593 O "O2'" . C   B 2 2  ? -0.672  14.473  0.328   1.00 44.89 ? 2   C   B "O2'" 1 
ATOM   594 C "C1'" . C   B 2 2  ? -1.895  12.377  0.214   1.00 36.88 ? 2   C   B "C1'" 1 
ATOM   595 N N1    . C   B 2 2  ? -2.204  12.170  -1.211  1.00 34.76 ? 2   C   B N1    1 
ATOM   596 C C2    . C   B 2 2  ? -1.261  11.470  -1.971  1.00 37.80 ? 2   C   B C2    1 
ATOM   597 O O2    . C   B 2 2  ? -0.229  11.072  -1.410  1.00 41.60 ? 2   C   B O2    1 
ATOM   598 N N3    . C   B 2 2  ? -1.489  11.238  -3.287  1.00 39.47 ? 2   C   B N3    1 
ATOM   599 C C4    . C   B 2 2  ? -2.615  11.685  -3.847  1.00 37.10 ? 2   C   B C4    1 
ATOM   600 N N4    . C   B 2 2  ? -2.789  11.434  -5.149  1.00 44.57 ? 2   C   B N4    1 
ATOM   601 C C5    . C   B 2 2  ? -3.593  12.409  -3.102  1.00 41.46 ? 2   C   B C5    1 
ATOM   602 C C6    . C   B 2 2  ? -3.355  12.629  -1.795  1.00 40.13 ? 2   C   B C6    1 
ATOM   603 P P     . A   B 2 3  ? -0.178  14.225  3.851   1.00 48.97 ? 3   A   B P     1 
ATOM   604 O OP1   . A   B 2 3  ? -1.207  14.909  4.671   1.00 46.80 ? 3   A   B OP1   1 
ATOM   605 O OP2   . A   B 2 3  ? 0.842   14.998  3.093   1.00 46.15 ? 3   A   B OP2   1 
ATOM   606 O "O5'" . A   B 2 3  ? 0.589   13.211  4.804   1.00 41.02 ? 3   A   B "O5'" 1 
ATOM   607 C "C5'" . A   B 2 3  ? -0.117  12.447  5.775   1.00 38.27 ? 3   A   B "C5'" 1 
ATOM   608 C "C4'" . A   B 2 3  ? 0.822   11.610  6.606   1.00 39.84 ? 3   A   B "C4'" 1 
ATOM   609 O "O4'" . A   B 2 3  ? 1.501   10.643  5.753   1.00 38.82 ? 3   A   B "O4'" 1 
ATOM   610 C "C3'" . A   B 2 3  ? 1.937   12.377  7.321   1.00 40.54 ? 3   A   B "C3'" 1 
ATOM   611 O "O3'" . A   B 2 3  ? 2.288   11.630  8.482   1.00 42.85 ? 3   A   B "O3'" 1 
ATOM   612 C "C2'" . A   B 2 3  ? 3.089   12.240  6.340   1.00 40.28 ? 3   A   B "C2'" 1 
ATOM   613 O "O2'" . A   B 2 3  ? 4.366   12.475  6.893   1.00 42.08 ? 3   A   B "O2'" 1 
ATOM   614 C "C1'" . A   B 2 3  ? 2.898   10.790  5.936   1.00 39.74 ? 3   A   B "C1'" 1 
ATOM   615 N N9    . A   B 2 3  ? 3.617   10.339  4.747   1.00 37.00 ? 3   A   B N9    1 
ATOM   616 C C8    . A   B 2 3  ? 4.724   9.531   4.772   1.00 34.45 ? 3   A   B C8    1 
ATOM   617 N N7    . A   B 2 3  ? 5.199   9.245   3.590   1.00 35.70 ? 3   A   B N7    1 
ATOM   618 C C5    . A   B 2 3  ? 4.338   9.908   2.738   1.00 34.46 ? 3   A   B C5    1 
ATOM   619 C C6    . A   B 2 3  ? 4.317   9.992   1.342   1.00 37.12 ? 3   A   B C6    1 
ATOM   620 N N6    . A   B 2 3  ? 5.213   9.375   0.564   1.00 36.26 ? 3   A   B N6    1 
ATOM   621 N N1    . A   B 2 3  ? 3.331   10.735  0.789   1.00 36.90 ? 3   A   B N1    1 
ATOM   622 C C2    . A   B 2 3  ? 2.447   11.339  1.597   1.00 39.95 ? 3   A   B C2    1 
ATOM   623 N N3    . A   B 2 3  ? 2.364   11.336  2.927   1.00 38.20 ? 3   A   B N3    1 
ATOM   624 C C4    . A   B 2 3  ? 3.356   10.595  3.433   1.00 35.20 ? 3   A   B C4    1 
ATOM   625 P P     . U   B 2 4  ? 2.466   12.338  9.903   1.00 50.92 ? 4   U   B P     1 
ATOM   626 O OP1   . U   B 2 4  ? 1.654   13.582  9.887   1.00 45.38 ? 4   U   B OP1   1 
ATOM   627 O OP2   . U   B 2 4  ? 3.920   12.368  10.215  1.00 48.77 ? 4   U   B OP2   1 
ATOM   628 O "O5'" . U   B 2 4  ? 1.795   11.305  10.905  1.00 43.84 ? 4   U   B "O5'" 1 
ATOM   629 C "C5'" . U   B 2 4  ? 0.551   10.697  10.584  1.00 43.85 ? 4   U   B "C5'" 1 
ATOM   630 C "C4'" . U   B 2 4  ? 0.372   9.408   11.336  1.00 39.17 ? 4   U   B "C4'" 1 
ATOM   631 O "O4'" . U   B 2 4  ? 1.010   8.328   10.598  1.00 40.85 ? 4   U   B "O4'" 1 
ATOM   632 C "C3'" . U   B 2 4  ? 0.990   9.400   12.733  1.00 42.83 ? 4   U   B "C3'" 1 
ATOM   633 O "O3'" . U   B 2 4  ? 0.136   8.689   13.621  1.00 47.33 ? 4   U   B "O3'" 1 
ATOM   634 C "C2'" . U   B 2 4  ? 2.299   8.637   12.529  1.00 43.98 ? 4   U   B "C2'" 1 
ATOM   635 O "O2'" . U   B 2 4  ? 2.794   7.993   13.684  1.00 48.75 ? 4   U   B "O2'" 1 
ATOM   636 C "C1'" . U   B 2 4  ? 1.909   7.637   11.444  1.00 37.32 ? 4   U   B "C1'" 1 
ATOM   637 N N1    . U   B 2 4  ? 3.037   7.152   10.636  1.00 36.86 ? 4   U   B N1    1 
ATOM   638 C C2    . U   B 2 4  ? 3.233   5.781   10.546  1.00 32.18 ? 4   U   B C2    1 
ATOM   639 O O2    . U   B 2 4  ? 2.501   4.978   11.094  1.00 33.94 ? 4   U   B O2    1 
ATOM   640 N N3    . U   B 2 4  ? 4.306   5.380   9.785   1.00 31.81 ? 4   U   B N3    1 
ATOM   641 C C4    . U   B 2 4  ? 5.189   6.202   9.109   1.00 36.18 ? 4   U   B C4    1 
ATOM   642 O O4    . U   B 2 4  ? 6.115   5.706   8.455   1.00 35.12 ? 4   U   B O4    1 
ATOM   643 C C5    . U   B 2 4  ? 4.924   7.601   9.255   1.00 36.47 ? 4   U   B C5    1 
ATOM   644 C C6    . U   B 2 4  ? 3.884   8.019   9.995   1.00 36.30 ? 4   U   B C6    1 
ATOM   645 P P     . C   B 2 5  ? -0.571  9.465   14.836  1.00 52.78 ? 5   C   B P     1 
ATOM   646 O OP1   . C   B 2 5  ? 0.087   10.792  14.973  1.00 54.02 ? 5   C   B OP1   1 
ATOM   647 O OP2   . C   B 2 5  ? -0.637  8.537   15.992  1.00 51.18 ? 5   C   B OP2   1 
ATOM   648 O "O5'" . C   B 2 5  ? -2.067  9.711   14.344  1.00 49.81 ? 5   C   B "O5'" 1 
ATOM   649 C "C5'" . C   B 2 5  ? -2.427  10.889  13.631  1.00 45.18 ? 5   C   B "C5'" 1 
ATOM   650 C "C4'" . C   B 2 5  ? -3.702  10.681  12.852  1.00 47.13 ? 5   C   B "C4'" 1 
ATOM   651 O "O4'" . C   B 2 5  ? -3.523  9.577   11.920  1.00 45.76 ? 5   C   B "O4'" 1 
ATOM   652 C "C3'" . C   B 2 5  ? -4.924  10.280  13.671  1.00 45.52 ? 5   C   B "C3'" 1 
ATOM   653 O "O3'" . C   B 2 5  ? -5.582  11.385  14.280  1.00 50.77 ? 5   C   B "O3'" 1 
ATOM   654 C "C2'" . C   B 2 5  ? -5.780  9.536   12.653  1.00 40.00 ? 5   C   B "C2'" 1 
ATOM   655 O "O2'" . C   B 2 5  ? -6.454  10.443  11.792  1.00 50.15 ? 5   C   B "O2'" 1 
ATOM   656 C "C1'" . C   B 2 5  ? -4.711  8.811   11.839  1.00 41.70 ? 5   C   B "C1'" 1 
ATOM   657 N N1    . C   B 2 5  ? -4.438  7.469   12.395  1.00 36.48 ? 5   C   B N1    1 
ATOM   658 C C2    . C   B 2 5  ? -5.399  6.462   12.254  1.00 35.00 ? 5   C   B C2    1 
ATOM   659 O O2    . C   B 2 5  ? -6.458  6.691   11.651  1.00 39.36 ? 5   C   B O2    1 
ATOM   660 N N3    . C   B 2 5  ? -5.157  5.251   12.784  1.00 33.62 ? 5   C   B N3    1 
ATOM   661 C C4    . C   B 2 5  ? -4.017  5.016   13.428  1.00 32.91 ? 5   C   B C4    1 
ATOM   662 N N4    . C   B 2 5  ? -3.833  3.793   13.927  1.00 37.30 ? 5   C   B N4    1 
ATOM   663 C C5    . C   B 2 5  ? -3.019  6.018   13.594  1.00 36.60 ? 5   C   B C5    1 
ATOM   664 C C6    . C   B 2 5  ? -3.271  7.219   13.066  1.00 37.44 ? 5   C   B C6    1 
HETATM 665 O O     . HOH C 3 .  ? 12.655  6.556   -2.126  1.00 35.24 ? 201 HOH A O     1 
HETATM 666 O O     . HOH C 3 .  ? 6.479   5.587   2.541   1.00 31.77 ? 202 HOH A O     1 
HETATM 667 O O     . HOH C 3 .  ? 17.391  7.028   -12.165 1.00 45.69 ? 203 HOH A O     1 
HETATM 668 O O     . HOH C 3 .  ? -23.067 6.186   2.034   1.00 29.38 ? 204 HOH A O     1 
HETATM 669 O O     . HOH C 3 .  ? 10.333  13.262  -0.929  1.00 53.05 ? 205 HOH A O     1 
HETATM 670 O O     . HOH C 3 .  ? -6.966  -3.941  -4.568  1.00 38.82 ? 206 HOH A O     1 
HETATM 671 O O     . HOH C 3 .  ? -5.399  -9.318  0.956   1.00 27.01 ? 207 HOH A O     1 
HETATM 672 O O     . HOH C 3 .  ? -11.887 8.408   1.570   1.00 26.51 ? 208 HOH A O     1 
HETATM 673 O O     . HOH C 3 .  ? 9.512   -11.642 9.621   1.00 28.41 ? 209 HOH A O     1 
HETATM 674 O O     . HOH C 3 .  ? -10.547 -0.037  5.197   1.00 22.00 ? 210 HOH A O     1 
HETATM 675 O O     . HOH C 3 .  ? 5.314   -6.762  8.004   1.00 24.56 ? 211 HOH A O     1 
HETATM 676 O O     . HOH C 3 .  ? 12.425  -0.610  3.060   1.00 22.88 ? 212 HOH A O     1 
HETATM 677 O O     . HOH C 3 .  ? -9.773  0.503   7.745   1.00 17.20 ? 213 HOH A O     1 
HETATM 678 O O     . HOH C 3 .  ? 1.979   -11.307 5.520   1.00 30.61 ? 214 HOH A O     1 
HETATM 679 O O     . HOH C 3 .  ? 14.498  -1.971  -4.531  1.00 29.49 ? 215 HOH A O     1 
HETATM 680 O O     . HOH C 3 .  ? -10.757 4.809   0.549   1.00 27.34 ? 216 HOH A O     1 
HETATM 681 O O     . HOH C 3 .  ? -6.739  11.710  0.581   1.00 34.86 ? 217 HOH A O     1 
HETATM 682 O O     . HOH C 3 .  ? 9.586   2.951   3.509   1.00 34.57 ? 218 HOH A O     1 
HETATM 683 O O     . HOH C 3 .  ? -2.018  -10.766 7.297   1.00 18.36 ? 219 HOH A O     1 
HETATM 684 O O     . HOH C 3 .  ? 0.349   5.386   -2.373  1.00 19.66 ? 220 HOH A O     1 
HETATM 685 O O     . HOH C 3 .  ? -2.731  -3.670  12.327  1.00 33.07 ? 221 HOH A O     1 
HETATM 686 O O     . HOH C 3 .  ? 8.009   -8.402  1.083   1.00 29.36 ? 222 HOH A O     1 
HETATM 687 O O     . HOH C 3 .  ? 2.971   -5.997  -7.545  1.00 30.75 ? 223 HOH A O     1 
HETATM 688 O O     . HOH C 3 .  ? 0.204   -5.906  -7.030  1.00 30.58 ? 224 HOH A O     1 
HETATM 689 O O     . HOH C 3 .  ? -8.478  -0.904  -10.380 1.00 41.56 ? 225 HOH A O     1 
HETATM 690 O O     . HOH C 3 .  ? -4.253  -15.485 -3.036  1.00 30.88 ? 226 HOH A O     1 
HETATM 691 O O     . HOH C 3 .  ? 1.376   5.382   -5.891  1.00 30.37 ? 227 HOH A O     1 
HETATM 692 O O     . HOH C 3 .  ? 13.117  -1.795  -1.932  1.00 31.68 ? 228 HOH A O     1 
HETATM 693 O O     . HOH C 3 .  ? 9.080   2.232   9.359   1.00 30.71 ? 229 HOH A O     1 
HETATM 694 O O     . HOH C 3 .  ? -1.003  2.696   -8.339  1.00 26.73 ? 230 HOH A O     1 
HETATM 695 O O     . HOH C 3 .  ? 4.847   -0.570  11.859  1.00 35.55 ? 231 HOH A O     1 
HETATM 696 O O     . HOH C 3 .  ? 10.249  3.361   -13.169 1.00 33.09 ? 232 HOH A O     1 
HETATM 697 O O     . HOH C 3 .  ? -10.322 9.363   11.886  1.00 34.18 ? 233 HOH A O     1 
HETATM 698 O O     . HOH C 3 .  ? -22.025 4.262   5.408   1.00 32.14 ? 234 HOH A O     1 
HETATM 699 O O     . HOH C 3 .  ? 10.393  1.370   1.360   1.00 27.35 ? 235 HOH A O     1 
HETATM 700 O O     . HOH C 3 .  ? -1.327  -9.021  10.501  1.00 47.15 ? 236 HOH A O     1 
HETATM 701 O O     . HOH C 3 .  ? 11.609  3.414   4.892   1.00 49.40 ? 237 HOH A O     1 
HETATM 702 O O     . HOH C 3 .  ? -9.840  -5.002  1.617   1.00 41.02 ? 238 HOH A O     1 
HETATM 703 O O     . HOH C 3 .  ? -11.269 -3.364  2.575   1.00 31.47 ? 239 HOH A O     1 
HETATM 704 O O     . HOH C 3 .  ? -11.268 11.111  0.701   1.00 33.17 ? 240 HOH A O     1 
HETATM 705 O O     . HOH C 3 .  ? -1.096  -15.741 -2.889  1.00 40.64 ? 241 HOH A O     1 
HETATM 706 O O     . HOH C 3 .  ? -10.135 12.572  2.207   1.00 39.35 ? 242 HOH A O     1 
HETATM 707 O O     . HOH C 3 .  ? -15.687 11.781  11.976  1.00 33.43 ? 243 HOH A O     1 
HETATM 708 O O     . HOH C 3 .  ? 6.570   -11.603 7.483   1.00 32.18 ? 244 HOH A O     1 
HETATM 709 O O     . HOH C 3 .  ? 11.773  11.594  1.295   1.00 56.86 ? 245 HOH A O     1 
HETATM 710 O O     . HOH C 3 .  ? 2.176   -11.795 8.048   1.00 37.88 ? 246 HOH A O     1 
HETATM 711 O O     . HOH C 3 .  ? 10.134  6.766   3.294   1.00 50.42 ? 247 HOH A O     1 
HETATM 712 O O     . HOH C 3 .  ? -5.858  -13.793 -1.641  1.00 29.47 ? 248 HOH A O     1 
HETATM 713 O O     . HOH D 3 .  ? 7.206   6.535   6.494   1.00 41.12 ? 101 HOH B O     1 
HETATM 714 O O     . HOH D 3 .  ? -8.501  14.238  -0.034  1.00 48.99 ? 102 HOH B O     1 
HETATM 715 O O     . HOH D 3 .  ? -6.571  3.232   12.837  1.00 31.43 ? 103 HOH B O     1 
HETATM 716 O O     . HOH D 3 .  ? -5.087  1.537   13.992  0.50 38.01 ? 104 HOH B O     1 
HETATM 717 O O     . HOH D 3 .  ? -9.770  14.119  3.703   1.00 41.21 ? 105 HOH B O     1 
# 
loop_
_pdbx_poly_seq_scheme.asym_id 
_pdbx_poly_seq_scheme.entity_id 
_pdbx_poly_seq_scheme.seq_id 
_pdbx_poly_seq_scheme.mon_id 
_pdbx_poly_seq_scheme.ndb_seq_num 
_pdbx_poly_seq_scheme.pdb_seq_num 
_pdbx_poly_seq_scheme.auth_seq_num 
_pdbx_poly_seq_scheme.pdb_mon_id 
_pdbx_poly_seq_scheme.auth_mon_id 
_pdbx_poly_seq_scheme.pdb_strand_id 
_pdbx_poly_seq_scheme.pdb_ins_code 
_pdbx_poly_seq_scheme.hetero 
A 1 1  GLY 1  48  ?   ?   ?   A . n 
A 1 2  SER 2  49  ?   ?   ?   A . n 
A 1 3  GLY 3  50  ?   ?   ?   A . n 
A 1 4  ASP 4  51  ?   ?   ?   A . n 
A 1 5  LYS 5  52  52  LYS LYS A . n 
A 1 6  LYS 6  53  53  LYS LYS A . n 
A 1 7  VAL 7  54  54  VAL VAL A . n 
A 1 8  ILE 8  55  55  ILE ILE A . n 
A 1 9  ALA 9  56  56  ALA ALA A . n 
A 1 10 THR 10 57  57  THR THR A . n 
A 1 11 LYS 11 58  58  LYS LYS A . n 
A 1 12 VAL 12 59  59  VAL VAL A . n 
A 1 13 LEU 13 60  60  LEU LEU A . n 
A 1 14 GLY 14 61  61  GLY GLY A . n 
A 1 15 THR 15 62  62  THR THR A . n 
A 1 16 VAL 16 63  63  VAL VAL A . n 
A 1 17 LYS 17 64  64  LYS LYS A . n 
A 1 18 TRP 18 65  65  TRP TRP A . n 
A 1 19 PHE 19 66  66  PHE PHE A . n 
A 1 20 ASN 20 67  67  ASN ASN A . n 
A 1 21 VAL 21 68  68  VAL VAL A . n 
A 1 22 ARG 22 69  69  ARG ARG A . n 
A 1 23 ASN 23 70  70  ASN ASN A . n 
A 1 24 GLY 24 71  71  GLY GLY A . n 
A 1 25 TYR 25 72  72  TYR TYR A . n 
A 1 26 GLY 26 73  73  GLY GLY A . n 
A 1 27 PHE 27 74  74  PHE PHE A . n 
A 1 28 ILE 28 75  75  ILE ILE A . n 
A 1 29 ASN 29 76  76  ASN ASN A . n 
A 1 30 ARG 30 77  77  ARG ARG A . n 
A 1 31 ASN 31 78  78  ASN ASN A . n 
A 1 32 ASP 32 79  79  ASP ASP A . n 
A 1 33 THR 33 80  80  THR THR A . n 
A 1 34 LYS 34 81  81  LYS LYS A . n 
A 1 35 GLU 35 82  82  GLU GLU A . n 
A 1 36 ASP 36 83  83  ASP ASP A . n 
A 1 37 VAL 37 84  84  VAL VAL A . n 
A 1 38 PHE 38 85  85  PHE PHE A . n 
A 1 39 VAL 39 86  86  VAL VAL A . n 
A 1 40 HIS 40 87  87  HIS HIS A . n 
A 1 41 GLN 41 88  88  GLN GLN A . n 
A 1 42 THR 42 89  89  THR THR A . n 
A 1 43 ALA 43 90  90  ALA ALA A . n 
A 1 44 ILE 44 91  91  ILE ILE A . n 
A 1 45 LYS 45 92  92  LYS LYS A . n 
A 1 46 LYS 46 93  93  LYS LYS A . n 
A 1 47 ASN 47 94  94  ASN ASN A . n 
A 1 48 ASN 48 95  ?   ?   ?   A . n 
A 1 49 PRO 49 96  ?   ?   ?   A . n 
A 1 50 ARG 50 97  ?   ?   ?   A . n 
A 1 51 LYS 51 98  98  LYS LYS A . n 
A 1 52 TYR 52 99  99  TYR TYR A . n 
A 1 53 LEU 53 100 100 LEU LEU A . n 
A 1 54 ARG 54 101 101 ARG ARG A . n 
A 1 55 SER 55 102 102 SER SER A . n 
A 1 56 VAL 56 103 103 VAL VAL A . n 
A 1 57 GLY 57 104 104 GLY GLY A . n 
A 1 58 ASP 58 105 105 ASP ASP A . n 
A 1 59 GLY 59 106 106 GLY GLY A . n 
A 1 60 GLU 60 107 107 GLU GLU A . n 
A 1 61 THR 61 108 108 THR THR A . n 
A 1 62 VAL 62 109 109 VAL VAL A . n 
A 1 63 GLU 63 110 110 GLU GLU A . n 
A 1 64 PHE 64 111 111 PHE PHE A . n 
A 1 65 ASP 65 112 112 ASP ASP A . n 
A 1 66 VAL 66 113 113 VAL VAL A . n 
A 1 67 VAL 67 114 114 VAL VAL A . n 
A 1 68 GLU 68 115 115 GLU GLU A . n 
A 1 69 GLY 69 116 116 GLY GLY A . n 
A 1 70 GLU 70 117 117 GLU GLU A . n 
A 1 71 LYS 71 118 118 LYS LYS A . n 
A 1 72 GLY 72 119 119 GLY GLY A . n 
A 1 73 ALA 73 120 120 ALA ALA A . n 
A 1 74 GLU 74 121 121 GLU GLU A . n 
A 1 75 ALA 75 122 122 ALA ALA A . n 
A 1 76 ALA 76 123 123 ALA ALA A . n 
A 1 77 ASN 77 124 124 ASN ASN A . n 
A 1 78 VAL 78 125 125 VAL VAL A . n 
A 1 79 THR 79 126 126 THR THR A . n 
A 1 80 GLY 80 127 127 GLY GLY A . n 
A 1 81 PRO 81 128 128 PRO PRO A . n 
A 1 82 GLY 82 129 129 GLY GLY A . n 
A 1 83 GLY 83 130 ?   ?   ?   A . n 
B 2 1  U   1  1   ?   ?   ?   B . n 
B 2 2  C   2  2   2   C   C   B . n 
B 2 3  A   3  3   3   A   A   B . n 
B 2 4  U   4  4   4   U   U   B . n 
B 2 5  C   5  5   5   C   C   B . n 
B 2 6  U   6  6   ?   ?   ?   B . n 
# 
loop_
_pdbx_nonpoly_scheme.asym_id 
_pdbx_nonpoly_scheme.entity_id 
_pdbx_nonpoly_scheme.mon_id 
_pdbx_nonpoly_scheme.ndb_seq_num 
_pdbx_nonpoly_scheme.pdb_seq_num 
_pdbx_nonpoly_scheme.auth_seq_num 
_pdbx_nonpoly_scheme.pdb_mon_id 
_pdbx_nonpoly_scheme.auth_mon_id 
_pdbx_nonpoly_scheme.pdb_strand_id 
_pdbx_nonpoly_scheme.pdb_ins_code 
C 3 HOH 1  201 46 HOH HOH A . 
C 3 HOH 2  202 45 HOH HOH A . 
C 3 HOH 3  203 53 HOH HOH A . 
C 3 HOH 4  204 27 HOH HOH A . 
C 3 HOH 5  205 48 HOH HOH A . 
C 3 HOH 6  206 21 HOH HOH A . 
C 3 HOH 7  207 3  HOH HOH A . 
C 3 HOH 8  208 14 HOH HOH A . 
C 3 HOH 9  209 13 HOH HOH A . 
C 3 HOH 10 210 8  HOH HOH A . 
C 3 HOH 11 211 10 HOH HOH A . 
C 3 HOH 12 212 4  HOH HOH A . 
C 3 HOH 13 213 51 HOH HOH A . 
C 3 HOH 14 214 12 HOH HOH A . 
C 3 HOH 15 215 49 HOH HOH A . 
C 3 HOH 16 216 7  HOH HOH A . 
C 3 HOH 17 217 31 HOH HOH A . 
C 3 HOH 18 218 30 HOH HOH A . 
C 3 HOH 19 219 1  HOH HOH A . 
C 3 HOH 20 220 2  HOH HOH A . 
C 3 HOH 21 221 42 HOH HOH A . 
C 3 HOH 22 222 33 HOH HOH A . 
C 3 HOH 23 223 20 HOH HOH A . 
C 3 HOH 24 224 16 HOH HOH A . 
C 3 HOH 25 225 32 HOH HOH A . 
C 3 HOH 26 226 9  HOH HOH A . 
C 3 HOH 27 227 24 HOH HOH A . 
C 3 HOH 28 228 19 HOH HOH A . 
C 3 HOH 29 229 22 HOH HOH A . 
C 3 HOH 30 230 15 HOH HOH A . 
C 3 HOH 31 231 26 HOH HOH A . 
C 3 HOH 32 232 6  HOH HOH A . 
C 3 HOH 33 233 25 HOH HOH A . 
C 3 HOH 34 234 18 HOH HOH A . 
C 3 HOH 35 235 11 HOH HOH A . 
C 3 HOH 36 236 52 HOH HOH A . 
C 3 HOH 37 237 40 HOH HOH A . 
C 3 HOH 38 238 37 HOH HOH A . 
C 3 HOH 39 239 29 HOH HOH A . 
C 3 HOH 40 240 28 HOH HOH A . 
C 3 HOH 41 241 50 HOH HOH A . 
C 3 HOH 42 242 23 HOH HOH A . 
C 3 HOH 43 243 35 HOH HOH A . 
C 3 HOH 44 244 47 HOH HOH A . 
C 3 HOH 45 245 41 HOH HOH A . 
C 3 HOH 46 246 36 HOH HOH A . 
C 3 HOH 47 247 43 HOH HOH A . 
C 3 HOH 48 248 34 HOH HOH A . 
D 3 HOH 1  101 44 HOH HOH B . 
D 3 HOH 2  102 39 HOH HOH B . 
D 3 HOH 3  103 17 HOH HOH B . 
D 3 HOH 4  104 5  HOH HOH B . 
D 3 HOH 5  105 38 HOH HOH B . 
# 
_pdbx_struct_assembly.id                   1 
_pdbx_struct_assembly.details              author_defined_assembly 
_pdbx_struct_assembly.method_details       ? 
_pdbx_struct_assembly.oligomeric_details   dimeric 
_pdbx_struct_assembly.oligomeric_count     2 
# 
_pdbx_struct_assembly_gen.assembly_id       1 
_pdbx_struct_assembly_gen.oper_expression   1 
_pdbx_struct_assembly_gen.asym_id_list      A,B,C,D 
# 
loop_
_pdbx_struct_assembly_prop.biol_id 
_pdbx_struct_assembly_prop.type 
_pdbx_struct_assembly_prop.value 
_pdbx_struct_assembly_prop.details 
1 'ABSA (A^2)' 1090 ? 
1 MORE         -1   ? 
1 'SSA (A^2)'  5170 ? 
# 
_pdbx_struct_oper_list.id                   1 
_pdbx_struct_oper_list.type                 'identity operation' 
_pdbx_struct_oper_list.name                 1_555 
_pdbx_struct_oper_list.symmetry_operation   x,y,z 
_pdbx_struct_oper_list.matrix[1][1]         1.0000000000 
_pdbx_struct_oper_list.matrix[1][2]         0.0000000000 
_pdbx_struct_oper_list.matrix[1][3]         0.0000000000 
_pdbx_struct_oper_list.vector[1]            0.0000000000 
_pdbx_struct_oper_list.matrix[2][1]         0.0000000000 
_pdbx_struct_oper_list.matrix[2][2]         1.0000000000 
_pdbx_struct_oper_list.matrix[2][3]         0.0000000000 
_pdbx_struct_oper_list.vector[2]            0.0000000000 
_pdbx_struct_oper_list.matrix[3][1]         0.0000000000 
_pdbx_struct_oper_list.matrix[3][2]         0.0000000000 
_pdbx_struct_oper_list.matrix[3][3]         1.0000000000 
_pdbx_struct_oper_list.vector[3]            0.0000000000 
# 
_pdbx_struct_special_symmetry.id              1 
_pdbx_struct_special_symmetry.PDB_model_num   1 
_pdbx_struct_special_symmetry.auth_asym_id    B 
_pdbx_struct_special_symmetry.auth_comp_id    HOH 
_pdbx_struct_special_symmetry.auth_seq_id     104 
_pdbx_struct_special_symmetry.PDB_ins_code    ? 
_pdbx_struct_special_symmetry.label_asym_id   D 
_pdbx_struct_special_symmetry.label_comp_id   HOH 
_pdbx_struct_special_symmetry.label_seq_id    . 
# 
loop_
_pdbx_audit_revision_history.ordinal 
_pdbx_audit_revision_history.data_content_type 
_pdbx_audit_revision_history.major_revision 
_pdbx_audit_revision_history.minor_revision 
_pdbx_audit_revision_history.revision_date 
1 'Structure model' 1 0 2018-12-05 
2 'Structure model' 1 1 2019-06-19 
3 'Structure model' 1 2 2019-07-24 
4 'Structure model' 1 3 2023-11-22 
# 
_pdbx_audit_revision_details.ordinal             1 
_pdbx_audit_revision_details.revision_ordinal    1 
_pdbx_audit_revision_details.data_content_type   'Structure model' 
_pdbx_audit_revision_details.provider            repository 
_pdbx_audit_revision_details.type                'Initial release' 
_pdbx_audit_revision_details.description         ? 
_pdbx_audit_revision_details.details             ? 
# 
loop_
_pdbx_audit_revision_group.ordinal 
_pdbx_audit_revision_group.revision_ordinal 
_pdbx_audit_revision_group.data_content_type 
_pdbx_audit_revision_group.group 
1 2 'Structure model' 'Data collection'        
2 2 'Structure model' 'Database references'    
3 3 'Structure model' 'Data collection'        
4 3 'Structure model' 'Database references'    
5 4 'Structure model' 'Data collection'        
6 4 'Structure model' 'Database references'    
7 4 'Structure model' 'Refinement description' 
# 
loop_
_pdbx_audit_revision_category.ordinal 
_pdbx_audit_revision_category.revision_ordinal 
_pdbx_audit_revision_category.data_content_type 
_pdbx_audit_revision_category.category 
1 2 'Structure model' citation                      
2 2 'Structure model' citation_author               
3 3 'Structure model' citation                      
4 3 'Structure model' citation_author               
5 4 'Structure model' chem_comp_atom                
6 4 'Structure model' chem_comp_bond                
7 4 'Structure model' database_2                    
8 4 'Structure model' pdbx_initial_refinement_model 
# 
loop_
_pdbx_audit_revision_item.ordinal 
_pdbx_audit_revision_item.revision_ordinal 
_pdbx_audit_revision_item.data_content_type 
_pdbx_audit_revision_item.item 
1  2 'Structure model' '_citation.country'                   
2  2 'Structure model' '_citation.journal_abbrev'            
3  2 'Structure model' '_citation.journal_id_ASTM'           
4  2 'Structure model' '_citation.journal_id_CSD'            
5  2 'Structure model' '_citation.journal_id_ISSN'           
6  2 'Structure model' '_citation.pdbx_database_id_DOI'      
7  2 'Structure model' '_citation.pdbx_database_id_PubMed'   
8  2 'Structure model' '_citation.title'                     
9  2 'Structure model' '_citation.year'                      
10 3 'Structure model' '_citation.journal_volume'            
11 3 'Structure model' '_citation.page_first'                
12 3 'Structure model' '_citation.page_last'                 
13 3 'Structure model' '_citation_author.identifier_ORCID'   
14 4 'Structure model' '_database_2.pdbx_DOI'                
15 4 'Structure model' '_database_2.pdbx_database_accession' 
# 
loop_
_software.citation_id 
_software.classification 
_software.compiler_name 
_software.compiler_version 
_software.contact_author 
_software.contact_author_email 
_software.date 
_software.description 
_software.dependencies 
_software.hardware 
_software.language 
_software.location 
_software.mods 
_software.name 
_software.os 
_software.os_version 
_software.type 
_software.version 
_software.pdbx_ordinal 
? refinement       ? ? ? ? ? ? ? ? ? ? ? PHENIX   ? ? ? 1.9_1692 1 
? 'data reduction' ? ? ? ? ? ? ? ? ? ? ? HKL-2000 ? ? ? .        2 
? 'data scaling'   ? ? ? ? ? ? ? ? ? ? ? HKL-2000 ? ? ? .        3 
? phasing          ? ? ? ? ? ? ? ? ? ? ? PHENIX   ? ? ? .        4 
# 
loop_
_pdbx_validate_close_contact.id 
_pdbx_validate_close_contact.PDB_model_num 
_pdbx_validate_close_contact.auth_atom_id_1 
_pdbx_validate_close_contact.auth_asym_id_1 
_pdbx_validate_close_contact.auth_comp_id_1 
_pdbx_validate_close_contact.auth_seq_id_1 
_pdbx_validate_close_contact.PDB_ins_code_1 
_pdbx_validate_close_contact.label_alt_id_1 
_pdbx_validate_close_contact.auth_atom_id_2 
_pdbx_validate_close_contact.auth_asym_id_2 
_pdbx_validate_close_contact.auth_comp_id_2 
_pdbx_validate_close_contact.auth_seq_id_2 
_pdbx_validate_close_contact.PDB_ins_code_2 
_pdbx_validate_close_contact.label_alt_id_2 
_pdbx_validate_close_contact.dist 
1 1 OE1 A GLU 115 ? ? O A HOH 201 ? ? 1.99 
2 1 O   A ALA 120 ? ? O A HOH 202 ? ? 2.07 
3 1 NZ  A LYS 53  ? ? O A HOH 203 ? ? 2.12 
4 1 NZ  A LYS 98  ? ? O A HOH 204 ? ? 2.15 
5 1 O   A HOH 242 ? ? O B HOH 105 ? ? 2.18 
# 
loop_
_pdbx_validate_symm_contact.id 
_pdbx_validate_symm_contact.PDB_model_num 
_pdbx_validate_symm_contact.auth_atom_id_1 
_pdbx_validate_symm_contact.auth_asym_id_1 
_pdbx_validate_symm_contact.auth_comp_id_1 
_pdbx_validate_symm_contact.auth_seq_id_1 
_pdbx_validate_symm_contact.PDB_ins_code_1 
_pdbx_validate_symm_contact.label_alt_id_1 
_pdbx_validate_symm_contact.site_symmetry_1 
_pdbx_validate_symm_contact.auth_atom_id_2 
_pdbx_validate_symm_contact.auth_asym_id_2 
_pdbx_validate_symm_contact.auth_comp_id_2 
_pdbx_validate_symm_contact.auth_seq_id_2 
_pdbx_validate_symm_contact.PDB_ins_code_2 
_pdbx_validate_symm_contact.label_alt_id_2 
_pdbx_validate_symm_contact.site_symmetry_2 
_pdbx_validate_symm_contact.dist 
1 1 O A HOH 237 ? ? 1_555 O B HOH 105 ? ? 5_454 1.86 
2 1 O A HOH 204 ? ? 1_555 O A HOH 222 ? ? 6_665 2.11 
3 1 O A HOH 241 ? ? 1_555 O A HOH 244 ? ? 3_565 2.12 
# 
loop_
_pdbx_unobs_or_zero_occ_residues.id 
_pdbx_unobs_or_zero_occ_residues.PDB_model_num 
_pdbx_unobs_or_zero_occ_residues.polymer_flag 
_pdbx_unobs_or_zero_occ_residues.occupancy_flag 
_pdbx_unobs_or_zero_occ_residues.auth_asym_id 
_pdbx_unobs_or_zero_occ_residues.auth_comp_id 
_pdbx_unobs_or_zero_occ_residues.auth_seq_id 
_pdbx_unobs_or_zero_occ_residues.PDB_ins_code 
_pdbx_unobs_or_zero_occ_residues.label_asym_id 
_pdbx_unobs_or_zero_occ_residues.label_comp_id 
_pdbx_unobs_or_zero_occ_residues.label_seq_id 
1  1 Y 1 A GLY 48  ? A GLY 1  
2  1 Y 1 A SER 49  ? A SER 2  
3  1 Y 1 A GLY 50  ? A GLY 3  
4  1 Y 1 A ASP 51  ? A ASP 4  
5  1 Y 1 A ASN 95  ? A ASN 48 
6  1 Y 1 A PRO 96  ? A PRO 49 
7  1 Y 1 A ARG 97  ? A ARG 50 
8  1 Y 1 A GLY 130 ? A GLY 83 
9  1 Y 1 B U   1   ? B U   1  
10 1 Y 1 B U   6   ? B U   6  
# 
loop_
_chem_comp_atom.comp_id 
_chem_comp_atom.atom_id 
_chem_comp_atom.type_symbol 
_chem_comp_atom.pdbx_aromatic_flag 
_chem_comp_atom.pdbx_stereo_config 
_chem_comp_atom.pdbx_ordinal 
A   OP3    O N N 1   
A   P      P N N 2   
A   OP1    O N N 3   
A   OP2    O N N 4   
A   "O5'"  O N N 5   
A   "C5'"  C N N 6   
A   "C4'"  C N R 7   
A   "O4'"  O N N 8   
A   "C3'"  C N S 9   
A   "O3'"  O N N 10  
A   "C2'"  C N R 11  
A   "O2'"  O N N 12  
A   "C1'"  C N R 13  
A   N9     N Y N 14  
A   C8     C Y N 15  
A   N7     N Y N 16  
A   C5     C Y N 17  
A   C6     C Y N 18  
A   N6     N N N 19  
A   N1     N Y N 20  
A   C2     C Y N 21  
A   N3     N Y N 22  
A   C4     C Y N 23  
A   HOP3   H N N 24  
A   HOP2   H N N 25  
A   "H5'"  H N N 26  
A   "H5''" H N N 27  
A   "H4'"  H N N 28  
A   "H3'"  H N N 29  
A   "HO3'" H N N 30  
A   "H2'"  H N N 31  
A   "HO2'" H N N 32  
A   "H1'"  H N N 33  
A   H8     H N N 34  
A   H61    H N N 35  
A   H62    H N N 36  
A   H2     H N N 37  
ALA N      N N N 38  
ALA CA     C N S 39  
ALA C      C N N 40  
ALA O      O N N 41  
ALA CB     C N N 42  
ALA OXT    O N N 43  
ALA H      H N N 44  
ALA H2     H N N 45  
ALA HA     H N N 46  
ALA HB1    H N N 47  
ALA HB2    H N N 48  
ALA HB3    H N N 49  
ALA HXT    H N N 50  
ARG N      N N N 51  
ARG CA     C N S 52  
ARG C      C N N 53  
ARG O      O N N 54  
ARG CB     C N N 55  
ARG CG     C N N 56  
ARG CD     C N N 57  
ARG NE     N N N 58  
ARG CZ     C N N 59  
ARG NH1    N N N 60  
ARG NH2    N N N 61  
ARG OXT    O N N 62  
ARG H      H N N 63  
ARG H2     H N N 64  
ARG HA     H N N 65  
ARG HB2    H N N 66  
ARG HB3    H N N 67  
ARG HG2    H N N 68  
ARG HG3    H N N 69  
ARG HD2    H N N 70  
ARG HD3    H N N 71  
ARG HE     H N N 72  
ARG HH11   H N N 73  
ARG HH12   H N N 74  
ARG HH21   H N N 75  
ARG HH22   H N N 76  
ARG HXT    H N N 77  
ASN N      N N N 78  
ASN CA     C N S 79  
ASN C      C N N 80  
ASN O      O N N 81  
ASN CB     C N N 82  
ASN CG     C N N 83  
ASN OD1    O N N 84  
ASN ND2    N N N 85  
ASN OXT    O N N 86  
ASN H      H N N 87  
ASN H2     H N N 88  
ASN HA     H N N 89  
ASN HB2    H N N 90  
ASN HB3    H N N 91  
ASN HD21   H N N 92  
ASN HD22   H N N 93  
ASN HXT    H N N 94  
ASP N      N N N 95  
ASP CA     C N S 96  
ASP C      C N N 97  
ASP O      O N N 98  
ASP CB     C N N 99  
ASP CG     C N N 100 
ASP OD1    O N N 101 
ASP OD2    O N N 102 
ASP OXT    O N N 103 
ASP H      H N N 104 
ASP H2     H N N 105 
ASP HA     H N N 106 
ASP HB2    H N N 107 
ASP HB3    H N N 108 
ASP HD2    H N N 109 
ASP HXT    H N N 110 
C   OP3    O N N 111 
C   P      P N N 112 
C   OP1    O N N 113 
C   OP2    O N N 114 
C   "O5'"  O N N 115 
C   "C5'"  C N N 116 
C   "C4'"  C N R 117 
C   "O4'"  O N N 118 
C   "C3'"  C N S 119 
C   "O3'"  O N N 120 
C   "C2'"  C N R 121 
C   "O2'"  O N N 122 
C   "C1'"  C N R 123 
C   N1     N N N 124 
C   C2     C N N 125 
C   O2     O N N 126 
C   N3     N N N 127 
C   C4     C N N 128 
C   N4     N N N 129 
C   C5     C N N 130 
C   C6     C N N 131 
C   HOP3   H N N 132 
C   HOP2   H N N 133 
C   "H5'"  H N N 134 
C   "H5''" H N N 135 
C   "H4'"  H N N 136 
C   "H3'"  H N N 137 
C   "HO3'" H N N 138 
C   "H2'"  H N N 139 
C   "HO2'" H N N 140 
C   "H1'"  H N N 141 
C   H41    H N N 142 
C   H42    H N N 143 
C   H5     H N N 144 
C   H6     H N N 145 
GLN N      N N N 146 
GLN CA     C N S 147 
GLN C      C N N 148 
GLN O      O N N 149 
GLN CB     C N N 150 
GLN CG     C N N 151 
GLN CD     C N N 152 
GLN OE1    O N N 153 
GLN NE2    N N N 154 
GLN OXT    O N N 155 
GLN H      H N N 156 
GLN H2     H N N 157 
GLN HA     H N N 158 
GLN HB2    H N N 159 
GLN HB3    H N N 160 
GLN HG2    H N N 161 
GLN HG3    H N N 162 
GLN HE21   H N N 163 
GLN HE22   H N N 164 
GLN HXT    H N N 165 
GLU N      N N N 166 
GLU CA     C N S 167 
GLU C      C N N 168 
GLU O      O N N 169 
GLU CB     C N N 170 
GLU CG     C N N 171 
GLU CD     C N N 172 
GLU OE1    O N N 173 
GLU OE2    O N N 174 
GLU OXT    O N N 175 
GLU H      H N N 176 
GLU H2     H N N 177 
GLU HA     H N N 178 
GLU HB2    H N N 179 
GLU HB3    H N N 180 
GLU HG2    H N N 181 
GLU HG3    H N N 182 
GLU HE2    H N N 183 
GLU HXT    H N N 184 
GLY N      N N N 185 
GLY CA     C N N 186 
GLY C      C N N 187 
GLY O      O N N 188 
GLY OXT    O N N 189 
GLY H      H N N 190 
GLY H2     H N N 191 
GLY HA2    H N N 192 
GLY HA3    H N N 193 
GLY HXT    H N N 194 
HIS N      N N N 195 
HIS CA     C N S 196 
HIS C      C N N 197 
HIS O      O N N 198 
HIS CB     C N N 199 
HIS CG     C Y N 200 
HIS ND1    N Y N 201 
HIS CD2    C Y N 202 
HIS CE1    C Y N 203 
HIS NE2    N Y N 204 
HIS OXT    O N N 205 
HIS H      H N N 206 
HIS H2     H N N 207 
HIS HA     H N N 208 
HIS HB2    H N N 209 
HIS HB3    H N N 210 
HIS HD1    H N N 211 
HIS HD2    H N N 212 
HIS HE1    H N N 213 
HIS HE2    H N N 214 
HIS HXT    H N N 215 
HOH O      O N N 216 
HOH H1     H N N 217 
HOH H2     H N N 218 
ILE N      N N N 219 
ILE CA     C N S 220 
ILE C      C N N 221 
ILE O      O N N 222 
ILE CB     C N S 223 
ILE CG1    C N N 224 
ILE CG2    C N N 225 
ILE CD1    C N N 226 
ILE OXT    O N N 227 
ILE H      H N N 228 
ILE H2     H N N 229 
ILE HA     H N N 230 
ILE HB     H N N 231 
ILE HG12   H N N 232 
ILE HG13   H N N 233 
ILE HG21   H N N 234 
ILE HG22   H N N 235 
ILE HG23   H N N 236 
ILE HD11   H N N 237 
ILE HD12   H N N 238 
ILE HD13   H N N 239 
ILE HXT    H N N 240 
LEU N      N N N 241 
LEU CA     C N S 242 
LEU C      C N N 243 
LEU O      O N N 244 
LEU CB     C N N 245 
LEU CG     C N N 246 
LEU CD1    C N N 247 
LEU CD2    C N N 248 
LEU OXT    O N N 249 
LEU H      H N N 250 
LEU H2     H N N 251 
LEU HA     H N N 252 
LEU HB2    H N N 253 
LEU HB3    H N N 254 
LEU HG     H N N 255 
LEU HD11   H N N 256 
LEU HD12   H N N 257 
LEU HD13   H N N 258 
LEU HD21   H N N 259 
LEU HD22   H N N 260 
LEU HD23   H N N 261 
LEU HXT    H N N 262 
LYS N      N N N 263 
LYS CA     C N S 264 
LYS C      C N N 265 
LYS O      O N N 266 
LYS CB     C N N 267 
LYS CG     C N N 268 
LYS CD     C N N 269 
LYS CE     C N N 270 
LYS NZ     N N N 271 
LYS OXT    O N N 272 
LYS H      H N N 273 
LYS H2     H N N 274 
LYS HA     H N N 275 
LYS HB2    H N N 276 
LYS HB3    H N N 277 
LYS HG2    H N N 278 
LYS HG3    H N N 279 
LYS HD2    H N N 280 
LYS HD3    H N N 281 
LYS HE2    H N N 282 
LYS HE3    H N N 283 
LYS HZ1    H N N 284 
LYS HZ2    H N N 285 
LYS HZ3    H N N 286 
LYS HXT    H N N 287 
PHE N      N N N 288 
PHE CA     C N S 289 
PHE C      C N N 290 
PHE O      O N N 291 
PHE CB     C N N 292 
PHE CG     C Y N 293 
PHE CD1    C Y N 294 
PHE CD2    C Y N 295 
PHE CE1    C Y N 296 
PHE CE2    C Y N 297 
PHE CZ     C Y N 298 
PHE OXT    O N N 299 
PHE H      H N N 300 
PHE H2     H N N 301 
PHE HA     H N N 302 
PHE HB2    H N N 303 
PHE HB3    H N N 304 
PHE HD1    H N N 305 
PHE HD2    H N N 306 
PHE HE1    H N N 307 
PHE HE2    H N N 308 
PHE HZ     H N N 309 
PHE HXT    H N N 310 
PRO N      N N N 311 
PRO CA     C N S 312 
PRO C      C N N 313 
PRO O      O N N 314 
PRO CB     C N N 315 
PRO CG     C N N 316 
PRO CD     C N N 317 
PRO OXT    O N N 318 
PRO H      H N N 319 
PRO HA     H N N 320 
PRO HB2    H N N 321 
PRO HB3    H N N 322 
PRO HG2    H N N 323 
PRO HG3    H N N 324 
PRO HD2    H N N 325 
PRO HD3    H N N 326 
PRO HXT    H N N 327 
SER N      N N N 328 
SER CA     C N S 329 
SER C      C N N 330 
SER O      O N N 331 
SER CB     C N N 332 
SER OG     O N N 333 
SER OXT    O N N 334 
SER H      H N N 335 
SER H2     H N N 336 
SER HA     H N N 337 
SER HB2    H N N 338 
SER HB3    H N N 339 
SER HG     H N N 340 
SER HXT    H N N 341 
THR N      N N N 342 
THR CA     C N S 343 
THR C      C N N 344 
THR O      O N N 345 
THR CB     C N R 346 
THR OG1    O N N 347 
THR CG2    C N N 348 
THR OXT    O N N 349 
THR H      H N N 350 
THR H2     H N N 351 
THR HA     H N N 352 
THR HB     H N N 353 
THR HG1    H N N 354 
THR HG21   H N N 355 
THR HG22   H N N 356 
THR HG23   H N N 357 
THR HXT    H N N 358 
TRP N      N N N 359 
TRP CA     C N S 360 
TRP C      C N N 361 
TRP O      O N N 362 
TRP CB     C N N 363 
TRP CG     C Y N 364 
TRP CD1    C Y N 365 
TRP CD2    C Y N 366 
TRP NE1    N Y N 367 
TRP CE2    C Y N 368 
TRP CE3    C Y N 369 
TRP CZ2    C Y N 370 
TRP CZ3    C Y N 371 
TRP CH2    C Y N 372 
TRP OXT    O N N 373 
TRP H      H N N 374 
TRP H2     H N N 375 
TRP HA     H N N 376 
TRP HB2    H N N 377 
TRP HB3    H N N 378 
TRP HD1    H N N 379 
TRP HE1    H N N 380 
TRP HE3    H N N 381 
TRP HZ2    H N N 382 
TRP HZ3    H N N 383 
TRP HH2    H N N 384 
TRP HXT    H N N 385 
TYR N      N N N 386 
TYR CA     C N S 387 
TYR C      C N N 388 
TYR O      O N N 389 
TYR CB     C N N 390 
TYR CG     C Y N 391 
TYR CD1    C Y N 392 
TYR CD2    C Y N 393 
TYR CE1    C Y N 394 
TYR CE2    C Y N 395 
TYR CZ     C Y N 396 
TYR OH     O N N 397 
TYR OXT    O N N 398 
TYR H      H N N 399 
TYR H2     H N N 400 
TYR HA     H N N 401 
TYR HB2    H N N 402 
TYR HB3    H N N 403 
TYR HD1    H N N 404 
TYR HD2    H N N 405 
TYR HE1    H N N 406 
TYR HE2    H N N 407 
TYR HH     H N N 408 
TYR HXT    H N N 409 
U   OP3    O N N 410 
U   P      P N N 411 
U   OP1    O N N 412 
U   OP2    O N N 413 
U   "O5'"  O N N 414 
U   "C5'"  C N N 415 
U   "C4'"  C N R 416 
U   "O4'"  O N N 417 
U   "C3'"  C N S 418 
U   "O3'"  O N N 419 
U   "C2'"  C N R 420 
U   "O2'"  O N N 421 
U   "C1'"  C N R 422 
U   N1     N N N 423 
U   C2     C N N 424 
U   O2     O N N 425 
U   N3     N N N 426 
U   C4     C N N 427 
U   O4     O N N 428 
U   C5     C N N 429 
U   C6     C N N 430 
U   HOP3   H N N 431 
U   HOP2   H N N 432 
U   "H5'"  H N N 433 
U   "H5''" H N N 434 
U   "H4'"  H N N 435 
U   "H3'"  H N N 436 
U   "HO3'" H N N 437 
U   "H2'"  H N N 438 
U   "HO2'" H N N 439 
U   "H1'"  H N N 440 
U   H3     H N N 441 
U   H5     H N N 442 
U   H6     H N N 443 
VAL N      N N N 444 
VAL CA     C N S 445 
VAL C      C N N 446 
VAL O      O N N 447 
VAL CB     C N N 448 
VAL CG1    C N N 449 
VAL CG2    C N N 450 
VAL OXT    O N N 451 
VAL H      H N N 452 
VAL H2     H N N 453 
VAL HA     H N N 454 
VAL HB     H N N 455 
VAL HG11   H N N 456 
VAL HG12   H N N 457 
VAL HG13   H N N 458 
VAL HG21   H N N 459 
VAL HG22   H N N 460 
VAL HG23   H N N 461 
VAL HXT    H N N 462 
# 
loop_
_chem_comp_bond.comp_id 
_chem_comp_bond.atom_id_1 
_chem_comp_bond.atom_id_2 
_chem_comp_bond.value_order 
_chem_comp_bond.pdbx_aromatic_flag 
_chem_comp_bond.pdbx_stereo_config 
_chem_comp_bond.pdbx_ordinal 
A   OP3   P      sing N N 1   
A   OP3   HOP3   sing N N 2   
A   P     OP1    doub N N 3   
A   P     OP2    sing N N 4   
A   P     "O5'"  sing N N 5   
A   OP2   HOP2   sing N N 6   
A   "O5'" "C5'"  sing N N 7   
A   "C5'" "C4'"  sing N N 8   
A   "C5'" "H5'"  sing N N 9   
A   "C5'" "H5''" sing N N 10  
A   "C4'" "O4'"  sing N N 11  
A   "C4'" "C3'"  sing N N 12  
A   "C4'" "H4'"  sing N N 13  
A   "O4'" "C1'"  sing N N 14  
A   "C3'" "O3'"  sing N N 15  
A   "C3'" "C2'"  sing N N 16  
A   "C3'" "H3'"  sing N N 17  
A   "O3'" "HO3'" sing N N 18  
A   "C2'" "O2'"  sing N N 19  
A   "C2'" "C1'"  sing N N 20  
A   "C2'" "H2'"  sing N N 21  
A   "O2'" "HO2'" sing N N 22  
A   "C1'" N9     sing N N 23  
A   "C1'" "H1'"  sing N N 24  
A   N9    C8     sing Y N 25  
A   N9    C4     sing Y N 26  
A   C8    N7     doub Y N 27  
A   C8    H8     sing N N 28  
A   N7    C5     sing Y N 29  
A   C5    C6     sing Y N 30  
A   C5    C4     doub Y N 31  
A   C6    N6     sing N N 32  
A   C6    N1     doub Y N 33  
A   N6    H61    sing N N 34  
A   N6    H62    sing N N 35  
A   N1    C2     sing Y N 36  
A   C2    N3     doub Y N 37  
A   C2    H2     sing N N 38  
A   N3    C4     sing Y N 39  
ALA N     CA     sing N N 40  
ALA N     H      sing N N 41  
ALA N     H2     sing N N 42  
ALA CA    C      sing N N 43  
ALA CA    CB     sing N N 44  
ALA CA    HA     sing N N 45  
ALA C     O      doub N N 46  
ALA C     OXT    sing N N 47  
ALA CB    HB1    sing N N 48  
ALA CB    HB2    sing N N 49  
ALA CB    HB3    sing N N 50  
ALA OXT   HXT    sing N N 51  
ARG N     CA     sing N N 52  
ARG N     H      sing N N 53  
ARG N     H2     sing N N 54  
ARG CA    C      sing N N 55  
ARG CA    CB     sing N N 56  
ARG CA    HA     sing N N 57  
ARG C     O      doub N N 58  
ARG C     OXT    sing N N 59  
ARG CB    CG     sing N N 60  
ARG CB    HB2    sing N N 61  
ARG CB    HB3    sing N N 62  
ARG CG    CD     sing N N 63  
ARG CG    HG2    sing N N 64  
ARG CG    HG3    sing N N 65  
ARG CD    NE     sing N N 66  
ARG CD    HD2    sing N N 67  
ARG CD    HD3    sing N N 68  
ARG NE    CZ     sing N N 69  
ARG NE    HE     sing N N 70  
ARG CZ    NH1    sing N N 71  
ARG CZ    NH2    doub N N 72  
ARG NH1   HH11   sing N N 73  
ARG NH1   HH12   sing N N 74  
ARG NH2   HH21   sing N N 75  
ARG NH2   HH22   sing N N 76  
ARG OXT   HXT    sing N N 77  
ASN N     CA     sing N N 78  
ASN N     H      sing N N 79  
ASN N     H2     sing N N 80  
ASN CA    C      sing N N 81  
ASN CA    CB     sing N N 82  
ASN CA    HA     sing N N 83  
ASN C     O      doub N N 84  
ASN C     OXT    sing N N 85  
ASN CB    CG     sing N N 86  
ASN CB    HB2    sing N N 87  
ASN CB    HB3    sing N N 88  
ASN CG    OD1    doub N N 89  
ASN CG    ND2    sing N N 90  
ASN ND2   HD21   sing N N 91  
ASN ND2   HD22   sing N N 92  
ASN OXT   HXT    sing N N 93  
ASP N     CA     sing N N 94  
ASP N     H      sing N N 95  
ASP N     H2     sing N N 96  
ASP CA    C      sing N N 97  
ASP CA    CB     sing N N 98  
ASP CA    HA     sing N N 99  
ASP C     O      doub N N 100 
ASP C     OXT    sing N N 101 
ASP CB    CG     sing N N 102 
ASP CB    HB2    sing N N 103 
ASP CB    HB3    sing N N 104 
ASP CG    OD1    doub N N 105 
ASP CG    OD2    sing N N 106 
ASP OD2   HD2    sing N N 107 
ASP OXT   HXT    sing N N 108 
C   OP3   P      sing N N 109 
C   OP3   HOP3   sing N N 110 
C   P     OP1    doub N N 111 
C   P     OP2    sing N N 112 
C   P     "O5'"  sing N N 113 
C   OP2   HOP2   sing N N 114 
C   "O5'" "C5'"  sing N N 115 
C   "C5'" "C4'"  sing N N 116 
C   "C5'" "H5'"  sing N N 117 
C   "C5'" "H5''" sing N N 118 
C   "C4'" "O4'"  sing N N 119 
C   "C4'" "C3'"  sing N N 120 
C   "C4'" "H4'"  sing N N 121 
C   "O4'" "C1'"  sing N N 122 
C   "C3'" "O3'"  sing N N 123 
C   "C3'" "C2'"  sing N N 124 
C   "C3'" "H3'"  sing N N 125 
C   "O3'" "HO3'" sing N N 126 
C   "C2'" "O2'"  sing N N 127 
C   "C2'" "C1'"  sing N N 128 
C   "C2'" "H2'"  sing N N 129 
C   "O2'" "HO2'" sing N N 130 
C   "C1'" N1     sing N N 131 
C   "C1'" "H1'"  sing N N 132 
C   N1    C2     sing N N 133 
C   N1    C6     sing N N 134 
C   C2    O2     doub N N 135 
C   C2    N3     sing N N 136 
C   N3    C4     doub N N 137 
C   C4    N4     sing N N 138 
C   C4    C5     sing N N 139 
C   N4    H41    sing N N 140 
C   N4    H42    sing N N 141 
C   C5    C6     doub N N 142 
C   C5    H5     sing N N 143 
C   C6    H6     sing N N 144 
GLN N     CA     sing N N 145 
GLN N     H      sing N N 146 
GLN N     H2     sing N N 147 
GLN CA    C      sing N N 148 
GLN CA    CB     sing N N 149 
GLN CA    HA     sing N N 150 
GLN C     O      doub N N 151 
GLN C     OXT    sing N N 152 
GLN CB    CG     sing N N 153 
GLN CB    HB2    sing N N 154 
GLN CB    HB3    sing N N 155 
GLN CG    CD     sing N N 156 
GLN CG    HG2    sing N N 157 
GLN CG    HG3    sing N N 158 
GLN CD    OE1    doub N N 159 
GLN CD    NE2    sing N N 160 
GLN NE2   HE21   sing N N 161 
GLN NE2   HE22   sing N N 162 
GLN OXT   HXT    sing N N 163 
GLU N     CA     sing N N 164 
GLU N     H      sing N N 165 
GLU N     H2     sing N N 166 
GLU CA    C      sing N N 167 
GLU CA    CB     sing N N 168 
GLU CA    HA     sing N N 169 
GLU C     O      doub N N 170 
GLU C     OXT    sing N N 171 
GLU CB    CG     sing N N 172 
GLU CB    HB2    sing N N 173 
GLU CB    HB3    sing N N 174 
GLU CG    CD     sing N N 175 
GLU CG    HG2    sing N N 176 
GLU CG    HG3    sing N N 177 
GLU CD    OE1    doub N N 178 
GLU CD    OE2    sing N N 179 
GLU OE2   HE2    sing N N 180 
GLU OXT   HXT    sing N N 181 
GLY N     CA     sing N N 182 
GLY N     H      sing N N 183 
GLY N     H2     sing N N 184 
GLY CA    C      sing N N 185 
GLY CA    HA2    sing N N 186 
GLY CA    HA3    sing N N 187 
GLY C     O      doub N N 188 
GLY C     OXT    sing N N 189 
GLY OXT   HXT    sing N N 190 
HIS N     CA     sing N N 191 
HIS N     H      sing N N 192 
HIS N     H2     sing N N 193 
HIS CA    C      sing N N 194 
HIS CA    CB     sing N N 195 
HIS CA    HA     sing N N 196 
HIS C     O      doub N N 197 
HIS C     OXT    sing N N 198 
HIS CB    CG     sing N N 199 
HIS CB    HB2    sing N N 200 
HIS CB    HB3    sing N N 201 
HIS CG    ND1    sing Y N 202 
HIS CG    CD2    doub Y N 203 
HIS ND1   CE1    doub Y N 204 
HIS ND1   HD1    sing N N 205 
HIS CD2   NE2    sing Y N 206 
HIS CD2   HD2    sing N N 207 
HIS CE1   NE2    sing Y N 208 
HIS CE1   HE1    sing N N 209 
HIS NE2   HE2    sing N N 210 
HIS OXT   HXT    sing N N 211 
HOH O     H1     sing N N 212 
HOH O     H2     sing N N 213 
ILE N     CA     sing N N 214 
ILE N     H      sing N N 215 
ILE N     H2     sing N N 216 
ILE CA    C      sing N N 217 
ILE CA    CB     sing N N 218 
ILE CA    HA     sing N N 219 
ILE C     O      doub N N 220 
ILE C     OXT    sing N N 221 
ILE CB    CG1    sing N N 222 
ILE CB    CG2    sing N N 223 
ILE CB    HB     sing N N 224 
ILE CG1   CD1    sing N N 225 
ILE CG1   HG12   sing N N 226 
ILE CG1   HG13   sing N N 227 
ILE CG2   HG21   sing N N 228 
ILE CG2   HG22   sing N N 229 
ILE CG2   HG23   sing N N 230 
ILE CD1   HD11   sing N N 231 
ILE CD1   HD12   sing N N 232 
ILE CD1   HD13   sing N N 233 
ILE OXT   HXT    sing N N 234 
LEU N     CA     sing N N 235 
LEU N     H      sing N N 236 
LEU N     H2     sing N N 237 
LEU CA    C      sing N N 238 
LEU CA    CB     sing N N 239 
LEU CA    HA     sing N N 240 
LEU C     O      doub N N 241 
LEU C     OXT    sing N N 242 
LEU CB    CG     sing N N 243 
LEU CB    HB2    sing N N 244 
LEU CB    HB3    sing N N 245 
LEU CG    CD1    sing N N 246 
LEU CG    CD2    sing N N 247 
LEU CG    HG     sing N N 248 
LEU CD1   HD11   sing N N 249 
LEU CD1   HD12   sing N N 250 
LEU CD1   HD13   sing N N 251 
LEU CD2   HD21   sing N N 252 
LEU CD2   HD22   sing N N 253 
LEU CD2   HD23   sing N N 254 
LEU OXT   HXT    sing N N 255 
LYS N     CA     sing N N 256 
LYS N     H      sing N N 257 
LYS N     H2     sing N N 258 
LYS CA    C      sing N N 259 
LYS CA    CB     sing N N 260 
LYS CA    HA     sing N N 261 
LYS C     O      doub N N 262 
LYS C     OXT    sing N N 263 
LYS CB    CG     sing N N 264 
LYS CB    HB2    sing N N 265 
LYS CB    HB3    sing N N 266 
LYS CG    CD     sing N N 267 
LYS CG    HG2    sing N N 268 
LYS CG    HG3    sing N N 269 
LYS CD    CE     sing N N 270 
LYS CD    HD2    sing N N 271 
LYS CD    HD3    sing N N 272 
LYS CE    NZ     sing N N 273 
LYS CE    HE2    sing N N 274 
LYS CE    HE3    sing N N 275 
LYS NZ    HZ1    sing N N 276 
LYS NZ    HZ2    sing N N 277 
LYS NZ    HZ3    sing N N 278 
LYS OXT   HXT    sing N N 279 
PHE N     CA     sing N N 280 
PHE N     H      sing N N 281 
PHE N     H2     sing N N 282 
PHE CA    C      sing N N 283 
PHE CA    CB     sing N N 284 
PHE CA    HA     sing N N 285 
PHE C     O      doub N N 286 
PHE C     OXT    sing N N 287 
PHE CB    CG     sing N N 288 
PHE CB    HB2    sing N N 289 
PHE CB    HB3    sing N N 290 
PHE CG    CD1    doub Y N 291 
PHE CG    CD2    sing Y N 292 
PHE CD1   CE1    sing Y N 293 
PHE CD1   HD1    sing N N 294 
PHE CD2   CE2    doub Y N 295 
PHE CD2   HD2    sing N N 296 
PHE CE1   CZ     doub Y N 297 
PHE CE1   HE1    sing N N 298 
PHE CE2   CZ     sing Y N 299 
PHE CE2   HE2    sing N N 300 
PHE CZ    HZ     sing N N 301 
PHE OXT   HXT    sing N N 302 
PRO N     CA     sing N N 303 
PRO N     CD     sing N N 304 
PRO N     H      sing N N 305 
PRO CA    C      sing N N 306 
PRO CA    CB     sing N N 307 
PRO CA    HA     sing N N 308 
PRO C     O      doub N N 309 
PRO C     OXT    sing N N 310 
PRO CB    CG     sing N N 311 
PRO CB    HB2    sing N N 312 
PRO CB    HB3    sing N N 313 
PRO CG    CD     sing N N 314 
PRO CG    HG2    sing N N 315 
PRO CG    HG3    sing N N 316 
PRO CD    HD2    sing N N 317 
PRO CD    HD3    sing N N 318 
PRO OXT   HXT    sing N N 319 
SER N     CA     sing N N 320 
SER N     H      sing N N 321 
SER N     H2     sing N N 322 
SER CA    C      sing N N 323 
SER CA    CB     sing N N 324 
SER CA    HA     sing N N 325 
SER C     O      doub N N 326 
SER C     OXT    sing N N 327 
SER CB    OG     sing N N 328 
SER CB    HB2    sing N N 329 
SER CB    HB3    sing N N 330 
SER OG    HG     sing N N 331 
SER OXT   HXT    sing N N 332 
THR N     CA     sing N N 333 
THR N     H      sing N N 334 
THR N     H2     sing N N 335 
THR CA    C      sing N N 336 
THR CA    CB     sing N N 337 
THR CA    HA     sing N N 338 
THR C     O      doub N N 339 
THR C     OXT    sing N N 340 
THR CB    OG1    sing N N 341 
THR CB    CG2    sing N N 342 
THR CB    HB     sing N N 343 
THR OG1   HG1    sing N N 344 
THR CG2   HG21   sing N N 345 
THR CG2   HG22   sing N N 346 
THR CG2   HG23   sing N N 347 
THR OXT   HXT    sing N N 348 
TRP N     CA     sing N N 349 
TRP N     H      sing N N 350 
TRP N     H2     sing N N 351 
TRP CA    C      sing N N 352 
TRP CA    CB     sing N N 353 
TRP CA    HA     sing N N 354 
TRP C     O      doub N N 355 
TRP C     OXT    sing N N 356 
TRP CB    CG     sing N N 357 
TRP CB    HB2    sing N N 358 
TRP CB    HB3    sing N N 359 
TRP CG    CD1    doub Y N 360 
TRP CG    CD2    sing Y N 361 
TRP CD1   NE1    sing Y N 362 
TRP CD1   HD1    sing N N 363 
TRP CD2   CE2    doub Y N 364 
TRP CD2   CE3    sing Y N 365 
TRP NE1   CE2    sing Y N 366 
TRP NE1   HE1    sing N N 367 
TRP CE2   CZ2    sing Y N 368 
TRP CE3   CZ3    doub Y N 369 
TRP CE3   HE3    sing N N 370 
TRP CZ2   CH2    doub Y N 371 
TRP CZ2   HZ2    sing N N 372 
TRP CZ3   CH2    sing Y N 373 
TRP CZ3   HZ3    sing N N 374 
TRP CH2   HH2    sing N N 375 
TRP OXT   HXT    sing N N 376 
TYR N     CA     sing N N 377 
TYR N     H      sing N N 378 
TYR N     H2     sing N N 379 
TYR CA    C      sing N N 380 
TYR CA    CB     sing N N 381 
TYR CA    HA     sing N N 382 
TYR C     O      doub N N 383 
TYR C     OXT    sing N N 384 
TYR CB    CG     sing N N 385 
TYR CB    HB2    sing N N 386 
TYR CB    HB3    sing N N 387 
TYR CG    CD1    doub Y N 388 
TYR CG    CD2    sing Y N 389 
TYR CD1   CE1    sing Y N 390 
TYR CD1   HD1    sing N N 391 
TYR CD2   CE2    doub Y N 392 
TYR CD2   HD2    sing N N 393 
TYR CE1   CZ     doub Y N 394 
TYR CE1   HE1    sing N N 395 
TYR CE2   CZ     sing Y N 396 
TYR CE2   HE2    sing N N 397 
TYR CZ    OH     sing N N 398 
TYR OH    HH     sing N N 399 
TYR OXT   HXT    sing N N 400 
U   OP3   P      sing N N 401 
U   OP3   HOP3   sing N N 402 
U   P     OP1    doub N N 403 
U   P     OP2    sing N N 404 
U   P     "O5'"  sing N N 405 
U   OP2   HOP2   sing N N 406 
U   "O5'" "C5'"  sing N N 407 
U   "C5'" "C4'"  sing N N 408 
U   "C5'" "H5'"  sing N N 409 
U   "C5'" "H5''" sing N N 410 
U   "C4'" "O4'"  sing N N 411 
U   "C4'" "C3'"  sing N N 412 
U   "C4'" "H4'"  sing N N 413 
U   "O4'" "C1'"  sing N N 414 
U   "C3'" "O3'"  sing N N 415 
U   "C3'" "C2'"  sing N N 416 
U   "C3'" "H3'"  sing N N 417 
U   "O3'" "HO3'" sing N N 418 
U   "C2'" "O2'"  sing N N 419 
U   "C2'" "C1'"  sing N N 420 
U   "C2'" "H2'"  sing N N 421 
U   "O2'" "HO2'" sing N N 422 
U   "C1'" N1     sing N N 423 
U   "C1'" "H1'"  sing N N 424 
U   N1    C2     sing N N 425 
U   N1    C6     sing N N 426 
U   C2    O2     doub N N 427 
U   C2    N3     sing N N 428 
U   N3    C4     sing N N 429 
U   N3    H3     sing N N 430 
U   C4    O4     doub N N 431 
U   C4    C5     sing N N 432 
U   C5    C6     doub N N 433 
U   C5    H5     sing N N 434 
U   C6    H6     sing N N 435 
VAL N     CA     sing N N 436 
VAL N     H      sing N N 437 
VAL N     H2     sing N N 438 
VAL CA    C      sing N N 439 
VAL CA    CB     sing N N 440 
VAL CA    HA     sing N N 441 
VAL C     O      doub N N 442 
VAL C     OXT    sing N N 443 
VAL CB    CG1    sing N N 444 
VAL CB    CG2    sing N N 445 
VAL CB    HB     sing N N 446 
VAL CG1   HG11   sing N N 447 
VAL CG1   HG12   sing N N 448 
VAL CG1   HG13   sing N N 449 
VAL CG2   HG21   sing N N 450 
VAL CG2   HG22   sing N N 451 
VAL CG2   HG23   sing N N 452 
VAL OXT   HXT    sing N N 453 
# 
loop_
_pdbx_audit_support.funding_organization 
_pdbx_audit_support.country 
_pdbx_audit_support.grant_number 
_pdbx_audit_support.ordinal 
'National Natural Science Foundation of China'                           China 91640102    1 
'Strategic Priority Research Program of the Chinese Academy of Sciences' China XDB08010202 2 
# 
_pdbx_entity_nonpoly.entity_id   3 
_pdbx_entity_nonpoly.name        water 
_pdbx_entity_nonpoly.comp_id     HOH 
# 
_pdbx_initial_refinement_model.id               1 
_pdbx_initial_refinement_model.entity_id_list   ? 
_pdbx_initial_refinement_model.type             'experimental model' 
_pdbx_initial_refinement_model.source_name      PDB 
_pdbx_initial_refinement_model.accession_code   3PF5 
_pdbx_initial_refinement_model.details          ? 
# 
_pdbx_struct_assembly_auth_evidence.id                     1 
_pdbx_struct_assembly_auth_evidence.assembly_id            1 
_pdbx_struct_assembly_auth_evidence.experimental_support   immunoprecipitation 
_pdbx_struct_assembly_auth_evidence.details                'YB1 can form homodimer in vivo' 
# 
